data_9VKU
#
_entry.id   9VKU
#
_cell.length_a   1.00
_cell.length_b   1.00
_cell.length_c   1.00
_cell.angle_alpha   90.00
_cell.angle_beta   90.00
_cell.angle_gamma   90.00
#
_symmetry.space_group_name_H-M   'P 1'
#
loop_
_entity.id
_entity.type
_entity.pdbx_description
1 polymer 'RNA-dependent DNA polymerase'
2 polymer 'RNA (188-MER)'
3 non-polymer 'MAGNESIUM ION'
#
loop_
_entity_poly.entity_id
_entity_poly.type
_entity_poly.pdbx_seq_one_letter_code
_entity_poly.pdbx_strand_id
1 'polypeptide(L)'
;MKLEQQIQRVILEEAKALIKDYHEYHNRVHLESVRNKKRLGDSAPDKKIHRPNYWSFDKKFDPFYVKSNYKSIARSIANK
IENRTYLPNEPFTKDVPKPDGGIRKVSIYQIPDAAISKLFFNRLLAKNRHRFSSFSYAYRNDRNVHFAIQDISVDLKKNE
RTFLAEFDFSDFFGSISHSFLNEQFNENGFYISPEEKFIIRSFLRERKVGIPQGTSISLFLANLTCWKLDQDLEREGVKF
SRYADDTIIWSQEYSKICNAFNIITNFSKSAGIKINPKKSEGISLLTKKGLPSEITSKNNLDFLGYTLSVENVSIKEKSV
KKIKKQISYILYRNLIQPLKKTSLAGQTIPANDRDKNFLIAICEIRRYMYGGLSKSQIKDYLSGRSNRLYFKGIMSFYPL
VNDVEQLKQLDGWIVSVIYRALKLRCQLLSKWGYNRSHNFPFILDREDIVDKCSKKTIAGRKLFEIPSFLLIHKALQKGL
QESGIEKIMNPQSLNYDYE
;
A,B,C,D
2 'polyribonucleotide'
;CAUUCUCUCAUAGGGAUAACGGUGUGGCCUUCUACCUGUUAGAAAUAAUGGGUCUUCAGUUGUAAUUCGUUGCAACUGAC
GGGGGGGUGGUGUCAAAGCCGUUUCAACCAAGUGGUAACUUACUUUUACUUGGGUUUAUACCGUGGAAAAGCCUGAGUCU
AACUCAGGCUUUUUUGUUUAGAGGGCUU
;
E,F,G,H
#
loop_
_chem_comp.id
_chem_comp.type
_chem_comp.name
_chem_comp.formula
A RNA linking ADENOSINE-5'-MONOPHOSPHATE 'C10 H14 N5 O7 P'
C RNA linking CYTIDINE-5'-MONOPHOSPHATE 'C9 H14 N3 O8 P'
G RNA linking GUANOSINE-5'-MONOPHOSPHATE 'C10 H14 N5 O8 P'
MG non-polymer 'MAGNESIUM ION' 'Mg 2'
U RNA linking URIDINE-5'-MONOPHOSPHATE 'C9 H13 N2 O9 P'
#
# COMPACT_ATOMS: atom_id res chain seq x y z
N MET A 1 -20.92 43.38 -11.33
CA MET A 1 -20.32 42.51 -10.27
C MET A 1 -18.85 42.25 -10.58
N LYS A 2 -18.31 41.16 -10.06
CA LYS A 2 -16.92 40.78 -10.28
C LYS A 2 -16.76 39.62 -11.24
N LEU A 3 -17.50 38.53 -11.02
CA LEU A 3 -17.40 37.38 -11.93
C LEU A 3 -17.68 37.78 -13.36
N GLU A 4 -18.71 38.61 -13.57
CA GLU A 4 -19.06 39.05 -14.91
C GLU A 4 -17.90 39.83 -15.54
N GLN A 5 -17.30 40.75 -14.78
CA GLN A 5 -16.21 41.55 -15.31
C GLN A 5 -15.01 40.66 -15.66
N GLN A 6 -14.67 39.73 -14.77
CA GLN A 6 -13.55 38.84 -15.03
C GLN A 6 -13.78 38.02 -16.28
N ILE A 7 -14.99 37.45 -16.42
CA ILE A 7 -15.29 36.63 -17.59
C ILE A 7 -15.21 37.48 -18.85
N GLN A 8 -15.77 38.69 -18.80
CA GLN A 8 -15.66 39.59 -19.93
C GLN A 8 -14.21 39.80 -20.33
N ARG A 9 -13.36 40.12 -19.36
CA ARG A 9 -11.96 40.40 -19.65
C ARG A 9 -11.28 39.20 -20.30
N VAL A 10 -11.45 38.02 -19.69
CA VAL A 10 -10.76 36.83 -20.19
C VAL A 10 -11.24 36.49 -21.59
N ILE A 11 -12.56 36.52 -21.82
CA ILE A 11 -13.10 36.17 -23.12
C ILE A 11 -12.60 37.14 -24.18
N LEU A 12 -12.63 38.44 -23.87
CA LEU A 12 -12.16 39.43 -24.83
C LEU A 12 -10.68 39.26 -25.14
N GLU A 13 -9.87 38.97 -24.13
CA GLU A 13 -8.44 38.74 -24.38
C GLU A 13 -8.23 37.53 -25.29
N GLU A 14 -8.96 36.44 -25.03
CA GLU A 14 -8.82 35.25 -25.87
C GLU A 14 -9.20 35.56 -27.32
N ALA A 15 -10.35 36.21 -27.50
CA ALA A 15 -10.82 36.52 -28.84
C ALA A 15 -9.84 37.43 -29.58
N LYS A 16 -9.33 38.46 -28.89
CA LYS A 16 -8.39 39.36 -29.52
C LYS A 16 -7.09 38.65 -29.88
N ALA A 17 -6.62 37.73 -29.03
CA ALA A 17 -5.41 36.97 -29.36
C ALA A 17 -5.62 36.14 -30.62
N LEU A 18 -6.75 35.43 -30.71
CA LEU A 18 -6.99 34.62 -31.91
C LEU A 18 -7.15 35.50 -33.15
N ILE A 19 -7.81 36.65 -33.02
CA ILE A 19 -7.95 37.54 -34.17
C ILE A 19 -6.60 38.05 -34.64
N LYS A 20 -5.74 38.43 -33.68
CA LYS A 20 -4.39 38.92 -34.03
C LYS A 20 -3.68 37.84 -34.86
N ASP A 21 -3.78 36.58 -34.42
CA ASP A 21 -3.10 35.47 -35.12
C ASP A 21 -3.65 35.37 -36.55
N TYR A 22 -4.97 35.47 -36.72
CA TYR A 22 -5.60 35.31 -38.06
C TYR A 22 -5.16 36.47 -38.94
N HIS A 23 -5.08 37.66 -38.38
CA HIS A 23 -4.66 38.87 -39.14
C HIS A 23 -3.23 38.63 -39.62
N GLU A 24 -2.38 38.12 -38.74
CA GLU A 24 -0.96 37.85 -39.07
C GLU A 24 -0.91 36.69 -40.08
N TYR A 25 -1.84 35.75 -39.99
CA TYR A 25 -1.83 34.55 -40.89
C TYR A 25 -1.99 35.00 -42.32
N HIS A 26 -3.01 35.81 -42.62
CA HIS A 26 -3.28 36.20 -44.03
C HIS A 26 -2.28 37.27 -44.46
N ASN A 27 -1.71 38.03 -43.52
CA ASN A 27 -0.65 39.02 -43.85
C ASN A 27 0.62 38.25 -44.17
N ARG A 28 0.83 37.10 -43.51
CA ARG A 28 2.02 36.25 -43.76
C ARG A 28 1.81 35.51 -45.07
N VAL A 29 0.58 35.06 -45.33
CA VAL A 29 0.28 34.27 -46.56
C VAL A 29 0.51 35.18 -47.78
N HIS A 30 0.22 36.48 -47.67
CA HIS A 30 0.40 37.42 -48.78
C HIS A 30 1.88 37.65 -49.07
N LEU A 31 2.69 37.85 -48.02
CA LEU A 31 4.12 38.07 -48.23
C LEU A 31 4.76 36.88 -48.92
N GLU A 32 4.46 35.68 -48.43
CA GLU A 32 5.02 34.47 -49.05
C GLU A 32 4.52 34.33 -50.48
N SER A 33 3.29 34.76 -50.76
CA SER A 33 2.79 34.73 -52.13
C SER A 33 3.60 35.64 -53.04
N VAL A 34 3.93 36.84 -52.55
CA VAL A 34 4.73 37.76 -53.36
C VAL A 34 6.11 37.14 -53.64
N ARG A 35 6.74 36.62 -52.58
CA ARG A 35 8.06 36.01 -52.78
C ARG A 35 7.98 34.82 -53.73
N ASN A 36 6.94 34.00 -53.61
CA ASN A 36 6.76 32.88 -54.54
C ASN A 36 6.62 33.38 -55.96
N LYS A 37 5.85 34.44 -56.17
CA LYS A 37 5.72 35.01 -57.51
C LYS A 37 7.08 35.46 -58.04
N LYS A 38 7.96 35.95 -57.17
CA LYS A 38 9.30 36.29 -57.59
C LYS A 38 10.26 35.11 -57.58
N ARG A 39 9.79 33.92 -57.20
CA ARG A 39 10.63 32.72 -57.19
C ARG A 39 10.22 31.73 -58.28
N LEU A 40 8.96 31.32 -58.30
CA LEU A 40 8.48 30.39 -59.32
C LEU A 40 8.10 31.09 -60.62
N GLY A 41 8.36 32.39 -60.74
CA GLY A 41 8.07 33.07 -61.99
C GLY A 41 6.58 33.19 -62.23
N ASP A 42 6.21 33.13 -63.51
CA ASP A 42 4.82 33.29 -63.93
C ASP A 42 3.99 32.03 -63.75
N SER A 43 4.61 30.92 -63.36
CA SER A 43 3.92 29.68 -63.10
C SER A 43 3.54 29.52 -61.63
N ALA A 44 3.73 30.56 -60.83
CA ALA A 44 3.47 30.44 -59.40
C ALA A 44 1.99 30.21 -59.15
N PRO A 45 1.64 29.36 -58.18
CA PRO A 45 0.22 29.19 -57.83
C PRO A 45 -0.34 30.45 -57.18
N ASP A 46 -1.65 30.61 -57.31
CA ASP A 46 -2.32 31.79 -56.78
C ASP A 46 -2.48 31.69 -55.26
N LYS A 47 -2.66 32.84 -54.63
CA LYS A 47 -2.79 32.90 -53.18
C LYS A 47 -4.10 32.25 -52.74
N LYS A 48 -4.07 31.71 -51.51
CA LYS A 48 -5.26 31.12 -50.90
C LYS A 48 -5.28 31.50 -49.43
N ILE A 49 -6.41 32.02 -48.97
CA ILE A 49 -6.58 32.39 -47.57
C ILE A 49 -7.58 31.44 -46.91
N HIS A 50 -7.08 30.41 -46.25
CA HIS A 50 -7.96 29.47 -45.57
C HIS A 50 -8.45 30.05 -44.25
N ARG A 51 -9.57 29.51 -43.78
CA ARG A 51 -10.15 29.86 -42.50
C ARG A 51 -10.34 28.58 -41.71
N PRO A 52 -9.84 28.49 -40.47
CA PRO A 52 -9.89 27.22 -39.74
C PRO A 52 -11.26 26.56 -39.79
N ASN A 53 -11.29 25.26 -40.05
CA ASN A 53 -12.54 24.56 -40.28
C ASN A 53 -13.45 24.63 -39.06
N TYR A 54 -12.89 24.45 -37.86
CA TYR A 54 -13.71 24.43 -36.66
C TYR A 54 -14.29 25.80 -36.32
N TRP A 55 -14.05 26.82 -37.13
CA TRP A 55 -14.71 28.11 -36.96
C TRP A 55 -16.13 28.12 -37.51
N SER A 56 -16.57 27.04 -38.15
CA SER A 56 -17.89 26.96 -38.75
C SER A 56 -18.81 25.97 -38.07
N PHE A 57 -18.28 25.02 -37.29
CA PHE A 57 -19.13 24.07 -36.60
C PHE A 57 -20.06 24.76 -35.62
N ASP A 58 -19.62 25.87 -35.03
CA ASP A 58 -20.45 26.63 -34.12
C ASP A 58 -19.96 28.07 -34.10
N LYS A 59 -20.90 29.01 -34.10
CA LYS A 59 -20.53 30.43 -34.14
C LYS A 59 -19.59 30.81 -33.01
N LYS A 60 -19.70 30.14 -31.86
CA LYS A 60 -18.90 30.47 -30.70
C LYS A 60 -17.45 30.02 -30.82
N PHE A 61 -17.11 29.24 -31.86
CA PHE A 61 -15.72 28.98 -32.20
C PHE A 61 -15.07 30.12 -32.97
N ASP A 62 -15.87 31.02 -33.52
CA ASP A 62 -15.35 32.10 -34.36
C ASP A 62 -14.84 33.25 -33.50
N PRO A 63 -13.55 33.56 -33.54
CA PRO A 63 -13.06 34.71 -32.76
C PRO A 63 -13.69 36.03 -33.17
N PHE A 64 -14.14 36.15 -34.43
CA PHE A 64 -14.72 37.39 -34.92
C PHE A 64 -16.17 37.56 -34.50
N TYR A 65 -16.82 36.50 -34.04
CA TYR A 65 -18.17 36.57 -33.49
C TYR A 65 -18.19 36.64 -31.98
N VAL A 66 -17.32 35.90 -31.30
CA VAL A 66 -17.25 35.96 -29.85
C VAL A 66 -16.83 37.33 -29.35
N LYS A 67 -16.09 38.10 -30.16
CA LYS A 67 -15.79 39.47 -29.82
C LYS A 67 -16.98 40.39 -30.03
N SER A 68 -17.92 40.02 -30.89
CA SER A 68 -19.11 40.83 -31.10
C SER A 68 -20.04 40.78 -29.90
N ASN A 69 -20.12 39.63 -29.24
CA ASN A 69 -21.06 39.41 -28.15
C ASN A 69 -20.35 39.06 -26.84
N TYR A 70 -19.12 39.52 -26.66
CA TYR A 70 -18.40 39.18 -25.44
C TYR A 70 -19.15 39.65 -24.21
N LYS A 71 -19.76 40.84 -24.29
CA LYS A 71 -20.55 41.34 -23.17
C LYS A 71 -21.71 40.40 -22.86
N SER A 72 -22.50 40.07 -23.88
CA SER A 72 -23.67 39.21 -23.66
C SER A 72 -23.26 37.81 -23.23
N ILE A 73 -22.21 37.27 -23.86
CA ILE A 73 -21.76 35.93 -23.49
C ILE A 73 -21.30 35.90 -22.04
N ALA A 74 -20.53 36.91 -21.62
CA ALA A 74 -20.11 36.96 -20.23
C ALA A 74 -21.30 37.11 -19.30
N ARG A 75 -22.26 37.97 -19.67
CA ARG A 75 -23.46 38.14 -18.85
C ARG A 75 -24.17 36.81 -18.63
N SER A 76 -24.45 36.09 -19.72
CA SER A 76 -25.18 34.83 -19.61
C SER A 76 -24.37 33.80 -18.84
N ILE A 77 -23.07 33.72 -19.10
CA ILE A 77 -22.25 32.70 -18.43
C ILE A 77 -22.19 32.97 -16.93
N ALA A 78 -22.00 34.24 -16.54
CA ALA A 78 -22.00 34.56 -15.12
C ALA A 78 -23.34 34.23 -14.48
N ASN A 79 -24.44 34.60 -15.15
CA ASN A 79 -25.76 34.30 -14.59
C ASN A 79 -25.95 32.80 -14.41
N LYS A 80 -25.43 31.99 -15.34
CA LYS A 80 -25.58 30.55 -15.24
C LYS A 80 -24.65 29.91 -14.22
N ILE A 81 -23.45 30.44 -14.03
CA ILE A 81 -22.58 29.97 -12.96
C ILE A 81 -23.13 30.31 -11.58
N GLU A 82 -23.74 31.48 -11.42
CA GLU A 82 -24.37 31.82 -10.15
C GLU A 82 -25.69 31.09 -9.94
N ASN A 83 -26.23 30.47 -10.99
CA ASN A 83 -27.46 29.69 -10.87
C ASN A 83 -27.19 28.18 -10.92
N ARG A 84 -25.92 27.78 -10.93
CA ARG A 84 -25.55 26.36 -10.89
C ARG A 84 -26.21 25.59 -12.02
N THR A 85 -26.29 26.23 -13.19
CA THR A 85 -26.93 25.65 -14.37
C THR A 85 -26.03 25.91 -15.59
N TYR A 86 -24.73 25.66 -15.42
CA TYR A 86 -23.74 25.95 -16.45
C TYR A 86 -23.08 24.64 -16.86
N LEU A 87 -23.25 24.27 -18.12
CA LEU A 87 -22.57 23.13 -18.71
C LEU A 87 -21.80 23.59 -19.94
N PRO A 88 -20.48 23.39 -20.00
CA PRO A 88 -19.73 23.86 -21.17
C PRO A 88 -20.19 23.16 -22.44
N ASN A 89 -20.16 23.89 -23.55
CA ASN A 89 -20.63 23.35 -24.81
C ASN A 89 -19.72 22.22 -25.30
N GLU A 90 -20.23 21.42 -26.22
CA GLU A 90 -19.48 20.29 -26.73
C GLU A 90 -18.18 20.78 -27.37
N PRO A 91 -17.04 20.17 -27.03
CA PRO A 91 -15.78 20.52 -27.69
C PRO A 91 -15.62 19.77 -29.01
N PHE A 92 -14.75 20.32 -29.86
CA PHE A 92 -14.43 19.69 -31.13
C PHE A 92 -13.27 18.72 -30.90
N THR A 93 -13.52 17.44 -31.14
CA THR A 93 -12.55 16.40 -30.85
C THR A 93 -11.98 15.85 -32.16
N LYS A 94 -10.66 15.79 -32.25
CA LYS A 94 -9.96 15.26 -33.42
C LYS A 94 -9.01 14.16 -32.95
N ASP A 95 -9.00 13.05 -33.68
CA ASP A 95 -8.18 11.90 -33.33
C ASP A 95 -6.90 11.94 -34.15
N VAL A 96 -5.77 12.22 -33.49
CA VAL A 96 -4.46 12.24 -34.12
C VAL A 96 -3.81 10.88 -33.90
N PRO A 97 -3.49 10.12 -34.95
CA PRO A 97 -2.87 8.81 -34.74
C PRO A 97 -1.48 8.96 -34.12
N LYS A 98 -1.31 8.35 -32.95
CA LYS A 98 -0.01 8.38 -32.29
C LYS A 98 1.02 7.65 -33.16
N PRO A 99 2.30 8.03 -33.08
CA PRO A 99 3.29 7.35 -33.94
C PRO A 99 3.34 5.85 -33.68
N ASP A 100 3.19 5.44 -32.43
CA ASP A 100 2.99 4.04 -32.10
C ASP A 100 1.50 3.71 -32.13
N GLY A 101 1.18 2.45 -31.83
CA GLY A 101 -0.21 2.02 -31.77
C GLY A 101 -1.03 2.84 -30.80
N GLY A 102 -2.12 3.44 -31.27
CA GLY A 102 -2.96 4.26 -30.43
C GLY A 102 -3.32 5.59 -31.06
N ILE A 103 -4.28 6.29 -30.47
CA ILE A 103 -4.73 7.59 -30.95
C ILE A 103 -4.79 8.57 -29.80
N ARG A 104 -4.67 9.85 -30.12
CA ARG A 104 -4.74 10.94 -29.15
C ARG A 104 -5.97 11.77 -29.50
N LYS A 105 -6.89 11.90 -28.54
CA LYS A 105 -8.11 12.67 -28.75
C LYS A 105 -7.86 14.09 -28.28
N VAL A 106 -7.57 14.98 -29.22
CA VAL A 106 -7.33 16.39 -28.92
C VAL A 106 -8.67 17.11 -28.94
N SER A 107 -8.96 17.83 -27.85
CA SER A 107 -10.22 18.54 -27.71
C SER A 107 -9.96 20.04 -27.73
N ILE A 108 -10.69 20.73 -28.61
CA ILE A 108 -10.64 22.18 -28.71
C ILE A 108 -11.99 22.70 -28.25
N TYR A 109 -12.02 23.40 -27.12
CA TYR A 109 -13.26 23.94 -26.59
C TYR A 109 -13.63 25.23 -27.32
N GLN A 110 -14.87 25.67 -27.10
CA GLN A 110 -15.29 26.96 -27.63
C GLN A 110 -14.60 28.08 -26.86
N ILE A 111 -14.52 29.25 -27.50
CA ILE A 111 -13.79 30.37 -26.90
C ILE A 111 -14.34 30.71 -25.52
N PRO A 112 -15.66 30.79 -25.29
CA PRO A 112 -16.15 31.09 -23.93
C PRO A 112 -15.72 30.07 -22.90
N ASP A 113 -15.97 28.78 -23.16
CA ASP A 113 -15.58 27.75 -22.22
C ASP A 113 -14.06 27.64 -22.09
N ALA A 114 -13.32 27.89 -23.16
CA ALA A 114 -11.86 27.92 -23.05
C ALA A 114 -11.41 29.04 -22.13
N ALA A 115 -12.02 30.22 -22.24
CA ALA A 115 -11.70 31.31 -21.34
C ALA A 115 -12.03 30.96 -19.90
N ILE A 116 -13.21 30.38 -19.67
CA ILE A 116 -13.60 30.02 -18.31
C ILE A 116 -12.63 29.00 -17.72
N SER A 117 -12.24 28.00 -18.51
CA SER A 117 -11.29 27.01 -18.03
C SER A 117 -9.90 27.58 -17.78
N LYS A 118 -9.43 28.48 -18.65
CA LYS A 118 -8.14 29.12 -18.48
C LYS A 118 -8.14 30.12 -17.32
N LEU A 119 -9.31 30.60 -16.92
CA LEU A 119 -9.43 31.50 -15.78
C LEU A 119 -9.50 30.73 -14.46
N PHE A 120 -10.40 29.76 -14.35
CA PHE A 120 -10.58 29.09 -13.07
C PHE A 120 -9.49 28.08 -12.76
N PHE A 121 -8.99 27.36 -13.76
CA PHE A 121 -8.01 26.31 -13.52
C PHE A 121 -6.58 26.83 -13.46
N ASN A 122 -6.34 28.09 -13.83
CA ASN A 122 -5.03 28.68 -13.60
C ASN A 122 -4.89 29.16 -12.16
N ARG A 123 -6.00 29.60 -11.55
CA ARG A 123 -5.97 29.93 -10.13
C ARG A 123 -5.94 28.67 -9.27
N LEU A 124 -6.70 27.63 -9.64
CA LEU A 124 -6.71 26.39 -8.89
C LEU A 124 -5.35 25.70 -8.89
N LEU A 125 -4.57 25.87 -9.95
CA LEU A 125 -3.24 25.28 -10.05
C LEU A 125 -2.16 26.17 -9.47
N ALA A 126 -2.52 27.38 -9.05
CA ALA A 126 -1.60 28.28 -8.37
C ALA A 126 -1.74 28.25 -6.87
N LYS A 127 -2.97 28.19 -6.34
CA LYS A 127 -3.17 28.10 -4.91
C LYS A 127 -2.75 26.74 -4.36
N ASN A 128 -2.88 25.69 -5.15
CA ASN A 128 -2.52 24.33 -4.75
C ASN A 128 -1.25 23.86 -5.46
N ARG A 129 -0.35 24.80 -5.76
CA ARG A 129 0.84 24.49 -6.54
C ARG A 129 1.91 23.73 -5.75
N HIS A 130 1.96 23.89 -4.44
CA HIS A 130 2.94 23.20 -3.61
C HIS A 130 2.50 21.81 -3.21
N ARG A 131 1.28 21.40 -3.54
CA ARG A 131 0.80 20.06 -3.28
C ARG A 131 0.95 19.13 -4.48
N PHE A 132 1.61 19.60 -5.54
CA PHE A 132 1.83 18.81 -6.74
C PHE A 132 3.30 18.43 -6.83
N SER A 133 3.56 17.28 -7.45
CA SER A 133 4.93 16.84 -7.62
C SER A 133 5.71 17.86 -8.44
N SER A 134 7.04 17.81 -8.30
CA SER A 134 7.88 18.85 -8.90
C SER A 134 7.79 18.82 -10.42
N PHE A 135 7.95 17.65 -11.03
CA PHE A 135 8.02 17.52 -12.48
C PHE A 135 6.70 16.92 -12.97
N SER A 136 5.77 17.79 -13.37
CA SER A 136 4.48 17.35 -13.88
C SER A 136 3.99 18.41 -14.86
N TYR A 137 4.10 18.12 -16.15
CA TYR A 137 3.79 19.08 -17.20
C TYR A 137 2.59 18.60 -18.03
N ALA A 138 2.03 19.53 -18.79
CA ALA A 138 0.82 19.26 -19.57
C ALA A 138 1.09 18.93 -21.03
N TYR A 139 2.07 19.56 -21.65
CA TYR A 139 2.38 19.34 -23.05
C TYR A 139 3.85 18.96 -23.20
N ARG A 140 4.12 18.18 -24.25
CA ARG A 140 5.47 17.75 -24.55
C ARG A 140 6.34 18.87 -25.11
N ASN A 141 5.74 19.97 -25.54
CA ASN A 141 6.49 21.16 -25.95
C ASN A 141 6.59 22.19 -24.85
N ASP A 142 6.11 21.88 -23.65
CA ASP A 142 6.16 22.84 -22.55
C ASP A 142 7.60 23.26 -22.28
N ARG A 143 7.80 24.56 -22.08
CA ARG A 143 9.12 25.13 -21.90
C ARG A 143 9.72 24.83 -20.54
N ASN A 144 8.93 24.32 -19.59
CA ASN A 144 9.40 23.98 -18.26
C ASN A 144 9.79 22.51 -18.16
N VAL A 145 9.65 21.75 -19.23
CA VAL A 145 10.00 20.34 -19.20
C VAL A 145 11.51 20.11 -19.22
N HIS A 146 12.29 21.09 -19.68
CA HIS A 146 13.74 21.00 -19.66
C HIS A 146 14.30 20.93 -18.25
N PHE A 147 13.54 21.35 -17.24
CA PHE A 147 13.97 21.20 -15.86
C PHE A 147 13.99 19.76 -15.39
N ALA A 148 13.22 18.88 -16.04
CA ALA A 148 13.28 17.45 -15.75
C ALA A 148 14.37 16.75 -16.54
N ILE A 149 14.61 17.19 -17.79
CA ILE A 149 15.67 16.58 -18.59
C ILE A 149 17.04 16.86 -18.01
N GLN A 150 17.25 18.05 -17.45
CA GLN A 150 18.48 18.34 -16.73
C GLN A 150 18.67 17.43 -15.53
N ASP A 151 17.60 17.13 -14.78
CA ASP A 151 17.74 16.25 -13.63
C ASP A 151 18.16 14.85 -14.06
N ILE A 152 17.52 14.30 -15.10
CA ILE A 152 17.90 12.98 -15.57
C ILE A 152 19.33 13.00 -16.11
N SER A 153 19.70 14.07 -16.81
CA SER A 153 21.07 14.15 -17.33
C SER A 153 22.08 14.16 -16.18
N VAL A 154 21.82 14.95 -15.15
CA VAL A 154 22.73 15.01 -14.01
C VAL A 154 22.81 13.67 -13.31
N ASP A 155 21.66 13.02 -13.10
CA ASP A 155 21.66 11.71 -12.46
C ASP A 155 22.45 10.70 -13.28
N LEU A 156 22.28 10.70 -14.60
CA LEU A 156 23.02 9.77 -15.45
C LEU A 156 24.51 10.06 -15.40
N LYS A 157 24.91 11.33 -15.42
CA LYS A 157 26.32 11.69 -15.39
C LYS A 157 26.98 11.41 -14.05
N LYS A 158 26.22 11.46 -12.96
CA LYS A 158 26.80 11.29 -11.63
C LYS A 158 26.72 9.84 -11.16
N ASN A 159 25.53 9.24 -11.26
CA ASN A 159 25.32 7.88 -10.76
C ASN A 159 26.19 6.88 -11.51
N GLU A 160 26.29 5.66 -10.98
CA GLU A 160 27.04 4.59 -11.64
C GLU A 160 26.12 3.67 -12.43
N ARG A 161 24.90 3.45 -11.93
CA ARG A 161 23.90 2.65 -12.63
C ARG A 161 22.56 3.32 -12.43
N THR A 162 21.86 3.61 -13.53
CA THR A 162 20.58 4.30 -13.49
C THR A 162 19.54 3.43 -14.19
N PHE A 163 18.59 2.92 -13.42
CA PHE A 163 17.49 2.13 -13.96
C PHE A 163 16.32 3.06 -14.30
N LEU A 164 15.81 2.94 -15.52
CA LEU A 164 14.72 3.79 -15.99
C LEU A 164 13.58 2.91 -16.50
N ALA A 165 12.36 3.41 -16.33
CA ALA A 165 11.16 2.71 -16.79
C ALA A 165 10.15 3.74 -17.25
N GLU A 166 9.59 3.55 -18.43
CA GLU A 166 8.62 4.48 -18.99
C GLU A 166 7.25 3.84 -19.06
N PHE A 167 6.22 4.64 -18.77
CA PHE A 167 4.84 4.18 -18.68
C PHE A 167 3.95 4.96 -19.63
N ASP A 168 2.70 4.52 -19.73
CA ASP A 168 1.70 5.13 -20.60
C ASP A 168 0.44 5.35 -19.78
N PHE A 169 0.04 6.62 -19.63
CA PHE A 169 -1.16 6.95 -18.90
C PHE A 169 -2.26 7.40 -19.86
N SER A 170 -2.14 7.03 -21.14
CA SER A 170 -3.12 7.39 -22.14
C SER A 170 -4.46 6.72 -21.92
N ASP A 171 -4.47 5.41 -21.64
CA ASP A 171 -5.71 4.75 -21.27
C ASP A 171 -6.18 5.19 -19.89
N PHE A 172 -5.24 5.54 -19.01
CA PHE A 172 -5.60 5.95 -17.66
C PHE A 172 -6.45 7.21 -17.69
N PHE A 173 -6.10 8.17 -18.56
CA PHE A 173 -6.81 9.44 -18.67
C PHE A 173 -7.99 9.38 -19.61
N GLY A 174 -8.31 8.22 -20.17
CA GLY A 174 -9.42 8.09 -21.07
C GLY A 174 -10.56 7.24 -20.53
N SER A 175 -10.32 6.54 -19.42
CA SER A 175 -11.29 5.63 -18.85
C SER A 175 -11.39 5.72 -17.33
N ILE A 176 -10.90 6.81 -16.73
CA ILE A 176 -10.89 6.96 -15.27
C ILE A 176 -12.29 7.41 -14.84
N SER A 177 -12.92 6.63 -13.97
CA SER A 177 -14.24 6.98 -13.47
C SER A 177 -14.20 8.30 -12.73
N HIS A 178 -15.20 9.15 -12.98
CA HIS A 178 -15.27 10.47 -12.37
C HIS A 178 -15.54 10.40 -10.88
N SER A 179 -16.15 9.32 -10.39
CA SER A 179 -16.32 9.14 -8.95
C SER A 179 -14.99 9.14 -8.23
N PHE A 180 -13.96 8.57 -8.85
CA PHE A 180 -12.62 8.63 -8.29
C PHE A 180 -12.16 10.08 -8.12
N LEU A 181 -12.29 10.87 -9.19
CA LEU A 181 -11.93 12.28 -9.11
C LEU A 181 -12.67 12.97 -7.98
N ASN A 182 -13.98 12.75 -7.89
CA ASN A 182 -14.76 13.37 -6.83
C ASN A 182 -14.28 12.93 -5.45
N GLU A 183 -13.92 11.66 -5.30
CA GLU A 183 -13.39 11.17 -4.03
C GLU A 183 -12.06 11.81 -3.69
N GLN A 184 -11.31 12.25 -4.69
CA GLN A 184 -9.97 12.82 -4.50
C GLN A 184 -9.99 14.34 -4.41
N PHE A 185 -11.03 14.93 -3.83
CA PHE A 185 -11.18 16.38 -3.81
C PHE A 185 -10.69 17.04 -2.53
N ASN A 186 -10.98 16.48 -1.36
CA ASN A 186 -10.68 17.15 -0.11
C ASN A 186 -9.46 16.59 0.60
N GLU A 187 -8.70 15.70 -0.03
CA GLU A 187 -7.52 15.11 0.59
C GLU A 187 -6.26 15.83 0.11
N ASN A 188 -5.17 15.63 0.87
CA ASN A 188 -3.87 16.19 0.53
C ASN A 188 -3.86 17.71 0.67
N GLY A 189 -4.81 18.27 1.41
CA GLY A 189 -4.83 19.70 1.64
C GLY A 189 -5.00 20.52 0.37
N PHE A 190 -5.93 20.12 -0.49
CA PHE A 190 -6.24 20.86 -1.70
C PHE A 190 -7.25 21.95 -1.36
N TYR A 191 -6.95 23.18 -1.79
CA TYR A 191 -7.83 24.33 -1.54
C TYR A 191 -8.68 24.58 -2.78
N ILE A 192 -9.76 23.81 -2.89
CA ILE A 192 -10.71 23.95 -3.99
C ILE A 192 -11.95 24.65 -3.43
N SER A 193 -12.25 25.84 -3.95
CA SER A 193 -13.37 26.63 -3.47
C SER A 193 -14.68 26.01 -3.93
N PRO A 194 -15.80 26.34 -3.29
CA PRO A 194 -17.07 25.71 -3.67
C PRO A 194 -17.43 25.88 -5.14
N GLU A 195 -17.36 27.11 -5.67
CA GLU A 195 -17.65 27.34 -7.07
C GLU A 195 -16.60 26.73 -8.01
N GLU A 196 -15.34 26.72 -7.60
CA GLU A 196 -14.29 26.03 -8.34
C GLU A 196 -14.51 24.52 -8.36
N LYS A 197 -15.25 23.99 -7.39
CA LYS A 197 -15.72 22.62 -7.45
C LYS A 197 -16.89 22.44 -8.40
N PHE A 198 -17.80 23.41 -8.44
CA PHE A 198 -18.92 23.35 -9.37
C PHE A 198 -18.43 23.33 -10.81
N ILE A 199 -17.46 24.18 -11.12
CA ILE A 199 -16.96 24.25 -12.50
C ILE A 199 -16.22 22.97 -12.86
N ILE A 200 -15.46 22.43 -11.92
CA ILE A 200 -14.80 21.14 -12.17
C ILE A 200 -15.82 20.07 -12.46
N ARG A 201 -16.87 20.00 -11.64
CA ARG A 201 -17.89 18.98 -11.84
C ARG A 201 -18.65 19.18 -13.14
N SER A 202 -18.86 20.43 -13.55
CA SER A 202 -19.52 20.67 -14.83
C SER A 202 -18.66 20.23 -15.99
N PHE A 203 -17.38 20.59 -15.98
CA PHE A 203 -16.49 20.17 -17.04
C PHE A 203 -16.36 18.66 -17.10
N LEU A 204 -16.42 17.99 -15.94
CA LEU A 204 -16.35 16.53 -15.96
C LEU A 204 -17.66 15.90 -16.40
N ARG A 205 -18.78 16.52 -16.05
CA ARG A 205 -20.09 16.05 -16.51
C ARG A 205 -20.18 16.12 -18.02
N GLU A 206 -19.58 17.15 -18.62
CA GLU A 206 -19.59 17.26 -20.07
C GLU A 206 -18.93 16.04 -20.71
N ARG A 207 -17.82 15.57 -20.14
CA ARG A 207 -17.11 14.43 -20.73
C ARG A 207 -17.79 13.11 -20.38
N LYS A 208 -18.12 12.91 -19.12
CA LYS A 208 -18.80 11.73 -18.57
C LYS A 208 -17.88 10.54 -18.42
N VAL A 209 -16.66 10.56 -18.96
CA VAL A 209 -15.82 9.36 -18.98
C VAL A 209 -14.47 9.61 -18.34
N GLY A 210 -13.78 10.67 -18.77
CA GLY A 210 -12.42 10.87 -18.33
C GLY A 210 -11.97 12.29 -18.53
N ILE A 211 -10.73 12.54 -18.11
CA ILE A 211 -10.14 13.87 -18.15
C ILE A 211 -9.92 14.27 -19.61
N PRO A 212 -10.28 15.49 -20.02
CA PRO A 212 -9.88 15.96 -21.35
C PRO A 212 -8.38 15.90 -21.50
N GLN A 213 -7.92 15.42 -22.65
CA GLN A 213 -6.50 15.15 -22.81
C GLN A 213 -5.68 16.42 -22.97
N GLY A 214 -6.15 17.37 -23.79
CA GLY A 214 -5.43 18.61 -23.98
C GLY A 214 -6.27 19.83 -23.72
N THR A 215 -5.94 20.56 -22.66
CA THR A 215 -6.59 21.81 -22.31
C THR A 215 -5.99 22.28 -20.99
N SER A 216 -6.28 23.53 -20.63
CA SER A 216 -5.83 24.04 -19.34
C SER A 216 -6.34 23.18 -18.19
N ILE A 217 -7.54 22.60 -18.33
CA ILE A 217 -8.10 21.72 -17.31
C ILE A 217 -7.31 20.43 -17.17
N SER A 218 -6.54 20.05 -18.19
CA SER A 218 -5.91 18.73 -18.18
C SER A 218 -4.91 18.56 -17.04
N LEU A 219 -4.02 19.52 -16.84
CA LEU A 219 -2.93 19.36 -15.88
C LEU A 219 -3.42 19.31 -14.44
N PHE A 220 -4.35 20.18 -14.06
CA PHE A 220 -4.80 20.19 -12.68
C PHE A 220 -5.51 18.89 -12.33
N LEU A 221 -6.35 18.40 -13.25
CA LEU A 221 -7.03 17.13 -12.98
C LEU A 221 -6.07 15.95 -13.00
N ALA A 222 -5.06 16.00 -13.87
CA ALA A 222 -4.07 14.93 -13.88
C ALA A 222 -3.32 14.87 -12.56
N ASN A 223 -2.94 16.03 -12.02
CA ASN A 223 -2.28 16.08 -10.72
C ASN A 223 -3.22 15.76 -9.57
N LEU A 224 -4.51 16.03 -9.72
CA LEU A 224 -5.48 15.72 -8.68
C LEU A 224 -5.80 14.24 -8.60
N THR A 225 -5.88 13.54 -9.73
CA THR A 225 -6.12 12.11 -9.71
C THR A 225 -4.89 11.32 -9.27
N CYS A 226 -3.74 11.60 -9.86
CA CYS A 226 -2.50 10.90 -9.52
C CYS A 226 -1.73 11.62 -8.42
N TRP A 227 -2.38 11.88 -7.30
CA TRP A 227 -1.69 12.47 -6.15
C TRP A 227 -1.21 11.44 -5.15
N LYS A 228 -1.88 10.29 -5.06
CA LYS A 228 -1.40 9.20 -4.23
C LYS A 228 -0.26 8.44 -4.89
N LEU A 229 -0.31 8.27 -6.20
CA LEU A 229 0.80 7.63 -6.90
C LEU A 229 2.08 8.43 -6.76
N ASP A 230 2.00 9.76 -6.91
CA ASP A 230 3.19 10.58 -6.74
C ASP A 230 3.71 10.49 -5.32
N GLN A 231 2.82 10.52 -4.33
CA GLN A 231 3.27 10.42 -2.94
C GLN A 231 3.96 9.09 -2.69
N ASP A 232 3.39 7.99 -3.17
CA ASP A 232 4.00 6.69 -2.95
C ASP A 232 5.35 6.58 -3.65
N LEU A 233 5.43 7.05 -4.90
CA LEU A 233 6.70 6.98 -5.61
C LEU A 233 7.76 7.86 -4.95
N GLU A 234 7.37 9.03 -4.45
CA GLU A 234 8.31 9.84 -3.68
C GLU A 234 8.74 9.13 -2.41
N ARG A 235 7.81 8.48 -1.72
CA ARG A 235 8.15 7.75 -0.51
C ARG A 235 9.07 6.57 -0.77
N GLU A 236 9.05 5.99 -1.94
CA GLU A 236 9.96 4.85 -2.24
C GLU A 236 11.37 5.39 -2.53
N GLY A 237 11.46 6.57 -3.17
CA GLY A 237 12.76 7.14 -3.49
C GLY A 237 13.04 7.17 -4.97
N VAL A 238 12.05 6.84 -5.79
CA VAL A 238 12.20 6.84 -7.23
C VAL A 238 11.62 8.14 -7.76
N LYS A 239 12.43 8.89 -8.51
CA LYS A 239 11.96 10.12 -9.12
C LYS A 239 11.04 9.81 -10.31
N PHE A 240 10.30 10.82 -10.75
CA PHE A 240 9.39 10.63 -11.87
C PHE A 240 9.15 11.97 -12.56
N SER A 241 8.62 11.89 -13.78
CA SER A 241 8.28 13.09 -14.57
C SER A 241 7.19 12.68 -15.55
N ARG A 242 6.03 13.33 -15.45
CA ARG A 242 4.86 12.88 -16.21
C ARG A 242 4.85 13.47 -17.62
N TYR A 243 4.88 14.86 -17.62
CA TYR A 243 4.64 15.58 -18.89
C TYR A 243 3.27 15.06 -19.38
N ALA A 244 3.08 14.91 -20.73
CA ALA A 244 1.77 14.60 -21.28
C ALA A 244 1.56 13.10 -21.29
N ASP A 245 0.52 12.65 -20.57
CA ASP A 245 0.06 11.26 -20.55
C ASP A 245 1.21 10.27 -20.69
N ASP A 246 2.26 10.45 -19.89
CA ASP A 246 3.43 9.60 -19.92
C ASP A 246 4.10 9.70 -18.55
N THR A 247 5.03 8.79 -18.28
CA THR A 247 5.72 8.82 -16.99
C THR A 247 7.06 8.09 -17.05
N ILE A 248 8.15 8.83 -16.96
CA ILE A 248 9.46 8.20 -16.78
C ILE A 248 9.74 8.11 -15.29
N ILE A 249 10.37 7.01 -14.87
CA ILE A 249 10.72 6.78 -13.47
C ILE A 249 12.13 6.25 -13.46
N TRP A 250 13.05 6.97 -12.82
CA TRP A 250 14.45 6.58 -12.76
C TRP A 250 14.93 6.51 -11.32
N SER A 251 15.78 5.53 -11.05
CA SER A 251 16.33 5.35 -9.72
C SER A 251 17.65 4.59 -9.81
N GLN A 252 18.45 4.67 -8.75
CA GLN A 252 19.76 4.04 -8.73
C GLN A 252 19.72 2.57 -8.38
N GLU A 253 18.62 2.06 -7.84
CA GLU A 253 18.54 0.71 -7.32
C GLU A 253 17.43 -0.06 -8.00
N TYR A 254 17.73 -1.30 -8.41
CA TYR A 254 16.74 -2.11 -9.11
C TYR A 254 15.54 -2.43 -8.22
N SER A 255 15.80 -2.67 -6.93
CA SER A 255 14.69 -2.99 -6.02
C SER A 255 13.69 -1.85 -5.97
N LYS A 256 14.18 -0.61 -5.97
CA LYS A 256 13.28 0.54 -5.90
C LYS A 256 12.42 0.65 -7.15
N ILE A 257 12.99 0.41 -8.34
CA ILE A 257 12.18 0.48 -9.55
C ILE A 257 11.18 -0.68 -9.60
N CYS A 258 11.56 -1.85 -9.09
CA CYS A 258 10.60 -2.95 -9.00
C CYS A 258 9.44 -2.58 -8.07
N ASN A 259 9.76 -1.96 -6.93
CA ASN A 259 8.72 -1.49 -6.03
C ASN A 259 7.87 -0.40 -6.67
N ALA A 260 8.45 0.42 -7.55
CA ALA A 260 7.68 1.39 -8.30
C ALA A 260 6.70 0.71 -9.26
N PHE A 261 7.15 -0.36 -9.92
CA PHE A 261 6.24 -1.15 -10.75
C PHE A 261 5.09 -1.70 -9.90
N ASN A 262 5.39 -2.23 -8.73
CA ASN A 262 4.35 -2.76 -7.85
C ASN A 262 3.38 -1.67 -7.40
N ILE A 263 3.90 -0.49 -7.07
CA ILE A 263 3.05 0.61 -6.66
C ILE A 263 2.14 1.05 -7.79
N ILE A 264 2.66 1.13 -9.01
CA ILE A 264 1.80 1.49 -10.13
C ILE A 264 0.75 0.41 -10.37
N THR A 265 1.12 -0.86 -10.22
CA THR A 265 0.13 -1.92 -10.36
C THR A 265 -1.01 -1.75 -9.34
N ASN A 266 -0.65 -1.50 -8.08
CA ASN A 266 -1.67 -1.33 -7.06
C ASN A 266 -2.54 -0.11 -7.32
N PHE A 267 -1.93 1.00 -7.74
CA PHE A 267 -2.70 2.21 -8.03
C PHE A 267 -3.64 1.99 -9.21
N SER A 268 -3.17 1.32 -10.25
CA SER A 268 -4.02 1.01 -11.40
C SER A 268 -5.19 0.12 -10.98
N LYS A 269 -4.92 -0.86 -10.12
CA LYS A 269 -6.01 -1.68 -9.60
C LYS A 269 -7.01 -0.84 -8.83
N SER A 270 -6.53 0.07 -7.98
CA SER A 270 -7.44 0.91 -7.20
C SER A 270 -8.31 1.77 -8.09
N ALA A 271 -7.72 2.37 -9.13
CA ALA A 271 -8.48 3.25 -10.02
C ALA A 271 -9.46 2.46 -10.89
N GLY A 272 -9.23 1.17 -11.05
CA GLY A 272 -10.06 0.35 -11.93
C GLY A 272 -9.68 0.46 -13.38
N ILE A 273 -8.44 0.83 -13.68
CA ILE A 273 -7.97 1.03 -15.04
C ILE A 273 -6.52 0.56 -15.14
N LYS A 274 -5.94 0.60 -16.34
CA LYS A 274 -4.67 -0.05 -16.62
C LYS A 274 -3.63 0.98 -17.00
N ILE A 275 -2.41 0.82 -16.48
CA ILE A 275 -1.25 1.63 -16.85
C ILE A 275 -0.20 0.66 -17.35
N ASN A 276 -0.09 0.53 -18.68
CA ASN A 276 0.84 -0.44 -19.27
C ASN A 276 2.16 0.23 -19.61
N PRO A 277 3.29 -0.31 -19.18
CA PRO A 277 4.58 0.21 -19.66
C PRO A 277 4.73 -0.03 -21.15
N LYS A 278 5.44 0.88 -21.83
CA LYS A 278 5.71 0.70 -23.25
C LYS A 278 6.36 -0.65 -23.49
N LYS A 279 5.87 -1.36 -24.48
CA LYS A 279 6.14 -2.78 -24.65
C LYS A 279 7.57 -3.07 -25.09
N SER A 280 8.45 -2.07 -25.14
CA SER A 280 9.84 -2.27 -25.54
C SER A 280 10.79 -1.57 -24.58
N GLU A 281 10.37 -1.39 -23.33
CA GLU A 281 11.17 -0.67 -22.35
C GLU A 281 11.59 -1.52 -21.15
N GLY A 282 10.66 -2.19 -20.49
CA GLY A 282 10.97 -2.90 -19.27
C GLY A 282 11.70 -2.00 -18.30
N ILE A 283 12.95 -2.33 -17.99
CA ILE A 283 13.83 -1.47 -17.20
C ILE A 283 15.14 -1.33 -17.96
N SER A 284 15.52 -0.09 -18.26
CA SER A 284 16.72 0.19 -19.03
C SER A 284 17.82 0.65 -18.07
N LEU A 285 18.94 -0.08 -18.07
CA LEU A 285 20.07 0.23 -17.21
C LEU A 285 21.11 1.00 -18.04
N LEU A 286 21.34 2.26 -17.71
CA LEU A 286 22.36 3.06 -18.36
C LEU A 286 23.59 3.09 -17.46
N THR A 287 24.33 1.99 -17.47
CA THR A 287 25.46 1.81 -16.58
C THR A 287 26.66 2.63 -17.02
N LYS A 288 27.56 2.89 -16.07
CA LYS A 288 28.81 3.60 -16.34
C LYS A 288 29.91 2.63 -16.77
N LYS A 289 29.62 1.83 -17.80
CA LYS A 289 30.57 0.87 -18.35
C LYS A 289 30.98 -0.19 -17.33
N GLY A 290 30.23 -0.32 -16.23
CA GLY A 290 30.50 -1.30 -15.21
C GLY A 290 29.77 -2.60 -15.46
N LEU A 291 29.64 -3.39 -14.39
CA LEU A 291 28.92 -4.65 -14.47
C LEU A 291 27.46 -4.37 -14.79
N PRO A 292 26.78 -5.21 -15.56
CA PRO A 292 25.39 -4.93 -15.95
C PRO A 292 24.34 -5.36 -14.94
N SER A 293 24.73 -5.98 -13.83
CA SER A 293 23.78 -6.42 -12.81
C SER A 293 22.71 -7.33 -13.41
N GLU A 294 23.09 -8.04 -14.47
CA GLU A 294 22.21 -9.01 -15.13
C GLU A 294 20.85 -8.39 -15.45
N ILE A 295 20.88 -7.25 -16.13
CA ILE A 295 19.70 -6.58 -16.63
C ILE A 295 20.00 -6.03 -18.01
N THR A 296 18.99 -5.94 -18.87
CA THR A 296 19.18 -5.37 -20.20
C THR A 296 19.89 -4.02 -20.10
N SER A 297 21.07 -3.94 -20.70
CA SER A 297 21.94 -2.77 -20.57
C SER A 297 22.01 -2.05 -21.91
N LYS A 298 21.58 -0.80 -21.94
CA LYS A 298 21.70 0.07 -23.10
C LYS A 298 22.67 1.20 -22.78
N ASN A 299 22.87 2.09 -23.75
CA ASN A 299 23.74 3.25 -23.57
C ASN A 299 23.08 4.56 -23.93
N ASN A 300 21.95 4.56 -24.64
CA ASN A 300 21.26 5.78 -25.04
C ASN A 300 19.78 5.65 -24.71
N LEU A 301 19.23 6.69 -24.10
CA LEU A 301 17.80 6.78 -23.82
C LEU A 301 17.21 7.95 -24.60
N ASP A 302 15.96 7.80 -25.03
CA ASP A 302 15.28 8.84 -25.80
C ASP A 302 14.23 9.49 -24.91
N PHE A 303 14.26 10.82 -24.87
CA PHE A 303 13.36 11.58 -23.98
C PHE A 303 13.07 12.92 -24.61
N LEU A 304 11.86 13.08 -25.14
CA LEU A 304 11.36 14.35 -25.64
C LEU A 304 12.37 15.06 -26.53
N GLY A 305 12.88 14.33 -27.52
CA GLY A 305 13.77 14.90 -28.51
C GLY A 305 15.22 14.92 -28.14
N TYR A 306 15.56 14.52 -26.91
CA TYR A 306 16.94 14.37 -26.49
C TYR A 306 17.34 12.90 -26.45
N THR A 307 18.61 12.65 -26.74
CA THR A 307 19.23 11.35 -26.50
C THR A 307 20.17 11.55 -25.33
N LEU A 308 19.78 11.01 -24.17
CA LEU A 308 20.57 11.11 -22.96
C LEU A 308 21.44 9.86 -22.83
N SER A 309 22.74 10.08 -22.68
CA SER A 309 23.70 9.02 -22.42
C SER A 309 24.42 9.33 -21.11
N VAL A 310 25.34 8.44 -20.73
CA VAL A 310 26.07 8.61 -19.48
C VAL A 310 27.25 9.57 -19.64
N GLU A 311 27.47 10.11 -20.83
CA GLU A 311 28.56 11.04 -21.09
C GLU A 311 28.13 12.34 -21.73
N ASN A 312 27.07 12.34 -22.54
CA ASN A 312 26.64 13.55 -23.23
C ASN A 312 25.14 13.53 -23.41
N VAL A 313 24.57 14.72 -23.59
CA VAL A 313 23.20 14.90 -24.05
C VAL A 313 23.25 15.34 -25.50
N SER A 314 22.53 14.64 -26.37
CA SER A 314 22.59 14.91 -27.80
C SER A 314 21.17 15.06 -28.33
N ILE A 315 21.08 15.45 -29.60
CA ILE A 315 19.77 15.57 -30.26
C ILE A 315 19.33 14.19 -30.72
N LYS A 316 18.07 13.85 -30.45
CA LYS A 316 17.54 12.56 -30.90
C LYS A 316 17.68 12.43 -32.40
N GLU A 317 17.74 11.17 -32.86
CA GLU A 317 17.94 10.90 -34.28
C GLU A 317 16.77 11.43 -35.09
N LYS A 318 15.54 11.28 -34.59
CA LYS A 318 14.38 11.79 -35.32
C LYS A 318 14.44 13.31 -35.47
N SER A 319 14.82 14.01 -34.40
CA SER A 319 14.94 15.46 -34.48
C SER A 319 16.05 15.87 -35.44
N VAL A 320 17.17 15.14 -35.43
CA VAL A 320 18.25 15.45 -36.37
C VAL A 320 17.78 15.25 -37.80
N LYS A 321 17.02 14.17 -38.04
CA LYS A 321 16.49 13.94 -39.38
C LYS A 321 15.52 15.04 -39.79
N LYS A 322 14.70 15.52 -38.85
CA LYS A 322 13.80 16.63 -39.17
C LYS A 322 14.56 17.90 -39.51
N ILE A 323 15.62 18.22 -38.75
CA ILE A 323 16.43 19.38 -39.06
C ILE A 323 17.05 19.25 -40.44
N LYS A 324 17.60 18.07 -40.74
CA LYS A 324 18.20 17.83 -42.05
C LYS A 324 17.16 17.99 -43.15
N LYS A 325 15.95 17.44 -42.93
CA LYS A 325 14.89 17.56 -43.92
C LYS A 325 14.56 19.03 -44.17
N GLN A 326 14.42 19.81 -43.11
CA GLN A 326 14.04 21.21 -43.29
C GLN A 326 15.12 21.98 -44.05
N ILE A 327 16.39 21.79 -43.68
CA ILE A 327 17.45 22.53 -44.36
C ILE A 327 17.56 22.10 -45.82
N SER A 328 17.51 20.79 -46.07
CA SER A 328 17.59 20.30 -47.43
C SER A 328 16.42 20.79 -48.26
N TYR A 329 15.22 20.84 -47.69
CA TYR A 329 14.08 21.33 -48.44
C TYR A 329 14.20 22.81 -48.72
N ILE A 330 14.73 23.60 -47.77
CA ILE A 330 14.94 25.01 -48.04
C ILE A 330 15.85 25.17 -49.23
N LEU A 331 16.98 24.44 -49.25
CA LEU A 331 17.90 24.55 -50.37
C LEU A 331 17.23 24.11 -51.67
N TYR A 332 16.50 23.00 -51.64
CA TYR A 332 15.86 22.49 -52.86
C TYR A 332 14.81 23.46 -53.38
N ARG A 333 13.99 24.04 -52.49
CA ARG A 333 12.97 24.97 -52.93
C ARG A 333 13.57 26.25 -53.49
N ASN A 334 14.65 26.74 -52.88
CA ASN A 334 15.20 28.02 -53.32
C ASN A 334 16.22 27.89 -54.45
N LEU A 335 16.66 26.67 -54.78
CA LEU A 335 17.70 26.50 -55.79
C LEU A 335 17.32 25.55 -56.91
N ILE A 336 16.63 24.45 -56.62
CA ILE A 336 16.38 23.39 -57.58
C ILE A 336 14.94 23.42 -58.09
N GLN A 337 13.97 23.45 -57.17
CA GLN A 337 12.57 23.31 -57.57
C GLN A 337 12.13 24.31 -58.65
N PRO A 338 12.48 25.59 -58.57
CA PRO A 338 11.99 26.51 -59.62
C PRO A 338 12.47 26.13 -61.02
N LEU A 339 13.62 25.48 -61.13
CA LEU A 339 14.16 25.10 -62.43
C LEU A 339 13.49 23.87 -63.01
N LYS A 340 13.00 22.96 -62.17
CA LYS A 340 12.39 21.72 -62.64
C LYS A 340 11.03 21.93 -63.28
N LYS A 341 10.46 23.14 -63.19
CA LYS A 341 9.17 23.40 -63.80
C LYS A 341 9.29 23.36 -65.33
N THR A 342 8.14 23.15 -65.98
CA THR A 342 8.12 22.96 -67.42
C THR A 342 8.55 24.21 -68.20
N SER A 343 8.45 25.39 -67.61
CA SER A 343 8.83 26.62 -68.29
C SER A 343 9.53 27.54 -67.31
N LEU A 344 10.59 28.18 -67.79
CA LEU A 344 11.36 29.16 -67.01
C LEU A 344 10.83 30.57 -67.26
N ALA A 345 9.54 30.77 -67.04
CA ALA A 345 8.91 32.04 -67.35
C ALA A 345 9.08 33.02 -66.20
N GLY A 346 9.66 34.19 -66.48
CA GLY A 346 9.80 35.25 -65.51
C GLY A 346 10.54 34.85 -64.24
N GLN A 347 11.63 34.11 -64.39
CA GLN A 347 12.48 33.72 -63.28
C GLN A 347 13.86 34.34 -63.46
N THR A 348 14.37 34.95 -62.39
CA THR A 348 15.70 35.55 -62.43
C THR A 348 16.76 34.46 -62.52
N ILE A 349 17.67 34.60 -63.49
CA ILE A 349 18.73 33.62 -63.70
C ILE A 349 20.04 34.22 -63.20
N PRO A 350 20.95 33.43 -62.63
CA PRO A 350 22.20 34.01 -62.12
C PRO A 350 22.95 34.84 -63.15
N ALA A 351 23.53 35.96 -62.74
CA ALA A 351 24.26 36.82 -63.65
C ALA A 351 25.25 37.67 -62.86
N ASN A 352 26.44 37.84 -63.43
CA ASN A 352 27.47 38.70 -62.85
C ASN A 352 27.78 38.30 -61.41
N ASP A 353 27.88 36.99 -61.17
CA ASP A 353 28.30 36.46 -59.88
C ASP A 353 27.24 36.68 -58.80
N ARG A 354 26.12 37.29 -59.16
CA ARG A 354 25.05 37.50 -58.20
C ARG A 354 24.03 36.37 -58.31
N ASP A 355 23.71 35.76 -57.16
CA ASP A 355 22.71 34.70 -57.06
C ASP A 355 21.74 35.07 -55.94
N LYS A 356 20.69 35.80 -56.28
CA LYS A 356 19.71 36.21 -55.27
C LYS A 356 19.05 34.99 -54.64
N ASN A 357 18.79 33.95 -55.42
CA ASN A 357 18.18 32.75 -54.87
C ASN A 357 19.09 32.09 -53.83
N PHE A 358 20.40 32.03 -54.11
CA PHE A 358 21.33 31.47 -53.14
C PHE A 358 21.37 32.30 -51.87
N LEU A 359 21.37 33.63 -52.01
CA LEU A 359 21.35 34.49 -50.84
C LEU A 359 20.09 34.26 -50.01
N ILE A 360 18.93 34.14 -50.68
CA ILE A 360 17.68 33.90 -49.97
C ILE A 360 17.74 32.57 -49.24
N ALA A 361 18.27 31.54 -49.90
CA ALA A 361 18.37 30.23 -49.27
C ALA A 361 19.27 30.28 -48.04
N ILE A 362 20.42 30.93 -48.16
CA ILE A 362 21.34 31.01 -47.03
C ILE A 362 20.72 31.81 -45.89
N CYS A 363 20.03 32.92 -46.20
CA CYS A 363 19.41 33.70 -45.15
C CYS A 363 18.28 32.95 -44.46
N GLU A 364 17.46 32.21 -45.22
CA GLU A 364 16.42 31.40 -44.60
C GLU A 364 17.00 30.30 -43.74
N ILE A 365 18.08 29.67 -44.19
CA ILE A 365 18.76 28.68 -43.37
C ILE A 365 19.27 29.33 -42.10
N ARG A 366 19.84 30.54 -42.20
CA ARG A 366 20.34 31.22 -41.02
C ARG A 366 19.20 31.51 -40.04
N ARG A 367 18.07 31.96 -40.54
CA ARG A 367 16.93 32.24 -39.67
C ARG A 367 16.46 30.96 -38.97
N TYR A 368 16.38 29.86 -39.71
CA TYR A 368 15.94 28.60 -39.10
C TYR A 368 16.97 28.10 -38.08
N MET A 369 18.26 28.34 -38.36
CA MET A 369 19.33 27.82 -37.51
C MET A 369 19.53 28.71 -36.29
N TYR A 370 19.78 30.00 -36.53
CA TYR A 370 20.07 30.96 -35.47
C TYR A 370 18.82 31.78 -35.13
N GLY A 371 18.24 32.46 -36.13
CA GLY A 371 17.21 33.45 -35.89
C GLY A 371 17.59 34.79 -36.48
N GLY A 372 18.61 34.79 -37.32
CA GLY A 372 19.14 36.02 -37.90
C GLY A 372 20.46 36.47 -37.30
N LEU A 373 20.90 35.89 -36.20
CA LEU A 373 22.17 36.28 -35.61
C LEU A 373 23.32 36.05 -36.58
N SER A 374 24.03 37.12 -36.90
CA SER A 374 25.28 36.99 -37.64
C SER A 374 26.39 36.50 -36.72
N LYS A 375 27.37 35.82 -37.31
CA LYS A 375 28.46 35.26 -36.51
C LYS A 375 29.17 36.34 -35.71
N SER A 376 29.21 37.58 -36.22
CA SER A 376 29.85 38.65 -35.49
C SER A 376 29.14 38.91 -34.15
N GLN A 377 27.81 38.91 -34.16
CA GLN A 377 27.07 39.12 -32.92
C GLN A 377 27.33 37.99 -31.93
N ILE A 378 27.38 36.75 -32.41
CA ILE A 378 27.61 35.62 -31.51
C ILE A 378 29.01 35.71 -30.91
N LYS A 379 30.01 36.04 -31.72
CA LYS A 379 31.35 36.19 -31.19
C LYS A 379 31.45 37.37 -30.23
N ASP A 380 30.71 38.45 -30.48
CA ASP A 380 30.69 39.57 -29.55
C ASP A 380 30.11 39.14 -28.22
N TYR A 381 29.01 38.37 -28.25
CA TYR A 381 28.45 37.85 -27.01
C TYR A 381 29.44 36.95 -26.28
N LEU A 382 30.14 36.08 -27.02
CA LEU A 382 31.10 35.19 -26.37
C LEU A 382 32.25 35.96 -25.74
N SER A 383 32.83 36.92 -26.47
CA SER A 383 33.95 37.66 -25.92
C SER A 383 33.55 38.50 -24.72
N GLY A 384 32.45 39.25 -24.83
CA GLY A 384 31.98 40.09 -23.75
C GLY A 384 31.58 41.48 -24.19
N ARG A 385 31.76 41.77 -25.48
CA ARG A 385 31.41 43.10 -25.98
C ARG A 385 29.94 43.42 -25.73
N SER A 386 29.06 42.45 -25.87
CA SER A 386 27.64 42.61 -25.64
C SER A 386 27.20 41.70 -24.50
N ASN A 387 26.00 41.99 -23.97
CA ASN A 387 25.43 41.21 -22.88
C ASN A 387 24.07 40.62 -23.24
N ARG A 388 23.61 40.81 -24.48
CA ARG A 388 22.30 40.33 -24.90
C ARG A 388 22.43 39.64 -26.25
N LEU A 389 21.88 38.43 -26.35
CA LEU A 389 21.79 37.71 -27.61
C LEU A 389 20.55 36.83 -27.63
N TYR A 390 19.45 37.33 -28.18
CA TYR A 390 18.20 36.58 -28.21
C TYR A 390 18.38 35.25 -28.93
N PHE A 391 17.87 34.18 -28.32
CA PHE A 391 17.95 32.83 -28.87
C PHE A 391 16.59 32.48 -29.46
N LYS A 392 16.46 32.60 -30.78
CA LYS A 392 15.21 32.30 -31.50
C LYS A 392 15.57 31.44 -32.72
N GLY A 393 15.54 30.13 -32.53
CA GLY A 393 15.87 29.22 -33.61
C GLY A 393 15.57 27.79 -33.21
N ILE A 394 15.88 26.88 -34.12
CA ILE A 394 15.71 25.46 -33.83
C ILE A 394 16.57 25.06 -32.63
N MET A 395 17.77 25.61 -32.53
CA MET A 395 18.65 25.28 -31.42
C MET A 395 18.16 25.87 -30.11
N SER A 396 17.24 26.84 -30.15
CA SER A 396 16.62 27.36 -28.94
C SER A 396 15.70 26.34 -28.29
N PHE A 397 15.31 25.31 -29.02
CA PHE A 397 14.49 24.23 -28.48
C PHE A 397 15.33 23.08 -27.97
N TYR A 398 16.65 23.18 -28.04
CA TYR A 398 17.56 22.17 -27.48
C TYR A 398 18.64 22.87 -26.66
N PRO A 399 18.26 23.58 -25.59
CA PRO A 399 19.27 24.27 -24.78
C PRO A 399 19.86 23.37 -23.71
N LEU A 400 20.18 22.13 -24.05
CA LEU A 400 20.85 21.24 -23.12
C LEU A 400 21.88 20.35 -23.79
N VAL A 401 22.25 20.60 -25.04
CA VAL A 401 23.12 19.70 -25.78
C VAL A 401 24.57 19.94 -25.38
N ASN A 402 25.20 18.92 -24.82
CA ASN A 402 26.63 18.95 -24.51
C ASN A 402 27.47 18.22 -25.56
N ASP A 403 26.83 17.63 -26.56
CA ASP A 403 27.53 16.83 -27.55
C ASP A 403 28.11 17.74 -28.63
N VAL A 404 29.43 17.76 -28.75
CA VAL A 404 30.08 18.60 -29.75
C VAL A 404 30.31 17.84 -31.05
N GLU A 405 30.51 16.52 -30.98
CA GLU A 405 30.75 15.75 -32.19
C GLU A 405 29.54 15.79 -33.12
N GLN A 406 28.34 15.64 -32.55
CA GLN A 406 27.13 15.64 -33.37
C GLN A 406 26.96 16.97 -34.11
N LEU A 407 27.22 18.07 -33.41
CA LEU A 407 27.10 19.38 -34.05
C LEU A 407 28.14 19.56 -35.14
N LYS A 408 29.36 19.07 -34.93
CA LYS A 408 30.38 19.13 -35.97
C LYS A 408 29.94 18.34 -37.20
N GLN A 409 29.39 17.14 -36.98
CA GLN A 409 28.92 16.33 -38.10
C GLN A 409 27.78 17.03 -38.83
N LEU A 410 26.86 17.65 -38.10
CA LEU A 410 25.76 18.37 -38.73
C LEU A 410 26.26 19.56 -39.55
N ASP A 411 27.26 20.28 -39.04
CA ASP A 411 27.82 21.39 -39.79
C ASP A 411 28.47 20.90 -41.09
N GLY A 412 29.26 19.83 -41.01
CA GLY A 412 29.83 19.28 -42.22
C GLY A 412 28.76 18.82 -43.20
N TRP A 413 27.69 18.24 -42.68
CA TRP A 413 26.58 17.83 -43.53
C TRP A 413 25.97 19.04 -44.24
N ILE A 414 25.77 20.14 -43.52
CA ILE A 414 25.20 21.34 -44.13
C ILE A 414 26.11 21.82 -45.26
N VAL A 415 27.42 21.85 -45.01
CA VAL A 415 28.34 22.31 -46.06
C VAL A 415 28.25 21.41 -47.29
N SER A 416 28.28 20.10 -47.07
CA SER A 416 28.25 19.16 -48.20
C SER A 416 26.95 19.29 -48.99
N VAL A 417 25.83 19.42 -48.27
CA VAL A 417 24.54 19.55 -48.95
C VAL A 417 24.48 20.83 -49.75
N ILE A 418 24.99 21.93 -49.20
CA ILE A 418 25.00 23.18 -49.97
C ILE A 418 25.81 22.99 -51.24
N TYR A 419 26.98 22.37 -51.14
CA TYR A 419 27.80 22.17 -52.33
C TYR A 419 27.07 21.34 -53.37
N ARG A 420 26.47 20.22 -52.95
CA ARG A 420 25.79 19.36 -53.92
C ARG A 420 24.59 20.05 -54.55
N ALA A 421 23.82 20.81 -53.75
CA ALA A 421 22.68 21.51 -54.30
C ALA A 421 23.11 22.55 -55.32
N LEU A 422 24.19 23.29 -55.04
CA LEU A 422 24.68 24.25 -56.02
C LEU A 422 25.15 23.54 -57.29
N LYS A 423 25.80 22.39 -57.15
CA LYS A 423 26.22 21.64 -58.33
C LYS A 423 25.02 21.23 -59.18
N LEU A 424 23.97 20.72 -58.54
CA LEU A 424 22.79 20.31 -59.29
C LEU A 424 22.12 21.51 -59.96
N ARG A 425 22.08 22.65 -59.25
CA ARG A 425 21.50 23.84 -59.85
C ARG A 425 22.29 24.27 -61.07
N CYS A 426 23.63 24.20 -61.01
CA CYS A 426 24.44 24.51 -62.17
C CYS A 426 24.14 23.55 -63.31
N GLN A 427 24.02 22.26 -63.02
CA GLN A 427 23.72 21.29 -64.07
C GLN A 427 22.39 21.61 -64.73
N LEU A 428 21.36 21.90 -63.94
CA LEU A 428 20.04 22.21 -64.50
C LEU A 428 20.09 23.49 -65.32
N LEU A 429 20.80 24.51 -64.83
CA LEU A 429 20.93 25.75 -65.58
C LEU A 429 21.58 25.50 -66.93
N SER A 430 22.65 24.70 -66.94
CA SER A 430 23.29 24.35 -68.21
C SER A 430 22.33 23.60 -69.13
N LYS A 431 21.56 22.66 -68.57
CA LYS A 431 20.62 21.91 -69.39
C LYS A 431 19.56 22.82 -69.99
N TRP A 432 19.14 23.86 -69.26
CA TRP A 432 18.18 24.82 -69.80
C TRP A 432 18.80 25.74 -70.84
N GLY A 433 20.11 25.80 -70.92
CA GLY A 433 20.80 26.66 -71.86
C GLY A 433 21.53 27.85 -71.25
N TYR A 434 21.88 27.79 -69.97
CA TYR A 434 22.56 28.88 -69.29
C TYR A 434 23.77 28.29 -68.56
N ASN A 435 24.97 28.66 -69.01
CA ASN A 435 26.21 28.14 -68.43
C ASN A 435 26.73 29.17 -67.44
N ARG A 436 26.37 28.99 -66.17
CA ARG A 436 26.83 29.85 -65.09
C ARG A 436 27.95 29.21 -64.27
N SER A 437 28.55 28.13 -64.78
CA SER A 437 29.58 27.42 -63.99
C SER A 437 30.68 28.36 -63.52
N HIS A 438 31.06 29.32 -64.37
CA HIS A 438 32.10 30.27 -63.98
C HIS A 438 31.65 31.14 -62.82
N ASN A 439 30.34 31.36 -62.67
CA ASN A 439 29.82 32.31 -61.71
C ASN A 439 30.26 31.93 -60.29
N PHE A 440 30.13 32.90 -59.38
CA PHE A 440 30.62 32.74 -58.02
C PHE A 440 30.04 31.53 -57.29
N PRO A 441 28.73 31.32 -57.27
CA PRO A 441 28.19 30.20 -56.47
C PRO A 441 28.70 28.84 -56.92
N PHE A 442 29.05 28.69 -58.21
CA PHE A 442 29.31 27.40 -58.81
C PHE A 442 30.81 27.15 -59.02
N ILE A 443 31.66 27.81 -58.25
CA ILE A 443 33.11 27.61 -58.33
C ILE A 443 33.66 27.42 -56.93
N LEU A 444 32.81 27.48 -55.90
CA LEU A 444 33.26 27.42 -54.48
C LEU A 444 34.09 26.15 -54.22
N ASP A 445 33.71 25.00 -54.78
CA ASP A 445 34.52 23.73 -54.69
C ASP A 445 34.27 23.00 -53.37
N ARG A 446 33.30 23.41 -52.55
CA ARG A 446 32.94 22.71 -51.29
C ARG A 446 33.92 23.08 -50.16
N GLU A 447 35.22 22.85 -50.37
CA GLU A 447 36.25 23.14 -49.34
C GLU A 447 36.29 24.64 -49.08
N ASP A 448 36.05 25.47 -50.10
CA ASP A 448 36.12 26.95 -49.97
C ASP A 448 34.70 27.52 -49.99
N ILE A 449 33.68 26.67 -49.97
CA ILE A 449 32.26 27.13 -49.89
C ILE A 449 32.17 28.02 -48.65
N VAL A 450 32.69 27.58 -47.51
CA VAL A 450 32.55 28.33 -46.22
C VAL A 450 33.54 29.51 -46.19
N ASP A 451 34.69 29.36 -46.83
CA ASP A 451 35.74 30.40 -46.79
C ASP A 451 35.36 31.60 -47.65
N LYS A 452 34.96 31.36 -48.89
CA LYS A 452 34.68 32.47 -49.86
C LYS A 452 33.35 33.12 -49.51
N CYS A 453 32.42 32.37 -48.91
CA CYS A 453 31.12 32.91 -48.50
C CYS A 453 31.27 33.91 -47.35
N SER A 454 32.15 33.61 -46.39
CA SER A 454 32.35 34.54 -45.28
C SER A 454 32.97 35.85 -45.75
N LYS A 455 33.96 35.77 -46.64
CA LYS A 455 34.60 36.99 -47.15
C LYS A 455 33.60 37.86 -47.91
N LYS A 456 32.74 37.25 -48.70
CA LYS A 456 31.77 38.01 -49.48
C LYS A 456 30.86 38.81 -48.56
N THR A 457 30.56 40.04 -48.97
CA THR A 457 29.72 40.94 -48.19
C THR A 457 28.67 41.58 -49.10
N ILE A 458 27.47 41.74 -48.55
CA ILE A 458 26.36 42.40 -49.24
C ILE A 458 25.89 43.55 -48.36
N ALA A 459 25.77 44.74 -48.96
CA ALA A 459 25.35 45.94 -48.24
C ALA A 459 26.25 46.20 -47.03
N GLY A 460 27.54 45.90 -47.17
CA GLY A 460 28.45 46.07 -46.06
C GLY A 460 28.21 45.12 -44.91
N ARG A 461 27.52 44.01 -45.16
CA ARG A 461 27.17 43.05 -44.13
C ARG A 461 27.40 41.64 -44.67
N LYS A 462 28.06 40.81 -43.89
CA LYS A 462 28.31 39.43 -44.30
C LYS A 462 27.01 38.64 -44.28
N LEU A 463 26.42 38.40 -45.46
CA LEU A 463 25.14 37.70 -45.57
C LEU A 463 25.27 36.34 -46.22
N PHE A 464 26.49 35.89 -46.54
CA PHE A 464 26.70 34.61 -47.20
C PHE A 464 27.33 33.55 -46.31
N GLU A 465 27.90 33.92 -45.16
CA GLU A 465 28.59 32.95 -44.32
C GLU A 465 27.65 31.81 -43.95
N ILE A 466 28.12 30.58 -44.10
CA ILE A 466 27.31 29.40 -43.87
C ILE A 466 27.08 29.24 -42.37
N PRO A 467 25.83 29.19 -41.90
CA PRO A 467 25.60 29.04 -40.46
C PRO A 467 26.20 27.75 -39.91
N SER A 468 26.65 27.81 -38.67
CA SER A 468 27.25 26.68 -37.97
C SER A 468 26.56 26.44 -36.64
N PHE A 469 26.28 25.18 -36.34
CA PHE A 469 25.67 24.79 -35.08
C PHE A 469 26.61 24.95 -33.89
N LEU A 470 27.92 24.75 -34.08
CA LEU A 470 28.84 24.73 -32.96
C LEU A 470 28.98 26.12 -32.32
N LEU A 471 29.01 27.17 -33.12
CA LEU A 471 29.14 28.51 -32.58
C LEU A 471 27.93 28.88 -31.73
N ILE A 472 26.72 28.63 -32.26
CA ILE A 472 25.52 28.93 -31.49
C ILE A 472 25.41 28.02 -30.27
N HIS A 473 25.97 26.81 -30.33
CA HIS A 473 26.01 25.96 -29.14
C HIS A 473 26.91 26.55 -28.06
N LYS A 474 28.08 27.06 -28.46
CA LYS A 474 28.93 27.77 -27.50
C LYS A 474 28.18 28.93 -26.87
N ALA A 475 27.50 29.72 -27.71
CA ALA A 475 26.72 30.84 -27.21
C ALA A 475 25.61 30.40 -26.27
N LEU A 476 24.94 29.28 -26.56
CA LEU A 476 23.91 28.76 -25.68
C LEU A 476 24.49 28.26 -24.36
N GLN A 477 25.68 27.64 -24.38
CA GLN A 477 26.30 27.23 -23.13
C GLN A 477 26.56 28.44 -22.25
N LYS A 478 27.15 29.50 -22.82
CA LYS A 478 27.38 30.70 -22.03
C LYS A 478 26.07 31.34 -21.56
N GLY A 479 25.07 31.40 -22.43
CA GLY A 479 23.80 32.00 -22.05
C GLY A 479 23.12 31.22 -20.94
N LEU A 480 23.16 29.89 -21.01
CA LEU A 480 22.64 29.09 -19.93
C LEU A 480 23.37 29.38 -18.63
N GLN A 481 24.70 29.29 -18.63
CA GLN A 481 25.47 29.48 -17.41
C GLN A 481 25.34 30.89 -16.85
N GLU A 482 24.87 31.85 -17.64
CA GLU A 482 24.69 33.20 -17.14
C GLU A 482 23.24 33.61 -16.87
N SER A 483 22.25 32.87 -17.37
CA SER A 483 20.86 33.29 -17.25
C SER A 483 19.89 32.22 -16.75
N GLY A 484 20.19 30.94 -16.92
CA GLY A 484 19.27 29.90 -16.56
C GLY A 484 18.43 29.41 -17.73
N ILE A 485 17.97 28.16 -17.60
CA ILE A 485 17.13 27.57 -18.63
C ILE A 485 15.86 28.39 -18.79
N GLU A 486 15.28 28.85 -17.69
CA GLU A 486 14.04 29.61 -17.77
C GLU A 486 14.20 30.82 -18.67
N LYS A 487 15.22 31.64 -18.43
CA LYS A 487 15.38 32.86 -19.22
C LYS A 487 15.83 32.54 -20.64
N ILE A 488 16.70 31.55 -20.84
CA ILE A 488 17.12 31.23 -22.20
C ILE A 488 15.94 30.76 -23.04
N MET A 489 15.10 29.90 -22.48
CA MET A 489 13.94 29.38 -23.18
C MET A 489 12.78 30.36 -23.21
N ASN A 490 12.86 31.47 -22.47
CA ASN A 490 11.74 32.39 -22.31
C ASN A 490 12.25 33.81 -22.55
N PRO A 491 12.57 34.16 -23.81
CA PRO A 491 13.28 35.40 -24.12
C PRO A 491 12.39 36.63 -24.19
N GLN A 492 11.55 36.82 -23.17
CA GLN A 492 10.85 38.08 -22.98
C GLN A 492 11.15 38.63 -21.58
N SER A 493 11.07 37.77 -20.56
CA SER A 493 11.27 38.21 -19.18
C SER A 493 10.45 39.45 -18.91
N LEU A 494 11.09 40.55 -18.52
CA LEU A 494 10.39 41.82 -18.37
C LEU A 494 10.49 42.62 -19.66
N ASN A 495 11.71 42.94 -20.07
CA ASN A 495 11.96 43.70 -21.29
C ASN A 495 13.47 43.93 -21.38
N TYR A 496 13.89 44.54 -22.48
CA TYR A 496 15.27 44.94 -22.62
C TYR A 496 15.52 46.26 -21.91
N ASP A 497 16.80 46.61 -21.77
CA ASP A 497 17.17 47.85 -21.01
C ASP A 497 16.64 47.70 -19.58
N TYR A 498 16.76 46.51 -19.00
CA TYR A 498 16.27 46.25 -17.65
C TYR A 498 17.42 46.40 -16.65
N GLU A 499 17.67 47.65 -16.27
CA GLU A 499 18.71 47.96 -15.31
C GLU A 499 18.25 49.06 -14.36
N MET B 1 28.57 50.85 -17.90
CA MET B 1 28.07 49.51 -18.32
C MET B 1 26.75 49.23 -17.58
N LYS B 2 26.02 48.18 -17.98
CA LYS B 2 24.78 47.80 -17.31
C LYS B 2 25.00 47.44 -15.85
N LEU B 3 26.17 46.91 -15.51
CA LEU B 3 26.43 46.52 -14.13
C LEU B 3 26.33 47.72 -13.20
N GLU B 4 26.94 48.84 -13.58
CA GLU B 4 26.92 50.03 -12.74
C GLU B 4 25.51 50.55 -12.55
N GLN B 5 24.71 50.55 -13.62
CA GLN B 5 23.34 51.02 -13.51
C GLN B 5 22.52 50.11 -12.61
N GLN B 6 22.71 48.80 -12.73
CA GLN B 6 22.01 47.88 -11.84
C GLN B 6 22.39 48.13 -10.38
N ILE B 7 23.69 48.30 -10.11
CA ILE B 7 24.12 48.62 -8.76
C ILE B 7 23.39 49.88 -8.28
N GLN B 8 23.61 50.99 -8.98
CA GLN B 8 22.94 52.25 -8.68
C GLN B 8 21.48 52.03 -8.30
N ARG B 9 20.74 51.31 -9.14
CA ARG B 9 19.32 51.11 -8.89
C ARG B 9 19.09 50.40 -7.56
N VAL B 10 19.80 49.31 -7.33
CA VAL B 10 19.56 48.52 -6.12
C VAL B 10 19.92 49.33 -4.87
N ILE B 11 21.08 50.00 -4.90
CA ILE B 11 21.52 50.78 -3.76
C ILE B 11 20.52 51.90 -3.46
N LEU B 12 20.07 52.60 -4.51
CA LEU B 12 19.11 53.67 -4.30
C LEU B 12 17.81 53.14 -3.72
N GLU B 13 17.32 52.01 -4.23
CA GLU B 13 16.08 51.45 -3.71
C GLU B 13 16.22 51.10 -2.24
N GLU B 14 17.34 50.47 -1.87
CA GLU B 14 17.54 50.10 -0.46
C GLU B 14 17.58 51.35 0.42
N ALA B 15 18.35 52.36 0.02
CA ALA B 15 18.44 53.58 0.80
C ALA B 15 17.08 54.26 0.94
N LYS B 16 16.33 54.32 -0.16
CA LYS B 16 15.00 54.94 -0.11
C LYS B 16 14.07 54.18 0.82
N ALA B 17 14.11 52.85 0.79
CA ALA B 17 13.26 52.08 1.68
C ALA B 17 13.60 52.35 3.14
N LEU B 18 14.89 52.35 3.48
CA LEU B 18 15.27 52.62 4.86
C LEU B 18 14.89 54.03 5.28
N ILE B 19 15.05 55.01 4.38
CA ILE B 19 14.69 56.38 4.70
C ILE B 19 13.19 56.50 4.96
N LYS B 20 12.38 55.86 4.11
CA LYS B 20 10.93 55.88 4.32
C LYS B 20 10.58 55.25 5.66
N ASP B 21 11.24 54.13 6.00
CA ASP B 21 10.96 53.49 7.28
C ASP B 21 11.28 54.41 8.44
N TYR B 22 12.42 55.10 8.38
CA TYR B 22 12.77 56.01 9.47
C TYR B 22 11.78 57.16 9.58
N HIS B 23 11.35 57.71 8.44
CA HIS B 23 10.39 58.80 8.47
C HIS B 23 9.08 58.35 9.10
N GLU B 24 8.60 57.16 8.70
CA GLU B 24 7.41 56.61 9.34
C GLU B 24 7.61 56.41 10.83
N TYR B 25 8.80 55.97 11.23
CA TYR B 25 9.10 55.80 12.65
C TYR B 25 8.91 57.11 13.41
N HIS B 26 9.52 58.19 12.92
CA HIS B 26 9.44 59.45 13.67
C HIS B 26 8.02 60.00 13.68
N ASN B 27 7.29 59.87 12.55
CA ASN B 27 5.92 60.34 12.52
C ASN B 27 5.06 59.55 13.51
N ARG B 28 5.25 58.24 13.56
CA ARG B 28 4.52 57.41 14.51
C ARG B 28 4.86 57.81 15.94
N VAL B 29 6.13 58.10 16.21
CA VAL B 29 6.52 58.50 17.57
C VAL B 29 5.83 59.80 17.95
N HIS B 30 5.76 60.76 17.03
CA HIS B 30 5.07 62.01 17.34
C HIS B 30 3.58 61.79 17.60
N LEU B 31 2.92 60.98 16.77
CA LEU B 31 1.50 60.73 16.98
C LEU B 31 1.26 60.04 18.33
N GLU B 32 2.09 59.04 18.66
CA GLU B 32 1.94 58.37 19.93
C GLU B 32 2.25 59.31 21.09
N SER B 33 3.17 60.27 20.88
CA SER B 33 3.42 61.27 21.91
C SER B 33 2.18 62.12 22.16
N VAL B 34 1.50 62.52 21.09
CA VAL B 34 0.28 63.30 21.27
C VAL B 34 -0.75 62.49 22.03
N ARG B 35 -0.94 61.22 21.64
CA ARG B 35 -1.93 60.38 22.32
C ARG B 35 -1.55 60.19 23.79
N ASN B 36 -0.28 59.94 24.08
CA ASN B 36 0.15 59.72 25.45
C ASN B 36 0.00 60.98 26.31
N LYS B 37 0.26 62.16 25.74
CA LYS B 37 0.01 63.39 26.47
C LYS B 37 -1.47 63.58 26.74
N LYS B 38 -2.33 63.23 25.79
CA LYS B 38 -3.77 63.28 26.04
C LYS B 38 -4.25 62.17 26.96
N ARG B 39 -3.44 61.16 27.22
CA ARG B 39 -3.84 60.02 28.05
C ARG B 39 -3.36 60.17 29.49
N LEU B 40 -2.05 60.30 29.69
CA LEU B 40 -1.48 60.45 31.02
C LEU B 40 -1.54 61.88 31.53
N GLY B 41 -1.99 62.82 30.72
CA GLY B 41 -2.12 64.20 31.17
C GLY B 41 -0.78 64.93 31.15
N ASP B 42 -0.41 65.50 32.30
CA ASP B 42 0.82 66.29 32.41
C ASP B 42 1.96 65.49 33.02
N SER B 43 1.78 64.18 33.19
CA SER B 43 2.84 63.32 33.71
C SER B 43 3.49 62.48 32.63
N ALA B 44 3.08 62.63 31.38
CA ALA B 44 3.66 61.84 30.30
C ALA B 44 5.10 62.27 30.05
N PRO B 45 5.99 61.35 29.70
CA PRO B 45 7.37 61.72 29.39
C PRO B 45 7.46 62.47 28.07
N ASP B 46 8.65 62.97 27.78
CA ASP B 46 8.87 63.77 26.59
C ASP B 46 9.14 62.88 25.38
N LYS B 47 9.02 63.48 24.20
CA LYS B 47 9.22 62.75 22.96
C LYS B 47 10.72 62.53 22.72
N LYS B 48 11.10 61.26 22.54
CA LYS B 48 12.49 60.87 22.31
C LYS B 48 12.58 60.21 20.94
N ILE B 49 13.37 60.79 20.05
CA ILE B 49 13.64 60.21 18.74
C ILE B 49 15.03 59.59 18.77
N HIS B 50 15.12 58.32 18.41
CA HIS B 50 16.38 57.59 18.45
C HIS B 50 16.79 57.19 17.03
N ARG B 51 18.03 57.49 16.68
CA ARG B 51 18.58 56.92 15.45
C ARG B 51 19.24 55.59 15.76
N PRO B 52 19.09 54.57 14.91
CA PRO B 52 19.73 53.28 15.20
C PRO B 52 21.22 53.46 15.45
N ASN B 53 21.74 52.75 16.45
CA ASN B 53 23.11 52.97 16.87
C ASN B 53 24.11 52.67 15.75
N TYR B 54 23.90 51.58 15.01
CA TYR B 54 24.87 51.19 14.01
C TYR B 54 24.96 52.19 12.87
N TRP B 55 24.03 53.13 12.77
CA TRP B 55 24.12 54.19 11.77
C TRP B 55 25.35 55.05 12.02
N SER B 56 25.93 54.95 13.22
CA SER B 56 27.09 55.74 13.58
C SER B 56 28.41 55.00 13.46
N PHE B 57 28.39 53.67 13.49
CA PHE B 57 29.66 52.92 13.43
C PHE B 57 30.41 53.22 12.14
N ASP B 58 29.70 53.12 11.01
CA ASP B 58 30.34 53.47 9.71
C ASP B 58 29.37 54.33 8.91
N LYS B 59 29.90 55.34 8.23
CA LYS B 59 29.07 56.30 7.50
C LYS B 59 28.22 55.62 6.43
N LYS B 60 28.60 54.43 5.97
CA LYS B 60 27.84 53.69 4.97
C LYS B 60 26.58 53.05 5.55
N PHE B 61 26.54 52.80 6.85
CA PHE B 61 25.35 52.28 7.49
C PHE B 61 24.20 53.27 7.50
N ASP B 62 24.47 54.55 7.28
CA ASP B 62 23.43 55.57 7.28
C ASP B 62 22.74 55.59 5.92
N PRO B 63 21.43 55.32 5.84
CA PRO B 63 20.76 55.42 4.54
C PRO B 63 20.83 56.80 3.93
N PHE B 64 20.81 57.85 4.76
CA PHE B 64 20.88 59.21 4.23
C PHE B 64 22.19 59.44 3.49
N TYR B 65 23.32 59.07 4.10
CA TYR B 65 24.60 59.23 3.43
C TYR B 65 24.68 58.38 2.18
N VAL B 66 24.17 57.15 2.23
CA VAL B 66 24.21 56.30 1.05
C VAL B 66 23.44 56.95 -0.09
N LYS B 67 22.25 57.47 0.20
CA LYS B 67 21.51 58.21 -0.82
C LYS B 67 22.24 59.46 -1.26
N SER B 68 23.09 60.04 -0.42
CA SER B 68 23.87 61.21 -0.82
C SER B 68 24.89 60.84 -1.89
N ASN B 69 25.54 59.69 -1.75
CA ASN B 69 26.63 59.31 -2.65
C ASN B 69 26.40 57.95 -3.28
N TYR B 70 25.18 57.67 -3.71
CA TYR B 70 24.90 56.38 -4.34
C TYR B 70 25.60 56.24 -5.69
N LYS B 71 25.68 57.33 -6.46
CA LYS B 71 26.35 57.26 -7.76
C LYS B 71 27.82 56.90 -7.60
N SER B 72 28.53 57.61 -6.72
CA SER B 72 29.95 57.35 -6.53
C SER B 72 30.19 55.94 -6.00
N ILE B 73 29.37 55.52 -5.02
CA ILE B 73 29.52 54.18 -4.46
C ILE B 73 29.31 53.13 -5.55
N ALA B 74 28.28 53.31 -6.37
CA ALA B 74 28.04 52.36 -7.44
C ALA B 74 29.19 52.31 -8.43
N ARG B 75 29.71 53.47 -8.83
CA ARG B 75 30.83 53.48 -9.77
C ARG B 75 32.02 52.75 -9.17
N SER B 76 32.38 53.07 -7.93
CA SER B 76 33.54 52.44 -7.31
C SER B 76 33.35 50.94 -7.20
N ILE B 77 32.16 50.50 -6.78
CA ILE B 77 31.94 49.07 -6.61
C ILE B 77 31.98 48.35 -7.94
N ALA B 78 31.40 48.94 -8.98
CA ALA B 78 31.45 48.31 -10.30
C ALA B 78 32.88 48.19 -10.79
N ASN B 79 33.67 49.25 -10.64
CA ASN B 79 35.07 49.20 -11.07
C ASN B 79 35.83 48.13 -10.30
N LYS B 80 35.62 48.06 -8.98
CA LYS B 80 36.32 47.06 -8.19
C LYS B 80 35.91 45.65 -8.55
N ILE B 81 34.62 45.42 -8.81
CA ILE B 81 34.17 44.09 -9.21
C ILE B 81 34.78 43.68 -10.53
N GLU B 82 34.80 44.60 -11.51
CA GLU B 82 35.36 44.24 -12.81
C GLU B 82 36.88 44.13 -12.76
N ASN B 83 37.51 44.76 -11.77
CA ASN B 83 38.92 44.53 -11.50
C ASN B 83 39.17 43.35 -10.58
N ARG B 84 38.11 42.76 -10.01
CA ARG B 84 38.23 41.58 -9.17
C ARG B 84 39.01 41.89 -7.88
N THR B 85 38.84 43.10 -7.37
CA THR B 85 39.47 43.54 -6.13
C THR B 85 38.43 44.01 -5.12
N TYR B 86 37.24 43.41 -5.17
CA TYR B 86 36.14 43.81 -4.30
C TYR B 86 36.08 42.93 -3.07
N LEU B 87 35.80 43.56 -1.91
CA LEU B 87 35.61 42.85 -0.66
C LEU B 87 34.52 43.58 0.10
N PRO B 88 33.51 42.87 0.63
CA PRO B 88 32.50 43.55 1.45
C PRO B 88 33.07 43.96 2.79
N ASN B 89 32.74 45.17 3.23
CA ASN B 89 33.26 45.68 4.49
C ASN B 89 32.76 44.82 5.65
N GLU B 90 33.36 45.04 6.81
CA GLU B 90 33.01 44.28 7.99
C GLU B 90 31.54 44.49 8.32
N PRO B 91 30.77 43.42 8.54
CA PRO B 91 29.37 43.60 8.96
C PRO B 91 29.29 43.85 10.45
N PHE B 92 28.35 44.71 10.83
CA PHE B 92 28.11 44.98 12.25
C PHE B 92 27.44 43.76 12.83
N THR B 93 28.12 43.08 13.74
CA THR B 93 27.67 41.79 14.25
C THR B 93 27.26 41.94 15.72
N LYS B 94 26.06 41.47 16.04
CA LYS B 94 25.53 41.50 17.40
C LYS B 94 25.12 40.08 17.78
N ASP B 95 25.46 39.69 19.01
CA ASP B 95 25.21 38.32 19.47
C ASP B 95 23.96 38.33 20.34
N VAL B 96 22.89 37.73 19.84
CA VAL B 96 21.62 37.66 20.55
C VAL B 96 21.52 36.27 21.19
N PRO B 97 21.42 36.17 22.51
CA PRO B 97 21.34 34.84 23.13
C PRO B 97 20.10 34.09 22.67
N LYS B 98 20.30 32.84 22.26
CA LYS B 98 19.17 32.00 21.86
C LYS B 98 18.41 31.54 23.10
N PRO B 99 17.08 31.40 22.98
CA PRO B 99 16.30 30.93 24.15
C PRO B 99 16.71 29.54 24.62
N ASP B 100 17.11 28.65 23.70
CA ASP B 100 17.51 27.30 24.09
C ASP B 100 18.75 27.30 24.97
N GLY B 101 19.52 28.39 24.97
CA GLY B 101 20.73 28.46 25.76
C GLY B 101 21.96 28.78 24.93
N GLY B 102 21.80 28.87 23.61
CA GLY B 102 22.86 29.22 22.70
C GLY B 102 22.88 30.71 22.40
N ILE B 103 23.62 31.06 21.35
CA ILE B 103 23.74 32.44 20.89
C ILE B 103 23.72 32.44 19.38
N ARG B 104 22.93 33.36 18.80
CA ARG B 104 22.83 33.53 17.33
C ARG B 104 23.59 34.81 16.97
N LYS B 105 24.56 34.76 16.06
CA LYS B 105 25.39 35.90 15.67
C LYS B 105 24.72 36.58 14.48
N VAL B 106 23.95 37.63 14.73
CA VAL B 106 23.24 38.34 13.68
C VAL B 106 24.17 39.40 13.10
N SER B 107 24.40 39.33 11.80
CA SER B 107 25.31 40.24 11.10
C SER B 107 24.51 41.12 10.16
N ILE B 108 24.71 42.42 10.25
CA ILE B 108 24.08 43.41 9.38
C ILE B 108 25.17 44.01 8.52
N TYR B 109 25.11 43.76 7.21
CA TYR B 109 26.06 44.36 6.29
C TYR B 109 25.68 45.82 6.00
N GLN B 110 26.64 46.55 5.44
CA GLN B 110 26.39 47.96 5.07
C GLN B 110 25.45 47.99 3.86
N ILE B 111 24.77 49.11 3.65
CA ILE B 111 23.80 49.21 2.57
C ILE B 111 24.40 48.86 1.22
N PRO B 112 25.59 49.35 0.85
CA PRO B 112 26.16 48.92 -0.44
C PRO B 112 26.35 47.42 -0.52
N ASP B 113 27.01 46.81 0.45
CA ASP B 113 27.27 45.38 0.44
C ASP B 113 26.02 44.56 0.74
N ALA B 114 24.96 45.17 1.24
CA ALA B 114 23.67 44.50 1.39
C ALA B 114 22.85 44.55 0.13
N ALA B 115 23.05 45.56 -0.73
CA ALA B 115 22.42 45.64 -2.03
C ALA B 115 23.04 44.67 -3.04
N ILE B 116 24.38 44.58 -3.04
CA ILE B 116 25.06 43.63 -3.92
C ILE B 116 24.75 42.18 -3.58
N SER B 117 24.54 41.87 -2.31
CA SER B 117 24.21 40.51 -1.89
C SER B 117 22.73 40.21 -2.05
N LYS B 118 21.91 41.20 -2.38
CA LYS B 118 20.52 40.99 -2.70
C LYS B 118 20.25 41.00 -4.20
N LEU B 119 21.21 41.44 -5.01
CA LEU B 119 21.09 41.43 -6.47
C LEU B 119 21.72 40.20 -7.10
N PHE B 120 22.89 39.76 -6.62
CA PHE B 120 23.58 38.63 -7.18
C PHE B 120 23.20 37.30 -6.54
N PHE B 121 22.46 37.32 -5.43
CA PHE B 121 22.01 36.09 -4.78
C PHE B 121 20.51 35.91 -4.86
N ASN B 122 19.78 36.90 -5.36
CA ASN B 122 18.39 36.72 -5.74
C ASN B 122 18.24 36.31 -7.19
N ARG B 123 19.30 36.45 -7.99
CA ARG B 123 19.32 35.87 -9.32
C ARG B 123 19.86 34.43 -9.27
N LEU B 124 20.94 34.22 -8.52
CA LEU B 124 21.51 32.87 -8.38
C LEU B 124 20.51 31.89 -7.77
N LEU B 125 19.53 32.38 -7.03
CA LEU B 125 18.52 31.53 -6.41
C LEU B 125 17.29 31.37 -7.30
N ALA B 126 17.30 31.98 -8.48
CA ALA B 126 16.24 31.82 -9.47
C ALA B 126 16.65 30.91 -10.60
N LYS B 127 17.85 31.12 -11.17
CA LYS B 127 18.34 30.23 -12.22
C LYS B 127 18.54 28.82 -11.70
N ASN B 128 19.07 28.68 -10.48
CA ASN B 128 19.32 27.38 -9.86
C ASN B 128 18.21 27.01 -8.89
N ARG B 129 16.98 27.44 -9.15
CA ARG B 129 15.88 27.27 -8.23
C ARG B 129 15.40 25.82 -8.13
N HIS B 130 15.26 25.14 -9.27
CA HIS B 130 14.73 23.78 -9.29
C HIS B 130 15.73 22.75 -8.78
N ARG B 131 16.98 23.13 -8.54
CA ARG B 131 17.98 22.21 -8.02
C ARG B 131 18.02 22.19 -6.50
N PHE B 132 17.13 22.92 -5.85
CA PHE B 132 17.05 22.95 -4.39
C PHE B 132 15.84 22.15 -3.92
N SER B 133 15.94 21.65 -2.69
CA SER B 133 14.83 20.89 -2.13
C SER B 133 13.60 21.78 -1.97
N SER B 134 12.44 21.13 -1.91
CA SER B 134 11.19 21.87 -1.88
C SER B 134 11.11 22.78 -0.67
N PHE B 135 11.38 22.24 0.52
CA PHE B 135 11.22 22.97 1.77
C PHE B 135 12.61 23.36 2.27
N SER B 136 13.04 24.59 1.93
CA SER B 136 14.33 25.10 2.39
C SER B 136 14.22 26.62 2.41
N TYR B 137 14.10 27.19 3.62
CA TYR B 137 13.88 28.61 3.80
C TYR B 137 15.08 29.24 4.49
N ALA B 138 15.06 30.58 4.56
CA ALA B 138 16.19 31.36 5.06
C ALA B 138 15.98 31.84 6.49
N TYR B 139 14.91 32.61 6.72
CA TYR B 139 14.61 33.15 8.07
C TYR B 139 13.34 32.48 8.57
N ARG B 140 13.16 32.38 9.88
CA ARG B 140 12.00 31.77 10.50
C ARG B 140 10.75 32.66 10.42
N ASN B 141 10.85 33.83 9.79
CA ASN B 141 9.69 34.71 9.58
C ASN B 141 9.29 34.78 8.11
N ASP B 142 9.82 33.89 7.27
CA ASP B 142 9.49 33.89 5.86
C ASP B 142 8.05 33.42 5.65
N ARG B 143 7.42 33.96 4.61
CA ARG B 143 6.03 33.66 4.29
C ARG B 143 5.85 32.32 3.60
N ASN B 144 6.91 31.75 3.03
CA ASN B 144 6.82 30.47 2.34
C ASN B 144 7.01 29.28 3.29
N VAL B 145 7.38 29.53 4.54
CA VAL B 145 7.51 28.45 5.51
C VAL B 145 6.17 27.82 5.84
N HIS B 146 5.08 28.57 5.72
CA HIS B 146 3.76 28.05 6.03
C HIS B 146 3.31 26.95 5.06
N PHE B 147 3.97 26.82 3.91
CA PHE B 147 3.73 25.68 3.05
C PHE B 147 4.27 24.38 3.63
N ALA B 148 5.34 24.46 4.43
CA ALA B 148 5.83 23.28 5.12
C ALA B 148 4.94 22.89 6.29
N ILE B 149 4.49 23.87 7.07
CA ILE B 149 3.62 23.56 8.21
C ILE B 149 2.35 22.89 7.75
N GLN B 150 1.85 23.25 6.56
CA GLN B 150 0.73 22.52 5.99
C GLN B 150 1.10 21.06 5.76
N ASP B 151 2.22 20.80 5.07
CA ASP B 151 2.56 19.44 4.72
C ASP B 151 2.62 18.55 5.95
N ILE B 152 3.39 18.96 6.96
CA ILE B 152 3.45 18.19 8.20
C ILE B 152 2.05 18.02 8.76
N SER B 153 1.27 19.10 8.81
CA SER B 153 -0.07 19.02 9.35
C SER B 153 -0.91 18.02 8.57
N VAL B 154 -0.69 17.95 7.25
CA VAL B 154 -1.48 17.03 6.43
C VAL B 154 -1.01 15.60 6.64
N ASP B 155 0.26 15.41 6.99
CA ASP B 155 0.80 14.07 7.19
C ASP B 155 0.50 13.57 8.60
N LEU B 156 0.75 14.39 9.61
CA LEU B 156 0.50 14.00 10.99
C LEU B 156 -0.93 13.47 11.11
N LYS B 157 -1.86 14.10 10.38
CA LYS B 157 -3.25 13.66 10.43
C LYS B 157 -3.45 12.34 9.70
N LYS B 158 -2.88 12.20 8.50
CA LYS B 158 -3.17 11.02 7.70
C LYS B 158 -2.47 9.79 8.26
N ASN B 159 -1.14 9.81 8.28
CA ASN B 159 -0.38 8.74 8.93
C ASN B 159 -0.38 9.02 10.42
N GLU B 160 -1.35 8.41 11.12
CA GLU B 160 -1.61 8.72 12.51
C GLU B 160 -0.43 8.44 13.43
N ARG B 161 0.61 7.77 12.94
CA ARG B 161 1.82 7.51 13.72
C ARG B 161 3.01 7.96 12.87
N THR B 162 3.53 9.14 13.18
CA THR B 162 4.61 9.75 12.41
C THR B 162 5.86 9.86 13.28
N PHE B 163 6.98 9.34 12.79
CA PHE B 163 8.24 9.49 13.49
C PHE B 163 8.93 10.79 13.06
N LEU B 164 9.38 11.57 14.04
CA LEU B 164 10.03 12.86 13.80
C LEU B 164 11.43 12.82 14.39
N ALA B 165 12.34 13.58 13.80
CA ALA B 165 13.69 13.75 14.33
C ALA B 165 14.16 15.16 13.99
N GLU B 166 13.96 16.09 14.92
CA GLU B 166 14.41 17.46 14.72
C GLU B 166 15.91 17.56 14.98
N PHE B 167 16.56 18.46 14.23
CA PHE B 167 18.01 18.60 14.28
C PHE B 167 18.36 20.08 14.40
N ASP B 168 19.64 20.36 14.63
CA ASP B 168 20.13 21.72 14.76
C ASP B 168 21.45 21.82 14.02
N PHE B 169 21.52 22.74 13.05
CA PHE B 169 22.70 22.89 12.19
C PHE B 169 23.50 24.15 12.53
N SER B 170 23.18 24.79 13.66
CA SER B 170 23.83 26.06 13.99
C SER B 170 25.35 25.91 14.01
N ASP B 171 25.86 24.94 14.77
CA ASP B 171 27.30 24.69 14.81
C ASP B 171 27.84 24.24 13.46
N PHE B 172 27.00 23.66 12.61
CA PHE B 172 27.45 23.19 11.31
C PHE B 172 27.67 24.36 10.36
N PHE B 173 26.62 25.15 10.12
CA PHE B 173 26.75 26.31 9.25
C PHE B 173 27.74 27.33 9.82
N GLY B 174 27.84 27.42 11.14
CA GLY B 174 28.70 28.42 11.74
C GLY B 174 30.17 28.23 11.42
N SER B 175 30.60 26.98 11.22
CA SER B 175 32.03 26.69 11.11
C SER B 175 32.32 25.66 10.01
N ILE B 176 31.55 25.68 8.92
CA ILE B 176 31.86 24.80 7.80
C ILE B 176 33.07 25.34 7.04
N SER B 177 33.97 24.44 6.65
CA SER B 177 35.18 24.83 5.95
C SER B 177 34.83 25.40 4.58
N HIS B 178 35.47 26.52 4.23
CA HIS B 178 35.19 27.17 2.96
C HIS B 178 35.56 26.30 1.77
N SER B 179 36.53 25.39 1.92
CA SER B 179 36.91 24.53 0.81
C SER B 179 35.73 23.64 0.41
N PHE B 180 35.03 23.08 1.39
CA PHE B 180 33.88 22.24 1.10
C PHE B 180 32.81 23.03 0.34
N LEU B 181 32.56 24.28 0.75
CA LEU B 181 31.68 25.16 0.00
C LEU B 181 32.17 25.33 -1.43
N ASN B 182 33.45 25.64 -1.61
CA ASN B 182 34.01 25.92 -2.92
C ASN B 182 34.08 24.69 -3.81
N GLU B 183 33.89 23.50 -3.25
CA GLU B 183 33.91 22.27 -4.04
C GLU B 183 32.57 21.92 -4.67
N GLN B 184 31.50 22.62 -4.31
CA GLN B 184 30.16 22.31 -4.81
C GLN B 184 29.72 23.24 -5.95
N PHE B 185 30.58 24.16 -6.38
CA PHE B 185 30.16 25.15 -7.36
C PHE B 185 29.81 24.56 -8.71
N ASN B 186 30.27 23.33 -9.00
CA ASN B 186 30.11 22.75 -10.32
C ASN B 186 29.55 21.34 -10.23
N GLU B 187 28.49 21.16 -9.44
CA GLU B 187 27.82 19.88 -9.32
C GLU B 187 26.32 20.09 -9.17
N ASN B 188 25.57 19.01 -9.45
CA ASN B 188 24.12 19.02 -9.34
C ASN B 188 23.49 19.98 -10.35
N GLY B 189 24.24 20.32 -11.40
CA GLY B 189 23.73 21.20 -12.43
C GLY B 189 23.42 22.59 -11.95
N PHE B 190 24.31 23.17 -11.15
CA PHE B 190 24.19 24.55 -10.71
C PHE B 190 24.74 25.46 -11.80
N TYR B 191 24.00 26.52 -12.13
CA TYR B 191 24.43 27.52 -13.09
C TYR B 191 24.94 28.74 -12.33
N ILE B 192 26.25 28.78 -12.11
CA ILE B 192 26.91 29.89 -11.44
C ILE B 192 27.88 30.53 -12.44
N SER B 193 27.65 31.80 -12.75
CA SER B 193 28.46 32.51 -13.72
C SER B 193 29.81 32.89 -13.12
N PRO B 194 30.82 33.21 -13.93
CA PRO B 194 32.12 33.58 -13.37
C PRO B 194 32.08 34.80 -12.47
N GLU B 195 31.21 35.78 -12.74
CA GLU B 195 31.10 36.94 -11.87
C GLU B 195 30.44 36.58 -10.55
N GLU B 196 29.36 35.79 -10.60
CA GLU B 196 28.70 35.36 -9.38
C GLU B 196 29.60 34.50 -8.53
N LYS B 197 30.42 33.65 -9.16
CA LYS B 197 31.38 32.86 -8.40
C LYS B 197 32.36 33.76 -7.67
N PHE B 198 32.86 34.80 -8.34
CA PHE B 198 33.79 35.72 -7.69
C PHE B 198 33.12 36.41 -6.50
N ILE B 199 31.87 36.83 -6.66
CA ILE B 199 31.18 37.52 -5.58
C ILE B 199 30.96 36.57 -4.40
N ILE B 200 30.56 35.33 -4.68
CA ILE B 200 30.41 34.34 -3.62
C ILE B 200 31.73 34.17 -2.88
N ARG B 201 32.82 34.05 -3.64
CA ARG B 201 34.12 33.85 -3.01
C ARG B 201 34.56 35.06 -2.20
N SER B 202 34.22 36.26 -2.64
CA SER B 202 34.54 37.45 -1.86
C SER B 202 33.78 37.45 -0.53
N PHE B 203 32.47 37.18 -0.59
CA PHE B 203 31.69 37.17 0.65
C PHE B 203 32.15 36.08 1.60
N LEU B 204 32.49 34.90 1.07
CA LEU B 204 33.01 33.83 1.92
C LEU B 204 34.42 34.10 2.40
N ARG B 205 35.20 34.88 1.65
CA ARG B 205 36.53 35.26 2.08
C ARG B 205 36.46 36.22 3.26
N GLU B 206 35.48 37.11 3.25
CA GLU B 206 35.30 38.02 4.39
C GLU B 206 35.09 37.23 5.69
N ARG B 207 34.22 36.23 5.66
CA ARG B 207 33.92 35.48 6.88
C ARG B 207 35.12 34.66 7.34
N LYS B 208 35.72 33.90 6.42
CA LYS B 208 36.88 33.03 6.66
C LYS B 208 36.53 31.77 7.45
N VAL B 209 35.32 31.65 7.99
CA VAL B 209 34.99 30.54 8.88
C VAL B 209 33.79 29.76 8.36
N GLY B 210 32.70 30.46 8.05
CA GLY B 210 31.48 29.76 7.69
C GLY B 210 30.46 30.71 7.10
N ILE B 211 29.30 30.14 6.78
CA ILE B 211 28.24 30.89 6.09
C ILE B 211 27.69 31.95 7.03
N PRO B 212 27.33 33.14 6.54
CA PRO B 212 26.62 34.10 7.39
C PRO B 212 25.24 33.58 7.78
N GLN B 213 24.67 34.18 8.81
CA GLN B 213 23.43 33.66 9.38
C GLN B 213 22.19 34.34 8.82
N GLY B 214 22.02 35.63 9.12
CA GLY B 214 20.83 36.37 8.72
C GLY B 214 20.98 37.20 7.46
N THR B 215 21.23 36.57 6.31
CA THR B 215 21.42 37.30 5.07
C THR B 215 20.82 36.50 3.91
N SER B 216 20.58 37.21 2.80
CA SER B 216 20.18 36.54 1.57
C SER B 216 21.21 35.53 1.10
N ILE B 217 22.49 35.74 1.44
CA ILE B 217 23.52 34.76 1.14
C ILE B 217 23.26 33.46 1.89
N SER B 218 22.64 33.55 3.07
CA SER B 218 22.51 32.39 3.94
C SER B 218 21.73 31.28 3.25
N LEU B 219 20.60 31.61 2.62
CA LEU B 219 19.78 30.58 2.01
C LEU B 219 20.51 29.85 0.90
N PHE B 220 21.11 30.61 -0.02
CA PHE B 220 21.78 29.98 -1.16
C PHE B 220 22.97 29.13 -0.69
N LEU B 221 23.83 29.70 0.15
CA LEU B 221 24.99 28.94 0.60
C LEU B 221 24.60 27.78 1.51
N ALA B 222 23.42 27.82 2.13
CA ALA B 222 22.94 26.66 2.87
C ALA B 222 22.42 25.57 1.94
N ASN B 223 21.77 25.97 0.85
CA ASN B 223 21.33 25.03 -0.17
C ASN B 223 22.47 24.58 -1.07
N LEU B 224 23.63 25.23 -0.99
CA LEU B 224 24.79 24.81 -1.75
C LEU B 224 25.69 23.84 -0.99
N THR B 225 25.60 23.81 0.34
CA THR B 225 26.32 22.84 1.14
C THR B 225 25.51 21.58 1.42
N CYS B 226 24.26 21.74 1.85
CA CYS B 226 23.41 20.58 2.10
C CYS B 226 22.62 20.22 0.86
N TRP B 227 23.30 20.03 -0.27
CA TRP B 227 22.64 19.54 -1.47
C TRP B 227 22.78 18.04 -1.66
N LYS B 228 23.87 17.45 -1.15
CA LYS B 228 24.04 16.01 -1.16
C LYS B 228 23.24 15.35 -0.04
N LEU B 229 23.24 15.92 1.16
CA LEU B 229 22.40 15.42 2.23
C LEU B 229 20.92 15.48 1.88
N ASP B 230 20.49 16.58 1.27
CA ASP B 230 19.13 16.69 0.80
C ASP B 230 18.79 15.56 -0.16
N GLN B 231 19.64 15.33 -1.16
CA GLN B 231 19.32 14.29 -2.14
C GLN B 231 19.29 12.91 -1.48
N ASP B 232 20.20 12.67 -0.53
CA ASP B 232 20.22 11.40 0.15
C ASP B 232 18.94 11.19 0.95
N LEU B 233 18.51 12.22 1.69
CA LEU B 233 17.28 12.10 2.47
C LEU B 233 16.07 11.92 1.58
N GLU B 234 16.00 12.60 0.43
CA GLU B 234 14.91 12.35 -0.49
C GLU B 234 14.95 10.92 -1.01
N ARG B 235 16.15 10.43 -1.34
CA ARG B 235 16.31 9.09 -1.87
C ARG B 235 15.90 8.03 -0.86
N GLU B 236 16.05 8.30 0.44
CA GLU B 236 15.57 7.35 1.44
C GLU B 236 14.05 7.43 1.61
N GLY B 237 13.43 8.54 1.21
CA GLY B 237 12.00 8.70 1.27
C GLY B 237 11.53 9.57 2.42
N VAL B 238 12.36 9.79 3.44
CA VAL B 238 11.98 10.62 4.56
C VAL B 238 11.78 12.05 4.08
N LYS B 239 10.69 12.67 4.53
CA LYS B 239 10.51 14.09 4.27
C LYS B 239 11.25 14.93 5.32
N PHE B 240 11.48 16.18 4.97
CA PHE B 240 12.31 17.09 5.77
C PHE B 240 11.89 18.53 5.52
N SER B 241 12.37 19.42 6.40
CA SER B 241 12.13 20.86 6.23
C SER B 241 13.13 21.61 7.12
N ARG B 242 13.97 22.43 6.48
CA ARG B 242 14.94 23.28 7.18
C ARG B 242 14.40 24.71 7.22
N TYR B 243 14.18 25.26 8.42
CA TYR B 243 13.64 26.62 8.47
C TYR B 243 14.75 27.65 8.30
N ALA B 244 15.62 27.79 9.30
CA ALA B 244 16.81 28.60 9.17
C ALA B 244 18.05 27.75 9.40
N ASP B 245 18.07 27.07 10.55
CA ASP B 245 19.12 26.12 10.89
C ASP B 245 18.56 24.80 11.41
N ASP B 246 17.38 24.83 12.04
CA ASP B 246 16.74 23.58 12.42
C ASP B 246 16.42 22.76 11.17
N THR B 247 16.25 21.46 11.35
CA THR B 247 15.93 20.56 10.26
C THR B 247 15.06 19.44 10.81
N ILE B 248 13.75 19.61 10.69
CA ILE B 248 12.84 18.53 11.07
C ILE B 248 12.86 17.48 9.97
N ILE B 249 12.76 16.22 10.38
CA ILE B 249 12.67 15.08 9.47
C ILE B 249 11.55 14.18 9.93
N TRP B 250 10.59 13.93 9.06
CA TRP B 250 9.42 13.12 9.39
C TRP B 250 9.17 12.07 8.32
N SER B 251 8.74 10.90 8.75
CA SER B 251 8.32 9.84 7.86
C SER B 251 7.49 8.84 8.65
N GLN B 252 6.77 7.98 7.93
CA GLN B 252 5.87 7.03 8.59
C GLN B 252 6.59 5.79 9.10
N GLU B 253 7.72 5.43 8.50
CA GLU B 253 8.39 4.17 8.78
C GLU B 253 9.57 4.37 9.70
N TYR B 254 9.68 3.52 10.72
CA TYR B 254 10.80 3.61 11.65
C TYR B 254 12.14 3.40 10.94
N SER B 255 12.19 2.43 10.02
CA SER B 255 13.46 2.12 9.36
C SER B 255 13.98 3.32 8.58
N LYS B 256 13.10 4.04 7.91
CA LYS B 256 13.55 5.18 7.11
C LYS B 256 14.11 6.29 7.98
N ILE B 257 13.49 6.58 9.13
CA ILE B 257 14.03 7.58 10.02
C ILE B 257 15.35 7.10 10.62
N CYS B 258 15.44 5.80 10.93
CA CYS B 258 16.69 5.27 11.44
C CYS B 258 17.81 5.44 10.43
N ASN B 259 17.52 5.21 9.16
CA ASN B 259 18.52 5.40 8.11
C ASN B 259 18.84 6.88 7.91
N ALA B 260 17.85 7.75 8.04
CA ALA B 260 18.10 9.19 7.92
C ALA B 260 19.00 9.71 9.02
N PHE B 261 18.84 9.17 10.24
CA PHE B 261 19.74 9.55 11.33
C PHE B 261 21.18 9.21 10.97
N ASN B 262 21.41 8.01 10.44
CA ASN B 262 22.75 7.60 10.04
C ASN B 262 23.26 8.46 8.89
N ILE B 263 22.38 8.82 7.95
CA ILE B 263 22.78 9.66 6.84
C ILE B 263 23.25 11.02 7.35
N ILE B 264 22.51 11.60 8.29
CA ILE B 264 22.92 12.90 8.85
C ILE B 264 24.23 12.77 9.60
N THR B 265 24.41 11.70 10.37
CA THR B 265 25.67 11.53 11.09
C THR B 265 26.83 11.42 10.11
N ASN B 266 26.64 10.64 9.03
CA ASN B 266 27.69 10.49 8.03
C ASN B 266 27.99 11.82 7.34
N PHE B 267 26.96 12.60 7.03
CA PHE B 267 27.19 13.90 6.42
C PHE B 267 27.95 14.83 7.36
N SER B 268 27.61 14.80 8.65
CA SER B 268 28.33 15.61 9.62
C SER B 268 29.80 15.20 9.68
N LYS B 269 30.06 13.90 9.68
CA LYS B 269 31.45 13.44 9.63
C LYS B 269 32.15 13.92 8.37
N SER B 270 31.49 13.81 7.22
CA SER B 270 32.10 14.21 5.96
C SER B 270 32.46 15.69 5.97
N ALA B 271 31.54 16.54 6.44
CA ALA B 271 31.84 17.97 6.51
C ALA B 271 32.87 18.27 7.59
N GLY B 272 33.09 17.33 8.51
CA GLY B 272 34.03 17.52 9.59
C GLY B 272 33.50 18.30 10.76
N ILE B 273 32.20 18.61 10.79
CA ILE B 273 31.61 19.37 11.88
C ILE B 273 30.51 18.52 12.49
N LYS B 274 30.05 18.89 13.69
CA LYS B 274 29.13 18.07 14.48
C LYS B 274 27.71 18.60 14.32
N ILE B 275 26.80 17.71 13.91
CA ILE B 275 25.37 17.99 13.89
C ILE B 275 24.73 17.20 15.02
N ASN B 276 24.00 17.89 15.88
CA ASN B 276 23.43 17.27 17.06
C ASN B 276 21.91 17.41 17.07
N PRO B 277 21.18 16.38 17.49
CA PRO B 277 19.71 16.48 17.51
C PRO B 277 19.25 17.53 18.51
N LYS B 278 18.32 18.38 18.07
CA LYS B 278 17.79 19.41 18.96
C LYS B 278 17.04 18.77 20.12
N LYS B 279 16.12 17.86 19.82
CA LYS B 279 15.47 17.09 20.88
C LYS B 279 16.53 16.33 21.67
N SER B 280 16.41 16.36 23.01
CA SER B 280 17.33 15.62 23.85
C SER B 280 17.41 14.17 23.40
N GLU B 281 16.25 13.57 23.13
CA GLU B 281 16.19 12.24 22.56
C GLU B 281 16.31 12.32 21.03
N GLY B 282 16.40 11.16 20.39
CA GLY B 282 16.48 11.09 18.94
C GLY B 282 15.10 10.97 18.32
N ILE B 283 14.80 9.81 17.72
CA ILE B 283 13.50 9.63 17.09
C ILE B 283 12.41 9.82 18.12
N SER B 284 11.28 10.37 17.68
CA SER B 284 10.15 10.68 18.58
C SER B 284 8.86 10.42 17.80
N LEU B 285 8.01 9.55 18.35
CA LEU B 285 6.75 9.25 17.70
C LEU B 285 5.69 10.26 18.13
N LEU B 286 5.09 10.94 17.14
CA LEU B 286 4.00 11.88 17.40
C LEU B 286 2.68 11.20 17.04
N THR B 287 2.16 10.45 18.00
CA THR B 287 0.92 9.72 17.82
C THR B 287 -0.28 10.56 18.29
N LYS B 288 -1.46 9.96 18.20
CA LYS B 288 -2.67 10.65 18.63
C LYS B 288 -2.57 11.01 20.10
N LYS B 289 -3.44 11.94 20.53
CA LYS B 289 -3.35 12.42 21.90
C LYS B 289 -3.64 11.31 22.90
N GLY B 290 -4.45 10.31 22.52
CA GLY B 290 -4.75 9.20 23.41
C GLY B 290 -4.03 7.93 23.01
N LEU B 291 -2.97 7.58 23.73
CA LEU B 291 -2.18 6.39 23.46
C LEU B 291 -1.08 6.28 24.51
N PRO B 292 -0.60 5.08 24.87
CA PRO B 292 0.50 4.96 25.82
C PRO B 292 1.83 5.35 25.21
N SER B 293 2.92 5.21 25.97
CA SER B 293 4.27 5.62 25.51
C SER B 293 5.00 4.45 24.86
N GLU B 294 5.95 4.74 23.97
CA GLU B 294 6.78 3.69 23.33
C GLU B 294 8.19 4.29 23.20
N ILE B 295 8.51 4.97 22.09
CA ILE B 295 9.82 5.66 22.02
C ILE B 295 9.65 6.99 22.75
N THR B 296 8.85 7.91 22.19
CA THR B 296 8.52 9.21 22.81
C THR B 296 7.01 9.31 22.92
N SER B 297 6.29 8.86 21.89
CA SER B 297 4.80 8.89 21.86
C SER B 297 4.33 10.28 22.27
N LYS B 298 5.02 11.34 21.81
CA LYS B 298 4.56 12.73 22.07
C LYS B 298 3.28 12.98 21.28
N ASN B 299 2.66 14.16 21.45
CA ASN B 299 1.42 14.51 20.78
C ASN B 299 1.43 15.96 20.34
N ASN B 300 2.53 16.68 20.53
CA ASN B 300 2.63 18.10 20.19
C ASN B 300 4.02 18.38 19.64
N LEU B 301 4.08 18.69 18.35
CA LEU B 301 5.27 19.22 17.73
C LEU B 301 5.13 20.73 17.58
N ASP B 302 6.24 21.44 17.80
CA ASP B 302 6.21 22.89 17.91
C ASP B 302 6.39 23.59 16.57
N PHE B 303 7.48 23.34 15.87
CA PHE B 303 7.81 24.10 14.66
C PHE B 303 7.90 25.57 15.06
N LEU B 304 7.23 26.48 14.33
CA LEU B 304 7.27 27.90 14.64
C LEU B 304 5.85 28.41 14.83
N GLY B 305 5.63 29.14 15.91
CA GLY B 305 4.33 29.74 16.19
C GLY B 305 3.17 28.78 15.99
N TYR B 306 3.38 27.52 16.31
CA TYR B 306 2.36 26.50 16.10
C TYR B 306 2.61 25.36 17.07
N THR B 307 1.62 24.49 17.21
CA THR B 307 1.76 23.23 17.96
C THR B 307 0.96 22.19 17.18
N LEU B 308 1.66 21.48 16.29
CA LEU B 308 1.00 20.49 15.44
C LEU B 308 0.73 19.21 16.22
N SER B 309 -0.39 18.57 15.89
CA SER B 309 -0.76 17.29 16.47
C SER B 309 -1.59 16.52 15.46
N VAL B 310 -1.72 15.21 15.70
CA VAL B 310 -2.48 14.36 14.79
C VAL B 310 -3.91 14.88 14.65
N GLU B 311 -4.40 15.62 15.64
CA GLU B 311 -5.79 16.04 15.65
C GLU B 311 -5.98 17.35 14.89
N ASN B 312 -5.22 18.38 15.25
CA ASN B 312 -5.41 19.71 14.68
C ASN B 312 -4.17 20.55 14.92
N VAL B 313 -4.11 21.68 14.23
CA VAL B 313 -3.05 22.66 14.40
C VAL B 313 -3.53 23.71 15.39
N SER B 314 -2.62 24.19 16.24
CA SER B 314 -2.99 25.13 17.28
C SER B 314 -1.82 26.08 17.54
N ILE B 315 -2.15 27.23 18.15
CA ILE B 315 -1.14 28.22 18.45
C ILE B 315 -0.23 27.72 19.57
N LYS B 316 1.07 27.92 19.41
CA LYS B 316 2.01 27.47 20.42
C LYS B 316 1.78 28.22 21.73
N GLU B 317 2.15 27.56 22.84
CA GLU B 317 1.85 28.09 24.16
C GLU B 317 2.50 29.45 24.38
N LYS B 318 3.76 29.59 23.97
CA LYS B 318 4.45 30.87 24.15
C LYS B 318 3.76 31.98 23.35
N SER B 319 3.33 31.67 22.13
CA SER B 319 2.63 32.68 21.34
C SER B 319 1.31 33.06 21.99
N VAL B 320 0.59 32.08 22.55
CA VAL B 320 -0.67 32.38 23.21
C VAL B 320 -0.42 33.27 24.41
N LYS B 321 0.62 32.98 25.20
CA LYS B 321 0.95 33.84 26.32
C LYS B 321 1.33 35.24 25.87
N LYS B 322 2.02 35.38 24.75
CA LYS B 322 2.34 36.71 24.23
C LYS B 322 1.09 37.47 23.80
N ILE B 323 0.15 36.78 23.15
CA ILE B 323 -1.11 37.43 22.79
C ILE B 323 -1.84 37.90 24.04
N LYS B 324 -1.89 37.06 25.07
CA LYS B 324 -2.50 37.47 26.32
C LYS B 324 -1.78 38.67 26.91
N LYS B 325 -0.45 38.66 26.87
CA LYS B 325 0.33 39.78 27.37
C LYS B 325 -0.05 41.07 26.67
N GLN B 326 -0.09 41.05 25.33
CA GLN B 326 -0.36 42.27 24.59
C GLN B 326 -1.78 42.78 24.86
N ILE B 327 -2.77 41.88 24.89
CA ILE B 327 -4.14 42.33 25.11
C ILE B 327 -4.30 42.89 26.51
N SER B 328 -3.82 42.15 27.52
CA SER B 328 -3.92 42.62 28.90
C SER B 328 -3.16 43.92 29.10
N TYR B 329 -2.04 44.10 28.42
CA TYR B 329 -1.28 45.33 28.56
C TYR B 329 -1.93 46.51 27.85
N ILE B 330 -2.61 46.27 26.73
CA ILE B 330 -3.41 47.33 26.13
C ILE B 330 -4.49 47.78 27.10
N LEU B 331 -5.19 46.83 27.71
CA LEU B 331 -6.22 47.20 28.68
C LEU B 331 -5.62 47.94 29.86
N TYR B 332 -4.48 47.47 30.37
CA TYR B 332 -3.85 48.13 31.51
C TYR B 332 -3.40 49.53 31.16
N ARG B 333 -2.85 49.72 29.96
CA ARG B 333 -2.45 51.06 29.54
C ARG B 333 -3.63 52.00 29.46
N ASN B 334 -4.70 51.58 28.78
CA ASN B 334 -5.79 52.51 28.49
C ASN B 334 -6.80 52.64 29.63
N LEU B 335 -6.76 51.77 30.64
CA LEU B 335 -7.75 51.81 31.70
C LEU B 335 -7.16 52.02 33.09
N ILE B 336 -6.08 51.32 33.43
CA ILE B 336 -5.59 51.30 34.80
C ILE B 336 -4.34 52.16 35.00
N GLN B 337 -3.36 52.09 34.10
CA GLN B 337 -2.09 52.76 34.35
C GLN B 337 -2.24 54.26 34.62
N PRO B 338 -3.03 55.02 33.85
CA PRO B 338 -3.12 56.46 34.14
C PRO B 338 -3.62 56.77 35.54
N LEU B 339 -4.52 55.93 36.07
CA LEU B 339 -5.08 56.19 37.39
C LEU B 339 -4.10 55.89 38.51
N LYS B 340 -3.07 55.09 38.26
CA LYS B 340 -2.07 54.78 39.26
C LYS B 340 -1.01 55.87 39.40
N LYS B 341 -1.01 56.87 38.53
CA LYS B 341 -0.05 57.96 38.64
C LYS B 341 -0.39 58.82 39.85
N THR B 342 0.64 59.48 40.40
CA THR B 342 0.48 60.21 41.66
C THR B 342 -0.48 61.40 41.54
N SER B 343 -0.74 61.90 40.34
CA SER B 343 -1.63 63.03 40.16
C SER B 343 -2.47 62.83 38.91
N LEU B 344 -3.77 63.07 39.04
CA LEU B 344 -4.70 63.00 37.92
C LEU B 344 -4.87 64.36 37.24
N ALA B 345 -3.76 64.95 36.81
CA ALA B 345 -3.78 66.27 36.18
C ALA B 345 -3.86 66.11 34.67
N GLY B 346 -4.91 66.66 34.08
CA GLY B 346 -5.05 66.64 32.63
C GLY B 346 -5.54 65.33 32.06
N GLN B 347 -6.15 64.48 32.86
CA GLN B 347 -6.70 63.20 32.41
C GLN B 347 -8.22 63.29 32.35
N THR B 348 -8.79 62.83 31.24
CA THR B 348 -10.24 62.81 31.09
C THR B 348 -10.81 61.71 31.98
N ILE B 349 -11.73 62.09 32.87
CA ILE B 349 -12.37 61.17 33.80
C ILE B 349 -13.71 60.76 33.22
N PRO B 350 -14.02 59.46 33.19
CA PRO B 350 -15.30 59.03 32.56
C PRO B 350 -16.48 59.68 33.26
N ALA B 351 -17.47 60.07 32.46
CA ALA B 351 -18.68 60.69 32.98
C ALA B 351 -19.73 60.69 31.89
N ASN B 352 -20.98 60.85 32.28
CA ASN B 352 -22.14 60.92 31.40
C ASN B 352 -22.33 59.61 30.63
N ASP B 353 -21.79 58.51 31.13
CA ASP B 353 -21.85 57.17 30.52
C ASP B 353 -20.88 57.04 29.36
N ARG B 354 -20.07 58.06 29.06
CA ARG B 354 -19.07 57.99 28.01
C ARG B 354 -17.71 57.76 28.65
N ASP B 355 -16.97 56.77 28.13
CA ASP B 355 -15.62 56.45 28.59
C ASP B 355 -14.74 56.35 27.35
N LYS B 356 -14.16 57.49 26.93
CA LYS B 356 -13.32 57.50 25.75
C LYS B 356 -12.15 56.52 25.90
N ASN B 357 -11.64 56.38 27.12
CA ASN B 357 -10.52 55.45 27.34
C ASN B 357 -10.93 54.01 27.04
N PHE B 358 -12.13 53.61 27.44
CA PHE B 358 -12.60 52.27 27.12
C PHE B 358 -12.74 52.07 25.62
N LEU B 359 -13.25 53.08 24.91
CA LEU B 359 -13.36 52.99 23.47
C LEU B 359 -11.98 52.83 22.84
N ILE B 360 -11.00 53.59 23.31
CA ILE B 360 -9.65 53.48 22.78
C ILE B 360 -9.10 52.09 23.03
N ALA B 361 -9.33 51.55 24.23
CA ALA B 361 -8.82 50.22 24.56
C ALA B 361 -9.42 49.17 23.63
N ILE B 362 -10.74 49.20 23.45
CA ILE B 362 -11.38 48.20 22.60
C ILE B 362 -10.93 48.36 21.16
N CYS B 363 -10.80 49.60 20.68
CA CYS B 363 -10.36 49.82 19.31
C CYS B 363 -8.95 49.29 19.09
N GLU B 364 -8.06 49.51 20.06
CA GLU B 364 -6.70 49.00 19.93
C GLU B 364 -6.67 47.48 19.98
N ILE B 365 -7.48 46.88 20.85
CA ILE B 365 -7.55 45.42 20.87
C ILE B 365 -8.02 44.89 19.51
N ARG B 366 -9.03 45.55 18.93
CA ARG B 366 -9.51 45.14 17.62
C ARG B 366 -8.43 45.26 16.57
N ARG B 367 -7.74 46.40 16.54
CA ARG B 367 -6.66 46.57 15.57
C ARG B 367 -5.59 45.50 15.75
N TYR B 368 -5.35 45.08 16.99
CA TYR B 368 -4.35 44.05 17.22
C TYR B 368 -4.79 42.67 16.76
N MET B 369 -6.06 42.30 16.97
CA MET B 369 -6.55 40.99 16.51
C MET B 369 -7.15 41.08 15.11
N TYR B 370 -8.23 41.84 14.94
CA TYR B 370 -8.89 41.88 13.64
C TYR B 370 -8.09 42.68 12.61
N GLY B 371 -7.53 43.81 13.04
CA GLY B 371 -6.91 44.74 12.12
C GLY B 371 -7.77 45.94 11.77
N GLY B 372 -8.91 46.10 12.43
CA GLY B 372 -9.85 47.16 12.13
C GLY B 372 -11.19 46.68 11.61
N LEU B 373 -11.28 45.42 11.19
CA LEU B 373 -12.54 44.88 10.69
C LEU B 373 -13.61 44.93 11.76
N SER B 374 -14.79 45.41 11.39
CA SER B 374 -15.95 45.26 12.25
C SER B 374 -16.61 43.90 11.98
N LYS B 375 -17.35 43.43 12.97
CA LYS B 375 -18.00 42.12 12.84
C LYS B 375 -18.97 42.07 11.67
N SER B 376 -19.57 43.21 11.31
CA SER B 376 -20.48 43.22 10.17
C SER B 376 -19.75 42.89 8.87
N GLN B 377 -18.55 43.44 8.69
CA GLN B 377 -17.79 43.14 7.48
C GLN B 377 -17.44 41.66 7.42
N ILE B 378 -17.04 41.07 8.55
CA ILE B 378 -16.68 39.66 8.55
C ILE B 378 -17.89 38.80 8.24
N LYS B 379 -19.03 39.12 8.84
CA LYS B 379 -20.25 38.37 8.52
C LYS B 379 -20.64 38.54 7.06
N ASP B 380 -20.46 39.73 6.51
CA ASP B 380 -20.78 39.96 5.11
C ASP B 380 -19.91 39.09 4.21
N TYR B 381 -18.61 39.03 4.51
CA TYR B 381 -17.73 38.15 3.75
C TYR B 381 -18.14 36.69 3.90
N LEU B 382 -18.50 36.27 5.12
CA LEU B 382 -18.89 34.89 5.34
C LEU B 382 -20.16 34.52 4.57
N SER B 383 -21.14 35.41 4.52
CA SER B 383 -22.38 35.12 3.81
C SER B 383 -22.18 35.08 2.30
N GLY B 384 -21.47 36.08 1.76
CA GLY B 384 -21.30 36.19 0.32
C GLY B 384 -21.59 37.59 -0.18
N ARG B 385 -22.11 38.44 0.70
CA ARG B 385 -22.41 39.81 0.29
C ARG B 385 -21.16 40.56 -0.16
N SER B 386 -20.03 40.29 0.48
CA SER B 386 -18.78 40.99 0.21
C SER B 386 -17.87 40.10 -0.62
N ASN B 387 -17.15 40.70 -1.57
CA ASN B 387 -16.23 39.94 -2.47
C ASN B 387 -14.83 39.89 -1.86
N ARG B 388 -14.43 40.91 -1.10
CA ARG B 388 -13.05 40.99 -0.57
C ARG B 388 -13.03 41.13 0.97
N LEU B 389 -11.97 40.66 1.61
CA LEU B 389 -11.80 40.79 3.08
C LEU B 389 -10.29 40.85 3.35
N TYR B 390 -9.79 41.93 3.95
CA TYR B 390 -8.37 42.10 4.20
C TYR B 390 -7.99 41.52 5.55
N PHE B 391 -6.92 40.73 5.58
CA PHE B 391 -6.46 40.05 6.79
C PHE B 391 -5.16 40.69 7.23
N LYS B 392 -5.21 41.48 8.31
CA LYS B 392 -4.02 42.15 8.84
C LYS B 392 -4.17 42.22 10.36
N GLY B 393 -3.55 41.27 11.04
CA GLY B 393 -3.65 41.21 12.48
C GLY B 393 -2.79 40.09 13.03
N ILE B 394 -2.86 39.93 14.36
CA ILE B 394 -2.13 38.85 15.00
C ILE B 394 -2.60 37.50 14.50
N MET B 395 -3.85 37.40 14.03
CA MET B 395 -4.37 36.17 13.45
C MET B 395 -3.98 36.00 11.99
N SER B 396 -3.36 37.01 11.39
CA SER B 396 -2.86 36.90 10.02
C SER B 396 -1.52 36.20 9.94
N PHE B 397 -0.83 36.01 11.07
CA PHE B 397 0.39 35.24 11.14
C PHE B 397 0.15 33.78 11.48
N TYR B 398 -1.09 33.38 11.72
CA TYR B 398 -1.44 31.98 12.01
C TYR B 398 -2.61 31.56 11.15
N PRO B 399 -2.45 31.57 9.82
CA PRO B 399 -3.57 31.18 8.96
C PRO B 399 -3.65 29.69 8.73
N LEU B 400 -3.43 28.90 9.79
CA LEU B 400 -3.60 27.46 9.68
C LEU B 400 -4.22 26.84 10.93
N VAL B 401 -4.80 27.65 11.82
CA VAL B 401 -5.26 27.18 13.11
C VAL B 401 -6.57 26.42 12.93
N ASN B 402 -6.53 25.11 13.12
CA ASN B 402 -7.72 24.28 13.08
C ASN B 402 -8.35 24.09 14.46
N ASP B 403 -7.70 24.57 15.51
CA ASP B 403 -8.18 24.35 16.87
C ASP B 403 -9.22 25.40 17.22
N VAL B 404 -10.49 24.98 17.30
CA VAL B 404 -11.56 25.90 17.64
C VAL B 404 -11.68 26.08 19.15
N GLU B 405 -11.40 25.04 19.94
CA GLU B 405 -11.54 25.14 21.39
C GLU B 405 -10.59 26.19 21.97
N GLN B 406 -9.37 26.23 21.46
CA GLN B 406 -8.40 27.20 21.97
C GLN B 406 -8.86 28.64 21.71
N LEU B 407 -9.40 28.90 20.52
CA LEU B 407 -9.90 30.24 20.23
C LEU B 407 -11.10 30.57 21.11
N LYS B 408 -11.97 29.60 21.38
CA LYS B 408 -13.09 29.82 22.28
C LYS B 408 -12.61 30.20 23.67
N GLN B 409 -11.64 29.45 24.20
CA GLN B 409 -11.12 29.75 25.52
C GLN B 409 -10.46 31.12 25.53
N LEU B 410 -9.74 31.48 24.46
CA LEU B 410 -9.07 32.76 24.42
C LEU B 410 -10.08 33.91 24.37
N ASP B 411 -11.20 33.72 23.65
CA ASP B 411 -12.26 34.73 23.64
C ASP B 411 -12.86 34.91 25.04
N GLY B 412 -13.15 33.79 25.71
CA GLY B 412 -13.65 33.89 27.07
C GLY B 412 -12.66 34.61 27.97
N TRP B 413 -11.36 34.34 27.78
CA TRP B 413 -10.33 35.03 28.53
C TRP B 413 -10.38 36.54 28.27
N ILE B 414 -10.52 36.93 27.01
CA ILE B 414 -10.62 38.35 26.68
C ILE B 414 -11.77 38.98 27.43
N VAL B 415 -12.94 38.33 27.41
CA VAL B 415 -14.10 38.92 28.06
C VAL B 415 -13.87 39.04 29.56
N SER B 416 -13.37 37.98 30.19
CA SER B 416 -13.16 38.02 31.64
C SER B 416 -12.13 39.08 32.03
N VAL B 417 -11.05 39.18 31.25
CA VAL B 417 -10.03 40.17 31.55
C VAL B 417 -10.59 41.57 31.42
N ILE B 418 -11.40 41.81 30.39
CA ILE B 418 -12.03 43.13 30.26
C ILE B 418 -12.89 43.44 31.47
N TYR B 419 -13.69 42.46 31.91
CA TYR B 419 -14.55 42.69 33.07
C TYR B 419 -13.73 43.04 34.30
N ARG B 420 -12.67 42.26 34.57
CA ARG B 420 -11.87 42.51 35.77
C ARG B 420 -11.16 43.85 35.69
N ALA B 421 -10.64 44.21 34.52
CA ALA B 421 -9.95 45.49 34.38
C ALA B 421 -10.92 46.64 34.61
N LEU B 422 -12.14 46.53 34.08
CA LEU B 422 -13.12 47.59 34.31
C LEU B 422 -13.47 47.69 35.79
N LYS B 423 -13.59 46.54 36.48
CA LYS B 423 -13.87 46.57 37.91
C LYS B 423 -12.76 47.29 38.66
N LEU B 424 -11.50 46.96 38.35
CA LEU B 424 -10.39 47.62 39.04
C LEU B 424 -10.35 49.11 38.71
N ARG B 425 -10.66 49.48 37.46
CA ARG B 425 -10.70 50.89 37.09
C ARG B 425 -11.76 51.62 37.90
N CYS B 426 -12.94 51.02 38.06
CA CYS B 426 -13.99 51.64 38.87
C CYS B 426 -13.52 51.80 40.31
N GLN B 427 -12.86 50.78 40.87
CA GLN B 427 -12.39 50.88 42.24
C GLN B 427 -11.38 52.03 42.38
N LEU B 428 -10.44 52.13 41.45
CA LEU B 428 -9.45 53.19 41.53
C LEU B 428 -10.09 54.57 41.37
N LEU B 429 -11.03 54.69 40.45
CA LEU B 429 -11.73 55.96 40.27
C LEU B 429 -12.44 56.37 41.55
N SER B 430 -13.12 55.41 42.19
CA SER B 430 -13.76 55.72 43.46
C SER B 430 -12.74 56.13 44.51
N LYS B 431 -11.60 55.44 44.57
CA LYS B 431 -10.56 55.80 45.53
C LYS B 431 -10.04 57.21 45.27
N TRP B 432 -10.06 57.67 44.02
CA TRP B 432 -9.65 59.03 43.72
C TRP B 432 -10.73 60.06 44.00
N GLY B 433 -11.92 59.64 44.41
CA GLY B 433 -13.00 60.54 44.73
C GLY B 433 -14.06 60.67 43.66
N TYR B 434 -13.76 60.25 42.43
CA TYR B 434 -14.73 60.29 41.33
C TYR B 434 -15.46 58.95 41.31
N ASN B 435 -16.68 58.94 41.85
CA ASN B 435 -17.46 57.71 42.00
C ASN B 435 -18.30 57.50 40.74
N ARG B 436 -17.92 56.51 39.95
CA ARG B 436 -18.69 56.09 38.77
C ARG B 436 -18.82 54.57 38.83
N SER B 437 -19.96 54.11 39.38
CA SER B 437 -20.24 52.69 39.44
C SER B 437 -21.63 52.38 38.90
N HIS B 438 -22.21 53.28 38.11
CA HIS B 438 -23.53 53.10 37.52
C HIS B 438 -23.56 53.44 36.05
N ASN B 439 -22.41 53.68 35.43
CA ASN B 439 -22.33 54.08 34.04
C ASN B 439 -22.22 52.85 33.14
N PHE B 440 -22.18 53.10 31.84
CA PHE B 440 -22.15 52.02 30.86
C PHE B 440 -20.97 51.08 31.04
N PRO B 441 -19.73 51.55 31.17
CA PRO B 441 -18.62 50.59 31.29
C PRO B 441 -18.71 49.69 32.51
N PHE B 442 -19.22 50.22 33.63
CA PHE B 442 -19.17 49.52 34.90
C PHE B 442 -20.50 48.88 35.29
N ILE B 443 -21.54 49.03 34.47
CA ILE B 443 -22.83 48.40 34.75
C ILE B 443 -22.85 46.96 34.25
N LEU B 444 -22.01 46.63 33.27
CA LEU B 444 -21.99 45.29 32.70
C LEU B 444 -21.38 44.31 33.70
N ASP B 445 -21.81 43.05 33.64
CA ASP B 445 -21.53 42.06 34.69
C ASP B 445 -21.08 40.73 34.08
N ARG B 446 -20.21 40.81 33.08
CA ARG B 446 -19.47 39.64 32.58
C ARG B 446 -20.35 38.66 31.82
N GLU B 447 -21.67 38.89 31.83
CA GLU B 447 -22.59 38.08 31.03
C GLU B 447 -23.41 38.92 30.08
N ASP B 448 -23.50 40.23 30.33
CA ASP B 448 -24.13 41.16 29.41
C ASP B 448 -23.09 42.07 28.75
N ILE B 449 -21.81 41.91 29.09
CA ILE B 449 -20.79 42.79 28.55
C ILE B 449 -20.74 42.70 27.04
N VAL B 450 -20.74 41.48 26.49
CA VAL B 450 -20.69 41.33 25.04
C VAL B 450 -21.94 41.92 24.40
N ASP B 451 -23.11 41.58 24.93
CA ASP B 451 -24.36 42.05 24.35
C ASP B 451 -24.48 43.56 24.44
N LYS B 452 -24.30 44.11 25.63
CA LYS B 452 -24.45 45.55 25.81
C LYS B 452 -23.44 46.31 24.97
N CYS B 453 -22.20 45.82 24.92
CA CYS B 453 -21.20 46.46 24.06
C CYS B 453 -21.62 46.41 22.59
N SER B 454 -22.15 45.27 22.14
CA SER B 454 -22.55 45.13 20.75
C SER B 454 -23.68 46.09 20.40
N LYS B 455 -24.68 46.20 21.27
CA LYS B 455 -25.81 47.08 21.00
C LYS B 455 -25.34 48.54 20.93
N LYS B 456 -24.45 48.94 21.82
CA LYS B 456 -23.96 50.32 21.83
C LYS B 456 -23.34 50.68 20.49
N THR B 457 -23.67 51.87 19.99
CA THR B 457 -23.19 52.35 18.70
C THR B 457 -22.65 53.76 18.84
N ILE B 458 -21.62 54.07 18.06
CA ILE B 458 -21.00 55.40 18.04
C ILE B 458 -20.91 55.86 16.60
N ALA B 459 -21.32 57.11 16.35
CA ALA B 459 -21.26 57.71 15.02
C ALA B 459 -21.97 56.85 13.98
N GLY B 460 -23.00 56.13 14.40
CA GLY B 460 -23.73 55.27 13.50
C GLY B 460 -23.06 53.95 13.18
N ARG B 461 -21.91 53.67 13.79
CA ARG B 461 -21.20 52.42 13.57
C ARG B 461 -20.82 51.82 14.93
N LYS B 462 -21.12 50.53 15.10
CA LYS B 462 -20.77 49.85 16.34
C LYS B 462 -19.27 49.90 16.56
N LEU B 463 -18.86 50.54 17.65
CA LEU B 463 -17.45 50.70 17.97
C LEU B 463 -17.10 50.15 19.35
N PHE B 464 -17.99 49.39 19.98
CA PHE B 464 -17.73 48.79 21.29
C PHE B 464 -17.78 47.28 21.29
N GLU B 465 -18.19 46.64 20.20
CA GLU B 465 -18.34 45.19 20.19
C GLU B 465 -17.04 44.53 20.62
N ILE B 466 -17.15 43.54 21.51
CA ILE B 466 -15.97 42.85 22.01
C ILE B 466 -15.40 41.96 20.90
N PRO B 467 -14.16 42.15 20.46
CA PRO B 467 -13.62 41.31 19.38
C PRO B 467 -13.56 39.84 19.76
N SER B 468 -13.71 38.99 18.75
CA SER B 468 -13.77 37.54 18.93
C SER B 468 -12.83 36.87 17.94
N PHE B 469 -11.98 35.98 18.46
CA PHE B 469 -11.06 35.25 17.60
C PHE B 469 -11.79 34.26 16.69
N LEU B 470 -12.87 33.66 17.17
CA LEU B 470 -13.54 32.60 16.43
C LEU B 470 -14.12 33.09 15.11
N LEU B 471 -14.68 34.31 15.10
CA LEU B 471 -15.27 34.85 13.88
C LEU B 471 -14.21 35.06 12.80
N ILE B 472 -13.10 35.70 13.17
CA ILE B 472 -12.03 35.91 12.21
C ILE B 472 -11.40 34.59 11.80
N HIS B 473 -11.44 33.58 12.67
CA HIS B 473 -10.95 32.27 12.29
C HIS B 473 -11.86 31.61 11.26
N LYS B 474 -13.17 31.76 11.42
CA LYS B 474 -14.09 31.32 10.37
C LYS B 474 -13.79 32.04 9.06
N ALA B 475 -13.56 33.34 9.13
CA ALA B 475 -13.24 34.10 7.92
C ALA B 475 -11.96 33.62 7.28
N LEU B 476 -10.95 33.30 8.08
CA LEU B 476 -9.69 32.79 7.54
C LEU B 476 -9.87 31.43 6.90
N GLN B 477 -10.66 30.56 7.52
CA GLN B 477 -10.91 29.26 6.90
C GLN B 477 -11.60 29.43 5.55
N LYS B 478 -12.57 30.35 5.47
CA LYS B 478 -13.19 30.60 4.18
C LYS B 478 -12.20 31.18 3.18
N GLY B 479 -11.35 32.11 3.62
CA GLY B 479 -10.42 32.75 2.71
C GLY B 479 -9.37 31.80 2.16
N LEU B 480 -8.84 30.92 3.01
CA LEU B 480 -7.83 29.97 2.55
C LEU B 480 -8.38 29.04 1.47
N GLN B 481 -9.67 28.77 1.48
CA GLN B 481 -10.30 27.92 0.50
C GLN B 481 -10.68 28.68 -0.77
N GLU B 482 -10.37 29.97 -0.85
CA GLU B 482 -10.66 30.78 -2.02
C GLU B 482 -9.45 31.52 -2.58
N SER B 483 -8.41 31.73 -1.78
CA SER B 483 -7.26 32.51 -2.23
C SER B 483 -5.95 31.79 -1.96
N GLY B 484 -5.96 30.80 -1.07
CA GLY B 484 -4.76 30.07 -0.75
C GLY B 484 -3.94 30.76 0.33
N ILE B 485 -2.95 30.02 0.84
CA ILE B 485 -2.10 30.55 1.90
C ILE B 485 -1.35 31.78 1.41
N GLU B 486 -0.83 31.73 0.19
CA GLU B 486 0.00 32.81 -0.32
C GLU B 486 -0.75 34.13 -0.32
N LYS B 487 -1.93 34.17 -0.91
CA LYS B 487 -2.69 35.42 -1.00
C LYS B 487 -3.14 35.90 0.37
N ILE B 488 -3.60 35.00 1.23
CA ILE B 488 -4.01 35.40 2.57
C ILE B 488 -2.85 36.02 3.32
N MET B 489 -1.66 35.43 3.21
CA MET B 489 -0.49 35.95 3.91
C MET B 489 -0.05 37.29 3.33
N ASN B 490 0.04 37.37 2.00
CA ASN B 490 0.52 38.59 1.35
C ASN B 490 -0.62 39.22 0.55
N PRO B 491 -1.49 40.01 1.19
CA PRO B 491 -2.61 40.61 0.46
C PRO B 491 -2.18 41.58 -0.62
N GLN B 492 -0.96 42.12 -0.55
CA GLN B 492 -0.52 43.08 -1.56
C GLN B 492 -0.55 42.48 -2.96
N SER B 493 -0.36 41.17 -3.08
CA SER B 493 -0.34 40.54 -4.39
C SER B 493 -1.66 40.75 -5.12
N LEU B 494 -1.58 41.13 -6.39
CA LEU B 494 -2.76 41.33 -7.23
C LEU B 494 -2.58 40.65 -8.58
N MET C 1 -36.73 -32.56 -4.14
CA MET C 1 -35.59 -31.60 -4.15
C MET C 1 -34.60 -31.95 -3.04
N LYS C 2 -33.32 -32.03 -3.39
CA LYS C 2 -32.31 -32.35 -2.39
C LYS C 2 -32.21 -31.27 -1.32
N LEU C 3 -32.33 -30.02 -1.74
CA LEU C 3 -32.24 -28.90 -0.78
C LEU C 3 -33.28 -29.04 0.32
N GLU C 4 -34.49 -29.45 -0.05
CA GLU C 4 -35.55 -29.62 0.95
C GLU C 4 -35.16 -30.68 1.97
N GLN C 5 -34.61 -31.81 1.50
CA GLN C 5 -34.20 -32.86 2.43
C GLN C 5 -33.10 -32.38 3.35
N GLN C 6 -32.12 -31.66 2.80
CA GLN C 6 -31.02 -31.15 3.62
C GLN C 6 -31.55 -30.20 4.69
N ILE C 7 -32.43 -29.28 4.30
CA ILE C 7 -32.97 -28.32 5.25
C ILE C 7 -33.76 -29.05 6.33
N GLN C 8 -34.57 -30.02 5.92
CA GLN C 8 -35.32 -30.82 6.89
C GLN C 8 -34.37 -31.45 7.91
N ARG C 9 -33.31 -32.09 7.42
CA ARG C 9 -32.39 -32.77 8.32
C ARG C 9 -31.76 -31.80 9.30
N VAL C 10 -31.26 -30.67 8.80
CA VAL C 10 -30.56 -29.73 9.67
C VAL C 10 -31.51 -29.14 10.72
N ILE C 11 -32.70 -28.74 10.29
CA ILE C 11 -33.66 -28.15 11.22
C ILE C 11 -34.05 -29.16 12.29
N LEU C 12 -34.32 -30.40 11.88
CA LEU C 12 -34.67 -31.43 12.86
C LEU C 12 -33.53 -31.67 13.84
N GLU C 13 -32.29 -31.68 13.34
CA GLU C 13 -31.15 -31.90 14.22
C GLU C 13 -31.05 -30.80 15.27
N GLU C 14 -31.15 -29.54 14.84
CA GLU C 14 -31.07 -28.45 15.82
C GLU C 14 -32.23 -28.50 16.82
N ALA C 15 -33.43 -28.75 16.33
CA ALA C 15 -34.58 -28.80 17.24
C ALA C 15 -34.42 -29.90 18.27
N LYS C 16 -33.97 -31.08 17.83
CA LYS C 16 -33.76 -32.18 18.77
C LYS C 16 -32.65 -31.86 19.75
N ALA C 17 -31.57 -31.21 19.31
CA ALA C 17 -30.50 -30.85 20.22
C ALA C 17 -31.01 -29.91 21.31
N LEU C 18 -31.74 -28.86 20.91
CA LEU C 18 -32.25 -27.92 21.91
C LEU C 18 -33.25 -28.59 22.85
N ILE C 19 -34.09 -29.48 22.32
CA ILE C 19 -35.05 -30.17 23.17
C ILE C 19 -34.33 -31.05 24.19
N LYS C 20 -33.28 -31.76 23.74
CA LYS C 20 -32.49 -32.56 24.66
C LYS C 20 -31.86 -31.69 25.73
N ASP C 21 -31.34 -30.52 25.35
CA ASP C 21 -30.75 -29.63 26.31
C ASP C 21 -31.77 -29.18 27.35
N TYR C 22 -32.98 -28.84 26.92
CA TYR C 22 -34.01 -28.44 27.88
C TYR C 22 -34.43 -29.57 28.80
N HIS C 23 -34.53 -30.80 28.27
CA HIS C 23 -34.87 -31.93 29.13
C HIS C 23 -33.79 -32.17 30.18
N GLU C 24 -32.52 -32.10 29.76
CA GLU C 24 -31.43 -32.20 30.73
C GLU C 24 -31.52 -31.09 31.76
N TYR C 25 -31.87 -29.87 31.31
CA TYR C 25 -32.01 -28.77 32.25
C TYR C 25 -33.03 -29.08 33.33
N HIS C 26 -34.23 -29.51 32.95
CA HIS C 26 -35.26 -29.73 33.95
C HIS C 26 -34.90 -30.90 34.87
N ASN C 27 -34.31 -31.97 34.30
CA ASN C 27 -33.92 -33.10 35.15
C ASN C 27 -32.86 -32.69 36.15
N ARG C 28 -31.86 -31.91 35.70
CA ARG C 28 -30.82 -31.43 36.59
C ARG C 28 -31.41 -30.54 37.68
N VAL C 29 -32.35 -29.67 37.31
CA VAL C 29 -32.96 -28.80 38.30
C VAL C 29 -33.69 -29.62 39.35
N HIS C 30 -34.43 -30.64 38.93
CA HIS C 30 -35.12 -31.49 39.90
C HIS C 30 -34.15 -32.19 40.82
N LEU C 31 -33.06 -32.75 40.28
CA LEU C 31 -32.10 -33.45 41.13
C LEU C 31 -31.45 -32.49 42.13
N GLU C 32 -31.09 -31.30 41.66
CA GLU C 32 -30.50 -30.31 42.57
C GLU C 32 -31.50 -29.88 43.63
N SER C 33 -32.78 -29.78 43.26
CA SER C 33 -33.80 -29.46 44.26
C SER C 33 -33.90 -30.56 45.31
N VAL C 34 -33.85 -31.82 44.87
CA VAL C 34 -33.91 -32.93 45.82
C VAL C 34 -32.73 -32.85 46.79
N ARG C 35 -31.54 -32.60 46.26
CA ARG C 35 -30.37 -32.45 47.13
C ARG C 35 -30.54 -31.25 48.08
N ASN C 36 -31.07 -30.14 47.56
CA ASN C 36 -31.21 -28.93 48.38
C ASN C 36 -32.15 -29.18 49.55
N LYS C 37 -33.27 -29.86 49.31
CA LYS C 37 -34.20 -30.14 50.39
C LYS C 37 -33.54 -30.97 51.48
N LYS C 38 -32.55 -31.78 51.13
CA LYS C 38 -31.81 -32.58 52.10
C LYS C 38 -30.64 -31.84 52.72
N ARG C 39 -30.34 -30.62 52.23
CA ARG C 39 -29.24 -29.81 52.76
C ARG C 39 -29.76 -28.69 53.64
N LEU C 40 -30.67 -27.86 53.12
CA LEU C 40 -31.23 -26.74 53.88
C LEU C 40 -32.40 -27.16 54.75
N GLY C 41 -32.79 -28.42 54.73
CA GLY C 41 -33.91 -28.90 55.54
C GLY C 41 -35.24 -28.49 54.93
N ASP C 42 -36.09 -27.86 55.73
CA ASP C 42 -37.40 -27.41 55.28
C ASP C 42 -37.42 -25.93 54.89
N SER C 43 -36.27 -25.26 54.93
CA SER C 43 -36.17 -23.86 54.55
C SER C 43 -35.74 -23.67 53.11
N ALA C 44 -35.59 -24.76 52.36
CA ALA C 44 -35.14 -24.65 50.97
C ALA C 44 -36.24 -24.02 50.12
N PRO C 45 -35.89 -23.14 49.18
CA PRO C 45 -36.90 -22.62 48.27
C PRO C 45 -37.41 -23.70 47.34
N ASP C 46 -38.66 -23.51 46.89
CA ASP C 46 -39.32 -24.50 46.07
C ASP C 46 -38.74 -24.50 44.64
N LYS C 47 -39.12 -25.52 43.88
CA LYS C 47 -38.56 -25.74 42.56
C LYS C 47 -39.15 -24.75 41.55
N LYS C 48 -38.27 -24.14 40.77
CA LYS C 48 -38.65 -23.17 39.73
C LYS C 48 -38.05 -23.62 38.40
N ILE C 49 -38.91 -23.98 37.45
CA ILE C 49 -38.47 -24.31 36.11
C ILE C 49 -38.71 -23.10 35.21
N HIS C 50 -37.68 -22.68 34.48
CA HIS C 50 -37.76 -21.53 33.59
C HIS C 50 -37.60 -21.97 32.15
N ARG C 51 -38.35 -21.31 31.25
CA ARG C 51 -38.12 -21.41 29.83
C ARG C 51 -37.42 -20.16 29.35
N PRO C 52 -36.48 -20.26 28.41
CA PRO C 52 -35.79 -19.05 27.93
C PRO C 52 -36.80 -18.00 27.48
N ASN C 53 -36.60 -16.75 27.90
CA ASN C 53 -37.56 -15.70 27.61
C ASN C 53 -37.73 -15.43 26.13
N TYR C 54 -36.76 -15.83 25.30
CA TYR C 54 -36.83 -15.63 23.87
C TYR C 54 -37.54 -16.77 23.15
N TRP C 55 -38.09 -17.73 23.88
CA TRP C 55 -38.96 -18.75 23.29
C TRP C 55 -40.38 -18.25 23.08
N SER C 56 -40.70 -17.05 23.55
CA SER C 56 -42.02 -16.46 23.36
C SER C 56 -42.02 -15.27 22.42
N PHE C 57 -40.86 -14.66 22.19
CA PHE C 57 -40.80 -13.53 21.25
C PHE C 57 -41.31 -13.94 19.87
N ASP C 58 -41.02 -15.17 19.44
CA ASP C 58 -41.49 -15.68 18.17
C ASP C 58 -41.70 -17.17 18.29
N LYS C 59 -42.78 -17.67 17.68
CA LYS C 59 -43.11 -19.09 17.81
C LYS C 59 -42.01 -19.99 17.27
N LYS C 60 -41.19 -19.51 16.34
CA LYS C 60 -40.13 -20.32 15.75
C LYS C 60 -38.91 -20.44 16.67
N PHE C 61 -38.75 -19.54 17.63
CA PHE C 61 -37.69 -19.69 18.63
C PHE C 61 -37.91 -20.90 19.52
N ASP C 62 -39.12 -21.47 19.54
CA ASP C 62 -39.43 -22.61 20.41
C ASP C 62 -38.97 -23.89 19.72
N PRO C 63 -38.03 -24.64 20.31
CA PRO C 63 -37.66 -25.92 19.69
C PRO C 63 -38.82 -26.88 19.57
N PHE C 64 -39.75 -26.84 20.52
CA PHE C 64 -40.89 -27.76 20.47
C PHE C 64 -41.80 -27.46 19.30
N TYR C 65 -42.05 -26.17 19.03
CA TYR C 65 -42.89 -25.82 17.89
C TYR C 65 -42.19 -26.15 16.57
N VAL C 66 -40.91 -25.81 16.46
CA VAL C 66 -40.20 -26.05 15.21
C VAL C 66 -40.16 -27.53 14.86
N LYS C 67 -40.01 -28.41 15.84
CA LYS C 67 -40.09 -29.84 15.57
C LYS C 67 -41.46 -30.27 15.07
N SER C 68 -42.51 -29.52 15.41
CA SER C 68 -43.84 -29.90 14.97
C SER C 68 -44.02 -29.66 13.48
N ASN C 69 -43.51 -28.53 12.97
CA ASN C 69 -43.69 -28.13 11.58
C ASN C 69 -42.36 -28.04 10.84
N TYR C 70 -41.43 -28.93 11.15
CA TYR C 70 -40.14 -28.90 10.47
C TYR C 70 -40.30 -29.20 8.99
N LYS C 71 -41.21 -30.12 8.65
CA LYS C 71 -41.46 -30.43 7.24
C LYS C 71 -41.98 -29.19 6.50
N SER C 72 -43.02 -28.54 7.06
CA SER C 72 -43.59 -27.37 6.41
C SER C 72 -42.58 -26.24 6.31
N ILE C 73 -41.82 -26.00 7.38
CA ILE C 73 -40.82 -24.94 7.37
C ILE C 73 -39.77 -25.24 6.31
N ALA C 74 -39.33 -26.49 6.22
CA ALA C 74 -38.34 -26.84 5.19
C ALA C 74 -38.89 -26.62 3.80
N ARG C 75 -40.14 -27.03 3.56
CA ARG C 75 -40.74 -26.83 2.24
C ARG C 75 -40.78 -25.35 1.88
N SER C 76 -41.28 -24.53 2.81
CA SER C 76 -41.41 -23.10 2.53
C SER C 76 -40.05 -22.46 2.31
N ILE C 77 -39.06 -22.82 3.12
CA ILE C 77 -37.74 -22.23 2.99
C ILE C 77 -37.09 -22.64 1.68
N ALA C 78 -37.27 -23.91 1.28
CA ALA C 78 -36.73 -24.35 -0.01
C ALA C 78 -37.37 -23.59 -1.15
N ASN C 79 -38.70 -23.44 -1.12
CA ASN C 79 -39.37 -22.70 -2.19
C ASN C 79 -38.91 -21.25 -2.23
N LYS C 80 -38.75 -20.61 -1.07
CA LYS C 80 -38.31 -19.23 -1.02
C LYS C 80 -36.85 -19.06 -1.42
N ILE C 81 -36.01 -20.08 -1.20
CA ILE C 81 -34.63 -20.03 -1.67
C ILE C 81 -34.51 -20.24 -3.17
N GLU C 82 -35.31 -21.15 -3.74
CA GLU C 82 -35.32 -21.32 -5.19
C GLU C 82 -36.00 -20.16 -5.90
N ASN C 83 -36.99 -19.53 -5.26
CA ASN C 83 -37.64 -18.35 -5.83
C ASN C 83 -36.82 -17.08 -5.62
N ARG C 84 -35.74 -17.15 -4.85
CA ARG C 84 -34.91 -15.98 -4.56
C ARG C 84 -35.71 -14.91 -3.83
N THR C 85 -36.55 -15.33 -2.89
CA THR C 85 -37.36 -14.44 -2.07
C THR C 85 -37.26 -14.83 -0.61
N TYR C 86 -36.06 -15.17 -0.16
CA TYR C 86 -35.82 -15.63 1.20
C TYR C 86 -35.09 -14.56 1.99
N LEU C 87 -35.64 -14.22 3.16
CA LEU C 87 -35.00 -13.30 4.09
C LEU C 87 -35.11 -13.88 5.49
N PRO C 88 -34.01 -14.05 6.21
CA PRO C 88 -34.11 -14.59 7.57
C PRO C 88 -34.81 -13.61 8.50
N ASN C 89 -35.66 -14.15 9.37
CA ASN C 89 -36.41 -13.31 10.29
C ASN C 89 -35.48 -12.55 11.22
N GLU C 90 -36.04 -11.60 11.94
CA GLU C 90 -35.24 -10.76 12.82
C GLU C 90 -34.57 -11.62 13.90
N PRO C 91 -33.28 -11.43 14.15
CA PRO C 91 -32.66 -12.12 15.29
C PRO C 91 -32.91 -11.37 16.59
N PHE C 92 -32.96 -12.14 17.68
CA PHE C 92 -33.13 -11.57 19.00
C PHE C 92 -31.78 -11.04 19.45
N THR C 93 -31.67 -9.73 19.59
CA THR C 93 -30.40 -9.06 19.88
C THR C 93 -30.39 -8.59 21.32
N LYS C 94 -29.32 -8.91 22.04
CA LYS C 94 -29.13 -8.49 23.42
C LYS C 94 -27.74 -7.85 23.53
N ASP C 95 -27.67 -6.68 24.15
CA ASP C 95 -26.43 -5.95 24.28
C ASP C 95 -25.82 -6.24 25.65
N VAL C 96 -24.69 -6.94 25.66
CA VAL C 96 -23.99 -7.29 26.89
C VAL C 96 -22.83 -6.30 27.08
N PRO C 97 -22.78 -5.55 28.17
CA PRO C 97 -21.68 -4.59 28.35
C PRO C 97 -20.34 -5.30 28.48
N LYS C 98 -19.39 -4.90 27.62
CA LYS C 98 -18.05 -5.43 27.72
C LYS C 98 -17.35 -4.85 28.96
N PRO C 99 -16.39 -5.59 29.54
CA PRO C 99 -15.72 -5.08 30.75
C PRO C 99 -14.75 -3.97 30.43
N ASP C 100 -14.20 -3.98 29.21
CA ASP C 100 -13.29 -2.91 28.80
C ASP C 100 -13.97 -1.54 28.86
N GLY C 101 -15.28 -1.50 28.66
CA GLY C 101 -16.02 -0.25 28.65
C GLY C 101 -16.94 -0.12 27.47
N GLY C 102 -16.95 -1.13 26.60
CA GLY C 102 -17.81 -1.17 25.44
C GLY C 102 -19.02 -2.04 25.65
N ILE C 103 -19.61 -2.46 24.53
CA ILE C 103 -20.80 -3.31 24.53
C ILE C 103 -20.78 -4.19 23.30
N ARG C 104 -21.24 -5.43 23.46
CA ARG C 104 -21.27 -6.42 22.39
C ARG C 104 -22.72 -6.80 22.12
N LYS C 105 -23.12 -6.75 20.85
CA LYS C 105 -24.49 -7.05 20.45
C LYS C 105 -24.57 -8.51 20.03
N VAL C 106 -24.98 -9.37 20.96
CA VAL C 106 -25.11 -10.79 20.69
C VAL C 106 -26.46 -11.04 20.04
N SER C 107 -26.45 -11.70 18.88
CA SER C 107 -27.65 -11.97 18.11
C SER C 107 -27.92 -13.47 18.10
N ILE C 108 -29.15 -13.85 18.42
CA ILE C 108 -29.59 -15.24 18.38
C ILE C 108 -30.68 -15.32 17.32
N TYR C 109 -30.36 -16.00 16.20
CA TYR C 109 -31.34 -16.17 15.14
C TYR C 109 -32.39 -17.20 15.54
N GLN C 110 -33.41 -17.32 14.70
CA GLN C 110 -34.43 -18.34 14.89
C GLN C 110 -33.91 -19.69 14.42
N ILE C 111 -34.56 -20.75 14.90
CA ILE C 111 -34.07 -22.11 14.62
C ILE C 111 -33.97 -22.36 13.12
N PRO C 112 -34.97 -22.02 12.29
CA PRO C 112 -34.82 -22.27 10.85
C PRO C 112 -33.65 -21.54 10.22
N ASP C 113 -33.54 -20.23 10.45
CA ASP C 113 -32.43 -19.47 9.89
C ASP C 113 -31.10 -19.89 10.49
N ALA C 114 -31.07 -20.28 11.76
CA ALA C 114 -29.84 -20.83 12.33
C ALA C 114 -29.43 -22.10 11.61
N ALA C 115 -30.39 -22.96 11.31
CA ALA C 115 -30.10 -24.18 10.56
C ALA C 115 -29.55 -23.84 9.17
N ILE C 116 -30.20 -22.90 8.49
CA ILE C 116 -29.75 -22.54 7.14
C ILE C 116 -28.33 -22.01 7.17
N SER C 117 -28.03 -21.13 8.13
CA SER C 117 -26.68 -20.60 8.24
C SER C 117 -25.67 -21.70 8.56
N LYS C 118 -25.95 -22.51 9.61
CA LYS C 118 -25.04 -23.57 9.98
C LYS C 118 -24.82 -24.57 8.85
N LEU C 119 -25.79 -24.71 7.96
CA LEU C 119 -25.64 -25.60 6.80
C LEU C 119 -24.76 -24.97 5.72
N PHE C 120 -25.14 -23.79 5.25
CA PHE C 120 -24.46 -23.21 4.10
C PHE C 120 -23.07 -22.68 4.44
N PHE C 121 -22.92 -21.94 5.54
CA PHE C 121 -21.65 -21.31 5.84
C PHE C 121 -20.61 -22.27 6.37
N ASN C 122 -21.01 -23.38 6.99
CA ASN C 122 -20.03 -24.42 7.29
C ASN C 122 -19.43 -24.99 6.00
N ARG C 123 -20.27 -25.25 5.00
CA ARG C 123 -19.75 -25.69 3.71
C ARG C 123 -18.83 -24.63 3.10
N LEU C 124 -19.25 -23.37 3.14
CA LEU C 124 -18.45 -22.31 2.55
C LEU C 124 -17.09 -22.19 3.23
N LEU C 125 -17.04 -22.28 4.55
CA LEU C 125 -15.79 -22.17 5.28
C LEU C 125 -14.95 -23.43 5.20
N ALA C 126 -15.55 -24.59 4.92
CA ALA C 126 -14.81 -25.82 4.72
C ALA C 126 -14.18 -25.90 3.34
N LYS C 127 -14.87 -25.42 2.30
CA LYS C 127 -14.33 -25.46 0.94
C LYS C 127 -13.26 -24.41 0.70
N ASN C 128 -13.31 -23.27 1.39
CA ASN C 128 -12.34 -22.21 1.26
C ASN C 128 -11.40 -22.15 2.46
N ARG C 129 -11.19 -23.27 3.13
CA ARG C 129 -10.43 -23.26 4.38
C ARG C 129 -8.97 -22.87 4.17
N HIS C 130 -8.38 -23.21 3.02
CA HIS C 130 -6.97 -22.93 2.76
C HIS C 130 -6.72 -21.51 2.27
N ARG C 131 -7.77 -20.72 2.07
CA ARG C 131 -7.62 -19.32 1.69
C ARG C 131 -7.80 -18.38 2.88
N PHE C 132 -7.84 -18.92 4.10
CA PHE C 132 -7.98 -18.13 5.32
C PHE C 132 -6.71 -18.24 6.13
N SER C 133 -6.38 -17.17 6.86
CA SER C 133 -5.20 -17.20 7.72
C SER C 133 -5.31 -18.34 8.71
N SER C 134 -4.16 -18.72 9.27
CA SER C 134 -4.11 -19.89 10.14
C SER C 134 -4.90 -19.67 11.42
N PHE C 135 -4.54 -18.65 12.18
CA PHE C 135 -5.13 -18.41 13.50
C PHE C 135 -6.23 -17.36 13.37
N SER C 136 -7.44 -17.84 13.03
CA SER C 136 -8.61 -16.99 12.89
C SER C 136 -9.80 -17.77 13.45
N TYR C 137 -10.25 -17.39 14.65
CA TYR C 137 -11.31 -18.09 15.35
C TYR C 137 -12.52 -17.19 15.50
N ALA C 138 -13.64 -17.80 15.90
CA ALA C 138 -14.91 -17.12 16.00
C ALA C 138 -15.33 -16.79 17.43
N TYR C 139 -15.04 -17.67 18.38
CA TYR C 139 -15.43 -17.48 19.77
C TYR C 139 -14.20 -17.54 20.67
N ARG C 140 -14.24 -16.74 21.72
CA ARG C 140 -13.14 -16.68 22.69
C ARG C 140 -13.02 -17.95 23.51
N ASN C 141 -14.04 -18.81 23.50
CA ASN C 141 -13.96 -20.11 24.15
C ASN C 141 -13.74 -21.24 23.14
N ASP C 142 -13.44 -20.91 21.88
CA ASP C 142 -13.23 -21.94 20.87
C ASP C 142 -12.09 -22.86 21.28
N ARG C 143 -12.27 -24.16 21.05
CA ARG C 143 -11.30 -25.16 21.45
C ARG C 143 -10.02 -25.10 20.62
N ASN C 144 -10.03 -24.46 19.47
CA ASN C 144 -8.86 -24.38 18.60
C ASN C 144 -7.98 -23.18 18.89
N VAL C 145 -8.39 -22.32 19.82
CA VAL C 145 -7.62 -21.12 20.09
C VAL C 145 -6.29 -21.47 20.75
N HIS C 146 -6.23 -22.60 21.46
CA HIS C 146 -5.00 -22.99 22.13
C HIS C 146 -3.84 -23.22 21.16
N PHE C 147 -4.13 -23.45 19.88
CA PHE C 147 -3.07 -23.55 18.89
C PHE C 147 -2.35 -22.24 18.69
N ALA C 148 -3.04 -21.11 18.84
CA ALA C 148 -2.39 -19.81 18.80
C ALA C 148 -1.63 -19.51 20.08
N ILE C 149 -2.19 -19.86 21.23
CA ILE C 149 -1.49 -19.63 22.49
C ILE C 149 -0.20 -20.44 22.54
N GLN C 150 -0.22 -21.66 22.03
CA GLN C 150 1.01 -22.43 21.92
C GLN C 150 2.01 -21.74 21.00
N ASP C 151 1.52 -21.05 19.96
CA ASP C 151 2.42 -20.40 19.02
C ASP C 151 3.11 -19.20 19.65
N ILE C 152 2.35 -18.36 20.34
CA ILE C 152 2.94 -17.20 21.00
C ILE C 152 3.92 -17.66 22.07
N SER C 153 3.50 -18.59 22.92
CA SER C 153 4.36 -19.04 24.01
C SER C 153 5.70 -19.55 23.47
N VAL C 154 5.67 -20.39 22.45
CA VAL C 154 6.90 -20.92 21.88
C VAL C 154 7.76 -19.77 21.38
N ASP C 155 7.16 -18.74 20.79
CA ASP C 155 7.92 -17.58 20.37
C ASP C 155 8.49 -16.82 21.55
N LEU C 156 7.73 -16.71 22.65
CA LEU C 156 8.23 -15.96 23.79
C LEU C 156 9.41 -16.65 24.46
N LYS C 157 9.41 -17.99 24.48
CA LYS C 157 10.50 -18.73 25.09
C LYS C 157 11.74 -18.78 24.20
N LYS C 158 11.58 -18.65 22.88
CA LYS C 158 12.69 -18.79 21.95
C LYS C 158 13.32 -17.44 21.61
N ASN C 159 12.49 -16.48 21.19
CA ASN C 159 12.96 -15.15 20.77
C ASN C 159 13.54 -14.39 21.97
N GLU C 160 14.42 -13.42 21.73
CA GLU C 160 15.02 -12.60 22.78
C GLU C 160 14.20 -11.34 23.05
N ARG C 161 13.45 -10.86 22.07
CA ARG C 161 12.60 -9.69 22.23
C ARG C 161 11.37 -9.88 21.37
N THR C 162 10.20 -9.91 22.00
CA THR C 162 8.93 -10.09 21.31
C THR C 162 8.07 -8.86 21.51
N PHE C 163 7.78 -8.16 20.41
CA PHE C 163 6.91 -6.98 20.43
C PHE C 163 5.49 -7.43 20.09
N LEU C 164 4.56 -7.15 20.98
CA LEU C 164 3.16 -7.50 20.82
C LEU C 164 2.29 -6.25 20.82
N ALA C 165 1.20 -6.32 20.06
CA ALA C 165 0.22 -5.25 19.98
C ALA C 165 -1.16 -5.88 19.87
N GLU C 166 -2.17 -5.17 20.33
CA GLU C 166 -3.53 -5.70 20.37
C GLU C 166 -4.49 -4.65 19.83
N PHE C 167 -5.39 -5.08 18.95
CA PHE C 167 -6.35 -4.22 18.29
C PHE C 167 -7.78 -4.71 18.53
N ASP C 168 -8.72 -3.77 18.43
CA ASP C 168 -10.13 -4.05 18.64
C ASP C 168 -10.87 -3.88 17.32
N PHE C 169 -11.45 -4.97 16.82
CA PHE C 169 -12.23 -4.97 15.59
C PHE C 169 -13.73 -4.97 15.89
N SER C 170 -14.12 -4.48 17.05
CA SER C 170 -15.54 -4.48 17.43
C SER C 170 -16.33 -3.45 16.65
N ASP C 171 -15.90 -2.19 16.67
CA ASP C 171 -16.56 -1.17 15.87
C ASP C 171 -16.44 -1.46 14.37
N PHE C 172 -15.39 -2.18 13.97
CA PHE C 172 -15.21 -2.48 12.55
C PHE C 172 -16.25 -3.48 12.06
N PHE C 173 -16.61 -4.46 12.89
CA PHE C 173 -17.62 -5.45 12.51
C PHE C 173 -19.04 -4.95 12.69
N GLY C 174 -19.26 -3.81 13.34
CA GLY C 174 -20.60 -3.32 13.55
C GLY C 174 -21.02 -2.24 12.58
N SER C 175 -20.11 -1.75 11.75
CA SER C 175 -20.45 -0.68 10.82
C SER C 175 -19.84 -0.85 9.44
N ILE C 176 -19.27 -2.01 9.10
CA ILE C 176 -18.67 -2.17 7.79
C ILE C 176 -19.76 -2.13 6.73
N SER C 177 -19.50 -1.38 5.66
CA SER C 177 -20.47 -1.22 4.59
C SER C 177 -20.53 -2.48 3.75
N HIS C 178 -21.75 -2.94 3.47
CA HIS C 178 -21.92 -4.17 2.72
C HIS C 178 -21.37 -4.09 1.30
N SER C 179 -21.20 -2.88 0.77
CA SER C 179 -20.60 -2.74 -0.54
C SER C 179 -19.19 -3.31 -0.54
N PHE C 180 -18.45 -3.08 0.54
CA PHE C 180 -17.11 -3.65 0.68
C PHE C 180 -17.18 -5.18 0.65
N LEU C 181 -18.05 -5.75 1.48
CA LEU C 181 -18.24 -7.21 1.48
C LEU C 181 -18.51 -7.73 0.07
N ASN C 182 -19.44 -7.10 -0.63
CA ASN C 182 -19.78 -7.55 -1.98
C ASN C 182 -18.57 -7.45 -2.91
N GLU C 183 -17.79 -6.37 -2.78
CA GLU C 183 -16.59 -6.24 -3.58
C GLU C 183 -15.57 -7.33 -3.28
N GLN C 184 -15.58 -7.89 -2.06
CA GLN C 184 -14.61 -8.90 -1.65
C GLN C 184 -15.10 -10.32 -1.89
N PHE C 185 -15.90 -10.54 -2.93
CA PHE C 185 -16.48 -11.87 -3.18
C PHE C 185 -15.70 -12.69 -4.19
N ASN C 186 -15.17 -12.07 -5.25
CA ASN C 186 -14.57 -12.80 -6.35
C ASN C 186 -13.05 -12.72 -6.38
N GLU C 187 -12.42 -12.42 -5.25
CA GLU C 187 -10.97 -12.31 -5.18
C GLU C 187 -10.38 -13.36 -4.24
N ASN C 188 -9.08 -13.59 -4.40
CA ASN C 188 -8.33 -14.47 -3.52
C ASN C 188 -8.78 -15.92 -3.68
N GLY C 189 -9.39 -16.22 -4.83
CA GLY C 189 -9.75 -17.59 -5.16
C GLY C 189 -10.87 -18.18 -4.31
N PHE C 190 -11.72 -17.32 -3.75
CA PHE C 190 -12.86 -17.80 -2.98
C PHE C 190 -13.85 -18.51 -3.90
N TYR C 191 -14.26 -19.71 -3.53
CA TYR C 191 -15.21 -20.50 -4.34
C TYR C 191 -16.61 -20.38 -3.73
N ILE C 192 -17.24 -19.24 -4.00
CA ILE C 192 -18.59 -18.97 -3.50
C ILE C 192 -19.56 -19.26 -4.63
N SER C 193 -20.46 -20.22 -4.41
CA SER C 193 -21.44 -20.62 -5.42
C SER C 193 -22.55 -19.58 -5.52
N PRO C 194 -23.31 -19.56 -6.62
CA PRO C 194 -24.37 -18.54 -6.75
C PRO C 194 -25.41 -18.58 -5.64
N GLU C 195 -25.88 -19.78 -5.29
CA GLU C 195 -26.86 -19.88 -4.21
C GLU C 195 -26.28 -19.43 -2.88
N GLU C 196 -25.03 -19.78 -2.62
CA GLU C 196 -24.34 -19.32 -1.42
C GLU C 196 -24.18 -17.81 -1.40
N LYS C 197 -23.89 -17.20 -2.55
CA LYS C 197 -23.87 -15.75 -2.64
C LYS C 197 -25.24 -15.14 -2.36
N PHE C 198 -26.31 -15.76 -2.88
CA PHE C 198 -27.64 -15.26 -2.59
C PHE C 198 -27.94 -15.31 -1.09
N ILE C 199 -27.59 -16.40 -0.43
CA ILE C 199 -27.87 -16.50 1.00
C ILE C 199 -27.02 -15.51 1.80
N ILE C 200 -25.75 -15.34 1.42
CA ILE C 200 -24.91 -14.34 2.07
C ILE C 200 -25.57 -12.97 1.96
N ARG C 201 -26.00 -12.62 0.75
CA ARG C 201 -26.61 -11.31 0.54
C ARG C 201 -27.93 -11.19 1.28
N SER C 202 -28.68 -12.27 1.42
CA SER C 202 -29.92 -12.22 2.18
C SER C 202 -29.64 -11.90 3.64
N PHE C 203 -28.69 -12.62 4.24
CA PHE C 203 -28.35 -12.34 5.64
C PHE C 203 -27.85 -10.91 5.81
N LEU C 204 -26.97 -10.46 4.91
CA LEU C 204 -26.43 -9.11 5.04
C LEU C 204 -27.48 -8.04 4.81
N ARG C 205 -28.48 -8.32 3.95
CA ARG C 205 -29.61 -7.43 3.80
C ARG C 205 -30.43 -7.39 5.08
N GLU C 206 -30.58 -8.52 5.75
CA GLU C 206 -31.27 -8.52 7.04
C GLU C 206 -30.56 -7.63 8.04
N ARG C 207 -29.22 -7.72 8.09
CA ARG C 207 -28.49 -6.86 9.02
C ARG C 207 -28.54 -5.40 8.60
N LYS C 208 -28.24 -5.12 7.33
CA LYS C 208 -28.30 -3.78 6.74
C LYS C 208 -27.17 -2.87 7.18
N VAL C 209 -26.33 -3.31 8.13
CA VAL C 209 -25.31 -2.45 8.72
C VAL C 209 -23.94 -3.13 8.73
N GLY C 210 -23.87 -4.38 9.17
CA GLY C 210 -22.59 -5.03 9.31
C GLY C 210 -22.71 -6.51 9.57
N ILE C 211 -21.59 -7.11 9.91
CA ILE C 211 -21.49 -8.55 10.12
C ILE C 211 -22.09 -8.92 11.47
N PRO C 212 -22.95 -9.94 11.54
CA PRO C 212 -23.40 -10.41 12.86
C PRO C 212 -22.22 -10.84 13.72
N GLN C 213 -22.32 -10.55 15.01
CA GLN C 213 -21.19 -10.79 15.90
C GLN C 213 -21.10 -12.25 16.30
N GLY C 214 -22.19 -12.81 16.83
CA GLY C 214 -22.20 -14.20 17.23
C GLY C 214 -23.10 -15.04 16.37
N THR C 215 -22.50 -15.87 15.52
CA THR C 215 -23.23 -16.81 14.66
C THR C 215 -22.20 -17.58 13.86
N SER C 216 -22.66 -18.67 13.22
CA SER C 216 -21.81 -19.39 12.30
C SER C 216 -21.35 -18.52 11.14
N ILE C 217 -22.14 -17.49 10.81
CA ILE C 217 -21.78 -16.55 9.75
C ILE C 217 -20.58 -15.68 10.10
N SER C 218 -20.37 -15.42 11.40
CA SER C 218 -19.39 -14.43 11.81
C SER C 218 -18.00 -14.79 11.32
N LEU C 219 -17.60 -16.05 11.50
CA LEU C 219 -16.23 -16.42 11.14
C LEU C 219 -15.99 -16.25 9.64
N PHE C 220 -16.88 -16.78 8.81
CA PHE C 220 -16.66 -16.71 7.37
C PHE C 220 -16.69 -15.26 6.88
N LEU C 221 -17.65 -14.47 7.36
CA LEU C 221 -17.72 -13.10 6.89
C LEU C 221 -16.53 -12.27 7.38
N ALA C 222 -16.07 -12.52 8.61
CA ALA C 222 -14.90 -11.81 9.10
C ALA C 222 -13.66 -12.17 8.29
N ASN C 223 -13.46 -13.46 8.00
CA ASN C 223 -12.33 -13.88 7.19
C ASN C 223 -12.44 -13.40 5.75
N LEU C 224 -13.65 -13.14 5.27
CA LEU C 224 -13.84 -12.64 3.91
C LEU C 224 -13.61 -11.14 3.80
N THR C 225 -14.06 -10.36 4.78
CA THR C 225 -13.79 -8.93 4.74
C THR C 225 -12.31 -8.62 4.97
N CYS C 226 -11.73 -9.19 6.00
CA CYS C 226 -10.33 -8.95 6.34
C CYS C 226 -9.41 -9.97 5.70
N TRP C 227 -9.49 -10.15 4.39
CA TRP C 227 -8.57 -11.04 3.70
C TRP C 227 -7.34 -10.32 3.13
N LYS C 228 -7.49 -9.06 2.76
CA LYS C 228 -6.34 -8.26 2.34
C LYS C 228 -5.45 -7.88 3.51
N LEU C 229 -6.05 -7.56 4.66
CA LEU C 229 -5.25 -7.26 5.84
C LEU C 229 -4.41 -8.45 6.26
N ASP C 230 -4.99 -9.65 6.24
CA ASP C 230 -4.21 -10.84 6.58
C ASP C 230 -3.05 -11.02 5.62
N GLN C 231 -3.29 -10.87 4.32
CA GLN C 231 -2.21 -11.03 3.36
C GLN C 231 -1.12 -10.00 3.57
N ASP C 232 -1.48 -8.74 3.81
CA ASP C 232 -0.46 -7.72 4.02
C ASP C 232 0.34 -8.00 5.29
N LEU C 233 -0.33 -8.37 6.38
CA LEU C 233 0.39 -8.66 7.61
C LEU C 233 1.30 -9.87 7.45
N GLU C 234 0.84 -10.90 6.74
CA GLU C 234 1.71 -12.04 6.46
C GLU C 234 2.91 -11.62 5.62
N ARG C 235 2.69 -10.77 4.62
CA ARG C 235 3.77 -10.29 3.76
C ARG C 235 4.79 -9.47 4.55
N GLU C 236 4.35 -8.73 5.56
CA GLU C 236 5.30 -7.99 6.40
C GLU C 236 6.16 -8.94 7.22
N GLY C 237 5.58 -10.00 7.76
CA GLY C 237 6.32 -10.96 8.57
C GLY C 237 5.91 -10.96 10.02
N VAL C 238 4.87 -10.19 10.36
CA VAL C 238 4.37 -10.11 11.73
C VAL C 238 3.26 -11.16 11.87
N LYS C 239 3.42 -12.08 12.82
CA LYS C 239 2.38 -13.06 13.04
C LYS C 239 1.20 -12.41 13.75
N PHE C 240 0.03 -13.02 13.59
CA PHE C 240 -1.19 -12.44 14.14
C PHE C 240 -2.20 -13.54 14.45
N SER C 241 -3.21 -13.16 15.23
CA SER C 241 -4.29 -14.08 15.60
C SER C 241 -5.52 -13.25 15.92
N ARG C 242 -6.64 -13.56 15.25
CA ARG C 242 -7.90 -12.85 15.46
C ARG C 242 -8.86 -13.78 16.18
N TYR C 243 -9.22 -13.43 17.41
CA TYR C 243 -10.20 -14.20 18.19
C TYR C 243 -11.42 -13.32 18.40
N ALA C 244 -12.58 -13.80 17.93
CA ALA C 244 -13.85 -13.09 18.07
C ALA C 244 -13.67 -11.72 17.40
N ASP C 245 -13.79 -10.61 18.11
CA ASP C 245 -13.64 -9.28 17.55
C ASP C 245 -12.37 -8.59 18.04
N ASP C 246 -11.36 -9.37 18.41
CA ASP C 246 -10.09 -8.82 18.87
C ASP C 246 -8.96 -9.44 18.07
N THR C 247 -7.86 -8.71 17.97
CA THR C 247 -6.70 -9.16 17.21
C THR C 247 -5.43 -8.92 18.00
N ILE C 248 -4.46 -9.82 17.82
CA ILE C 248 -3.14 -9.70 18.41
C ILE C 248 -2.11 -9.86 17.30
N ILE C 249 -1.05 -9.07 17.37
CA ILE C 249 0.03 -9.11 16.38
C ILE C 249 1.35 -9.13 17.13
N TRP C 250 2.18 -10.11 16.86
CA TRP C 250 3.48 -10.22 17.51
C TRP C 250 4.57 -10.43 16.47
N SER C 251 5.73 -9.85 16.75
CA SER C 251 6.89 -9.95 15.86
C SER C 251 8.16 -9.75 16.66
N GLN C 252 9.31 -10.10 16.09
CA GLN C 252 10.59 -10.01 16.81
C GLN C 252 11.25 -8.64 16.59
N GLU C 253 10.81 -7.85 15.60
CA GLU C 253 11.48 -6.60 15.27
C GLU C 253 10.53 -5.44 15.44
N TYR C 254 10.99 -4.38 16.12
CA TYR C 254 10.16 -3.21 16.32
C TYR C 254 9.79 -2.57 14.98
N SER C 255 10.73 -2.54 14.04
CA SER C 255 10.46 -1.94 12.74
C SER C 255 9.35 -2.65 11.99
N LYS C 256 9.12 -3.93 12.28
CA LYS C 256 8.06 -4.68 11.63
C LYS C 256 6.69 -4.48 12.27
N ILE C 257 6.60 -4.53 13.60
CA ILE C 257 5.34 -4.25 14.26
C ILE C 257 4.91 -2.81 14.03
N CYS C 258 5.86 -1.88 13.89
CA CYS C 258 5.51 -0.52 13.53
C CYS C 258 4.89 -0.41 12.15
N ASN C 259 5.26 -1.30 11.24
CA ASN C 259 4.66 -1.36 9.92
C ASN C 259 3.33 -2.11 9.92
N ALA C 260 2.96 -2.71 11.04
CA ALA C 260 1.64 -3.32 11.18
C ALA C 260 0.58 -2.31 11.58
N PHE C 261 0.93 -1.28 12.35
CA PHE C 261 0.04 -0.17 12.61
C PHE C 261 -0.25 0.64 11.36
N ASN C 262 0.73 0.76 10.46
CA ASN C 262 0.54 1.46 9.20
C ASN C 262 -0.29 0.66 8.20
N ILE C 263 -0.24 -0.66 8.27
CA ILE C 263 -1.06 -1.48 7.40
C ILE C 263 -2.50 -1.57 7.88
N ILE C 264 -2.72 -1.56 9.20
CA ILE C 264 -4.07 -1.48 9.74
C ILE C 264 -4.66 -0.09 9.62
N THR C 265 -3.82 0.94 9.64
CA THR C 265 -4.28 2.31 9.41
C THR C 265 -4.76 2.54 7.98
N ASN C 266 -4.09 1.97 6.99
CA ASN C 266 -4.53 2.08 5.60
C ASN C 266 -5.74 1.20 5.30
N PHE C 267 -5.78 -0.02 5.85
CA PHE C 267 -6.95 -0.86 5.66
C PHE C 267 -8.18 -0.27 6.34
N SER C 268 -7.99 0.36 7.50
CA SER C 268 -9.10 1.01 8.17
C SER C 268 -9.69 2.14 7.33
N LYS C 269 -8.84 2.95 6.70
CA LYS C 269 -9.31 3.98 5.80
C LYS C 269 -9.90 3.44 4.50
N SER C 270 -9.37 2.32 4.01
CA SER C 270 -9.93 1.73 2.80
C SER C 270 -11.37 1.27 3.03
N ALA C 271 -11.63 0.63 4.17
CA ALA C 271 -12.98 0.20 4.49
C ALA C 271 -13.85 1.37 4.95
N GLY C 272 -13.22 2.43 5.45
CA GLY C 272 -13.95 3.57 5.96
C GLY C 272 -14.40 3.46 7.39
N ILE C 273 -13.81 2.56 8.17
CA ILE C 273 -14.14 2.38 9.59
C ILE C 273 -12.84 2.32 10.38
N LYS C 274 -12.91 2.65 11.66
CA LYS C 274 -11.73 2.77 12.50
C LYS C 274 -11.41 1.44 13.17
N ILE C 275 -10.12 1.19 13.38
CA ILE C 275 -9.63 0.07 14.16
C ILE C 275 -8.65 0.65 15.16
N ASN C 276 -9.03 0.66 16.44
CA ASN C 276 -8.20 1.30 17.45
C ASN C 276 -7.46 0.26 18.28
N PRO C 277 -6.24 0.53 18.72
CA PRO C 277 -5.56 -0.41 19.62
C PRO C 277 -6.36 -0.61 20.89
N LYS C 278 -6.38 -1.85 21.37
CA LYS C 278 -7.18 -2.17 22.55
C LYS C 278 -6.76 -1.31 23.73
N LYS C 279 -7.76 -0.69 24.36
CA LYS C 279 -7.52 0.23 25.47
C LYS C 279 -6.35 1.16 25.15
N SER C 280 -5.35 1.22 26.03
CA SER C 280 -4.17 2.04 25.83
C SER C 280 -2.94 1.20 26.19
N GLU C 281 -2.89 -0.01 25.64
CA GLU C 281 -1.80 -0.94 25.93
C GLU C 281 -0.53 -0.59 25.16
N GLY C 282 -0.63 -0.54 23.84
CA GLY C 282 0.51 -0.22 23.01
C GLY C 282 1.45 -1.39 22.84
N ILE C 283 2.50 -1.17 22.05
CA ILE C 283 3.50 -2.20 21.82
C ILE C 283 4.11 -2.60 23.16
N SER C 284 4.17 -3.91 23.43
CA SER C 284 4.69 -4.45 24.68
C SER C 284 5.88 -5.35 24.35
N LEU C 285 7.03 -5.04 24.94
CA LEU C 285 8.26 -5.81 24.70
C LEU C 285 8.43 -6.80 25.84
N LEU C 286 8.27 -8.09 25.56
CA LEU C 286 8.47 -9.14 26.55
C LEU C 286 9.88 -9.71 26.40
N THR C 287 10.86 -8.90 26.78
CA THR C 287 12.26 -9.26 26.64
C THR C 287 12.66 -10.27 27.71
N LYS C 288 13.78 -10.97 27.45
CA LYS C 288 14.34 -11.93 28.39
C LYS C 288 15.31 -11.27 29.37
N LYS C 289 15.20 -9.96 29.58
CA LYS C 289 16.12 -9.15 30.38
C LYS C 289 17.44 -8.94 29.66
N GLY C 290 17.55 -9.32 28.38
CA GLY C 290 18.80 -9.11 27.68
C GLY C 290 19.17 -7.64 27.58
N LEU C 291 18.22 -6.81 27.16
CA LEU C 291 18.40 -5.36 27.12
C LEU C 291 17.09 -4.70 26.72
N PRO C 292 16.90 -3.42 27.04
CA PRO C 292 15.71 -2.70 26.55
C PRO C 292 15.98 -2.01 25.23
N SER C 293 14.91 -1.85 24.44
CA SER C 293 14.98 -1.12 23.18
C SER C 293 13.85 -0.08 23.15
N GLU C 294 14.12 1.07 23.76
CA GLU C 294 13.29 2.27 23.63
C GLU C 294 11.80 1.92 23.55
N ILE C 295 11.35 1.08 24.49
CA ILE C 295 9.97 0.62 24.50
C ILE C 295 9.63 0.17 25.91
N THR C 296 8.33 0.11 26.21
CA THR C 296 7.84 -0.33 27.52
C THR C 296 8.10 -1.81 27.69
N SER C 297 9.09 -2.15 28.49
CA SER C 297 9.47 -3.55 28.71
C SER C 297 8.65 -4.12 29.86
N LYS C 298 7.67 -4.96 29.53
CA LYS C 298 6.90 -5.69 30.52
C LYS C 298 7.46 -7.11 30.67
N ASN C 299 6.81 -7.89 31.54
CA ASN C 299 7.19 -9.28 31.76
C ASN C 299 6.05 -10.26 31.63
N ASN C 300 4.80 -9.82 31.74
CA ASN C 300 3.64 -10.69 31.64
C ASN C 300 2.64 -10.10 30.67
N LEU C 301 2.17 -10.92 29.74
CA LEU C 301 1.07 -10.56 28.85
C LEU C 301 -0.15 -11.38 29.19
N ASP C 302 -1.34 -10.80 29.01
CA ASP C 302 -2.59 -11.47 29.30
C ASP C 302 -3.30 -11.80 27.99
N PHE C 303 -3.57 -13.09 27.78
CA PHE C 303 -4.21 -13.54 26.56
C PHE C 303 -5.22 -14.62 26.90
N LEU C 304 -6.49 -14.24 26.87
CA LEU C 304 -7.60 -15.18 26.95
C LEU C 304 -7.35 -16.19 28.06
N GLY C 305 -7.26 -15.73 29.28
CA GLY C 305 -7.23 -16.62 30.42
C GLY C 305 -5.85 -17.08 30.81
N TYR C 306 -4.86 -16.89 29.94
CA TYR C 306 -3.48 -17.21 30.23
C TYR C 306 -2.67 -15.95 30.50
N THR C 307 -1.67 -16.10 31.35
CA THR C 307 -0.62 -15.10 31.52
C THR C 307 0.63 -15.71 30.91
N LEU C 308 1.04 -15.17 29.77
CA LEU C 308 2.23 -15.64 29.07
C LEU C 308 3.41 -14.77 29.46
N SER C 309 4.43 -15.40 30.03
CA SER C 309 5.69 -14.76 30.32
C SER C 309 6.77 -15.39 29.45
N VAL C 310 8.01 -14.92 29.62
CA VAL C 310 9.12 -15.44 28.84
C VAL C 310 9.72 -16.70 29.46
N GLU C 311 9.15 -17.18 30.55
CA GLU C 311 9.65 -18.38 31.22
C GLU C 311 8.57 -19.42 31.47
N ASN C 312 7.32 -19.00 31.69
CA ASN C 312 6.24 -19.93 31.97
C ASN C 312 4.93 -19.38 31.42
N VAL C 313 3.99 -20.30 31.17
CA VAL C 313 2.60 -19.97 30.92
C VAL C 313 1.81 -20.29 32.18
N SER C 314 1.07 -19.31 32.68
CA SER C 314 0.36 -19.47 33.93
C SER C 314 -1.11 -19.10 33.72
N ILE C 315 -1.91 -19.32 34.75
CA ILE C 315 -3.32 -18.97 34.70
C ILE C 315 -3.46 -17.49 35.01
N LYS C 316 -4.26 -16.78 34.22
CA LYS C 316 -4.48 -15.36 34.46
C LYS C 316 -5.03 -15.14 35.87
N GLU C 317 -4.77 -13.95 36.39
CA GLU C 317 -5.20 -13.62 37.75
C GLU C 317 -6.71 -13.67 37.88
N LYS C 318 -7.43 -13.17 36.87
CA LYS C 318 -8.89 -13.19 36.93
C LYS C 318 -9.41 -14.63 36.95
N SER C 319 -8.83 -15.51 36.14
CA SER C 319 -9.26 -16.90 36.14
C SER C 319 -8.94 -17.58 37.47
N VAL C 320 -7.78 -17.26 38.05
CA VAL C 320 -7.42 -17.82 39.35
C VAL C 320 -8.42 -17.35 40.40
N LYS C 321 -8.80 -16.07 40.36
CA LYS C 321 -9.79 -15.57 41.30
C LYS C 321 -11.13 -16.25 41.10
N LYS C 322 -11.53 -16.51 39.85
CA LYS C 322 -12.79 -17.22 39.63
C LYS C 322 -12.74 -18.64 40.18
N ILE C 323 -11.62 -19.34 39.98
CA ILE C 323 -11.48 -20.68 40.53
C ILE C 323 -11.58 -20.65 42.04
N LYS C 324 -10.88 -19.69 42.67
CA LYS C 324 -10.93 -19.55 44.12
C LYS C 324 -12.36 -19.26 44.57
N LYS C 325 -13.05 -18.38 43.86
CA LYS C 325 -14.43 -18.06 44.22
C LYS C 325 -15.31 -19.30 44.16
N GLN C 326 -15.19 -20.08 43.09
CA GLN C 326 -16.05 -21.26 42.96
C GLN C 326 -15.76 -22.27 44.06
N ILE C 327 -14.49 -22.53 44.35
CA ILE C 327 -14.17 -23.52 45.39
C ILE C 327 -14.64 -23.02 46.75
N SER C 328 -14.37 -21.75 47.08
CA SER C 328 -14.79 -21.22 48.36
C SER C 328 -16.30 -21.22 48.49
N TYR C 329 -17.02 -20.93 47.39
CA TYR C 329 -18.47 -20.94 47.47
C TYR C 329 -19.00 -22.35 47.64
N ILE C 330 -18.37 -23.33 46.99
CA ILE C 330 -18.80 -24.71 47.20
C ILE C 330 -18.66 -25.08 48.68
N LEU C 331 -17.51 -24.76 49.27
CA LEU C 331 -17.31 -25.08 50.68
C LEU C 331 -18.31 -24.34 51.57
N TYR C 332 -18.53 -23.05 51.31
CA TYR C 332 -19.45 -22.28 52.13
C TYR C 332 -20.88 -22.80 51.99
N ARG C 333 -21.30 -23.12 50.77
CA ARG C 333 -22.65 -23.61 50.55
C ARG C 333 -22.87 -24.96 51.22
N ASN C 334 -21.89 -25.85 51.15
CA ASN C 334 -22.07 -27.19 51.70
C ASN C 334 -21.73 -27.30 53.19
N LEU C 335 -21.10 -26.28 53.78
CA LEU C 335 -20.67 -26.39 55.17
C LEU C 335 -21.20 -25.28 56.07
N ILE C 336 -21.25 -24.05 55.59
CA ILE C 336 -21.55 -22.89 56.43
C ILE C 336 -22.98 -22.39 56.20
N GLN C 337 -23.36 -22.17 54.93
CA GLN C 337 -24.64 -21.55 54.63
C GLN C 337 -25.84 -22.25 55.28
N PRO C 338 -25.94 -23.59 55.26
CA PRO C 338 -27.13 -24.20 55.86
C PRO C 338 -27.27 -23.91 57.34
N LEU C 339 -26.18 -23.62 58.05
CA LEU C 339 -26.23 -23.34 59.47
C LEU C 339 -26.61 -21.90 59.79
N LYS C 340 -26.37 -20.97 58.87
CA LYS C 340 -26.67 -19.56 59.12
C LYS C 340 -28.15 -19.24 59.01
N LYS C 341 -28.99 -20.19 58.59
CA LYS C 341 -30.42 -19.94 58.49
C LYS C 341 -31.02 -19.80 59.89
N THR C 342 -32.24 -19.25 59.93
CA THR C 342 -32.90 -18.95 61.19
C THR C 342 -33.42 -20.18 61.91
N SER C 343 -33.44 -21.35 61.26
CA SER C 343 -33.92 -22.56 61.90
C SER C 343 -33.13 -23.75 61.37
N LEU C 344 -32.57 -24.54 62.29
CA LEU C 344 -31.84 -25.74 61.93
C LEU C 344 -32.74 -26.95 62.03
N ALA C 345 -33.77 -27.00 61.19
CA ALA C 345 -34.74 -28.10 61.18
C ALA C 345 -34.62 -28.87 59.87
N GLY C 346 -34.63 -30.20 59.98
CA GLY C 346 -34.53 -31.04 58.81
C GLY C 346 -33.13 -31.19 58.25
N GLN C 347 -32.11 -30.71 58.95
CA GLN C 347 -30.73 -30.79 58.49
C GLN C 347 -29.99 -31.84 59.30
N THR C 348 -29.24 -32.69 58.61
CA THR C 348 -28.42 -33.68 59.30
C THR C 348 -27.23 -33.00 59.97
N ILE C 349 -27.01 -33.32 61.24
CA ILE C 349 -25.92 -32.71 62.01
C ILE C 349 -24.81 -33.74 62.15
N PRO C 350 -23.53 -33.35 62.11
CA PRO C 350 -22.44 -34.34 62.22
C PRO C 350 -22.60 -35.25 63.43
N ALA C 351 -22.16 -36.49 63.29
CA ALA C 351 -22.25 -37.45 64.39
C ALA C 351 -21.43 -38.70 64.10
N ASN C 352 -20.70 -39.18 65.11
CA ASN C 352 -19.95 -40.43 65.02
C ASN C 352 -18.88 -40.36 63.93
N ASP C 353 -18.21 -39.22 63.83
CA ASP C 353 -17.10 -38.99 62.91
C ASP C 353 -17.52 -39.02 61.44
N ARG C 354 -18.82 -38.99 61.15
CA ARG C 354 -19.31 -38.95 59.78
C ARG C 354 -19.86 -37.56 59.50
N ASP C 355 -19.40 -36.95 58.41
CA ASP C 355 -19.86 -35.63 57.97
C ASP C 355 -20.24 -35.74 56.50
N LYS C 356 -21.50 -36.08 56.24
CA LYS C 356 -21.97 -36.22 54.87
C LYS C 356 -21.79 -34.91 54.09
N ASN C 357 -22.03 -33.77 54.75
CA ASN C 357 -21.88 -32.50 54.07
C ASN C 357 -20.44 -32.27 53.64
N PHE C 358 -19.48 -32.60 54.50
CA PHE C 358 -18.07 -32.46 54.14
C PHE C 358 -17.70 -33.37 52.97
N LEU C 359 -18.21 -34.61 52.98
CA LEU C 359 -17.96 -35.51 51.86
C LEU C 359 -18.53 -34.96 50.57
N ILE C 360 -19.76 -34.42 50.63
CA ILE C 360 -20.37 -33.84 49.44
C ILE C 360 -19.54 -32.68 48.93
N ALA C 361 -19.07 -31.83 49.86
CA ALA C 361 -18.26 -30.68 49.47
C ALA C 361 -16.98 -31.13 48.78
N ILE C 362 -16.29 -32.12 49.37
CA ILE C 362 -15.04 -32.58 48.78
C ILE C 362 -15.29 -33.21 47.42
N CYS C 363 -16.36 -34.00 47.28
CA CYS C 363 -16.66 -34.61 45.99
C CYS C 363 -16.98 -33.56 44.94
N GLU C 364 -17.72 -32.52 45.31
CA GLU C 364 -18.04 -31.46 44.35
C GLU C 364 -16.78 -30.69 43.96
N ILE C 365 -15.90 -30.43 44.94
CA ILE C 365 -14.61 -29.82 44.62
C ILE C 365 -13.84 -30.69 43.63
N ARG C 366 -13.86 -32.01 43.85
CA ARG C 366 -13.16 -32.90 42.93
C ARG C 366 -13.75 -32.84 41.53
N ARG C 367 -15.08 -32.86 41.44
CA ARG C 367 -15.73 -32.80 40.13
C ARG C 367 -15.41 -31.49 39.41
N TYR C 368 -15.33 -30.39 40.13
CA TYR C 368 -14.96 -29.12 39.51
C TYR C 368 -13.47 -29.04 39.20
N MET C 369 -12.65 -29.82 39.92
CA MET C 369 -11.20 -29.74 39.79
C MET C 369 -10.69 -30.74 38.75
N TYR C 370 -10.97 -32.03 38.98
CA TYR C 370 -10.56 -33.09 38.06
C TYR C 370 -11.69 -33.50 37.12
N GLY C 371 -12.85 -33.86 37.68
CA GLY C 371 -13.92 -34.45 36.91
C GLY C 371 -14.36 -35.77 37.51
N GLY C 372 -13.92 -36.04 38.74
CA GLY C 372 -14.18 -37.31 39.40
C GLY C 372 -12.98 -38.22 39.46
N LEU C 373 -11.89 -37.91 38.75
CA LEU C 373 -10.72 -38.78 38.77
C LEU C 373 -10.15 -38.87 40.17
N SER C 374 -10.07 -40.09 40.70
CA SER C 374 -9.36 -40.31 41.95
C SER C 374 -7.85 -40.28 41.71
N LYS C 375 -7.11 -39.90 42.76
CA LYS C 375 -5.66 -39.80 42.63
C LYS C 375 -5.06 -41.12 42.17
N SER C 376 -5.67 -42.25 42.53
CA SER C 376 -5.16 -43.53 42.09
C SER C 376 -5.19 -43.65 40.58
N GLN C 377 -6.28 -43.21 39.95
CA GLN C 377 -6.36 -43.27 38.49
C GLN C 377 -5.30 -42.39 37.84
N ILE C 378 -5.08 -41.20 38.40
CA ILE C 378 -4.08 -40.29 37.83
C ILE C 378 -2.68 -40.88 37.95
N LYS C 379 -2.37 -41.47 39.11
CA LYS C 379 -1.07 -42.11 39.27
C LYS C 379 -0.93 -43.32 38.35
N ASP C 380 -2.02 -44.06 38.13
CA ASP C 380 -1.97 -45.18 37.20
C ASP C 380 -1.67 -44.69 35.79
N TYR C 381 -2.32 -43.60 35.37
CA TYR C 381 -2.02 -43.05 34.06
C TYR C 381 -0.57 -42.57 33.97
N LEU C 382 -0.06 -41.93 35.02
CA LEU C 382 1.32 -41.46 34.99
C LEU C 382 2.31 -42.61 34.89
N SER C 383 2.12 -43.65 35.69
CA SER C 383 3.06 -44.78 35.68
C SER C 383 3.01 -45.53 34.35
N GLY C 384 1.80 -45.83 33.86
CA GLY C 384 1.66 -46.57 32.63
C GLY C 384 0.66 -47.71 32.73
N ARG C 385 0.13 -47.94 33.93
CA ARG C 385 -0.82 -49.02 34.12
C ARG C 385 -2.03 -48.88 33.19
N SER C 386 -2.43 -47.65 32.90
CA SER C 386 -3.55 -47.36 32.01
C SER C 386 -3.08 -46.45 30.89
N ASN C 387 -3.89 -46.37 29.84
CA ASN C 387 -3.59 -45.55 28.68
C ASN C 387 -4.68 -44.51 28.40
N ARG C 388 -5.67 -44.40 29.29
CA ARG C 388 -6.80 -43.51 29.08
C ARG C 388 -7.14 -42.81 30.40
N LEU C 389 -7.27 -41.48 30.33
CA LEU C 389 -7.69 -40.69 31.48
C LEU C 389 -8.39 -39.44 30.92
N TYR C 390 -9.71 -39.50 30.86
CA TYR C 390 -10.51 -38.39 30.36
C TYR C 390 -10.27 -37.14 31.18
N PHE C 391 -10.09 -36.01 30.49
CA PHE C 391 -9.84 -34.72 31.13
C PHE C 391 -11.12 -33.90 31.03
N LYS C 392 -11.87 -33.82 32.15
CA LYS C 392 -13.13 -33.07 32.21
C LYS C 392 -13.14 -32.28 33.52
N GLY C 393 -12.67 -31.05 33.46
CA GLY C 393 -12.59 -30.22 34.64
C GLY C 393 -12.20 -28.81 34.27
N ILE C 394 -12.06 -27.97 35.30
CA ILE C 394 -11.59 -26.61 35.07
C ILE C 394 -10.20 -26.62 34.46
N MET C 395 -9.34 -27.54 34.91
CA MET C 395 -7.99 -27.61 34.37
C MET C 395 -7.96 -28.10 32.93
N SER C 396 -9.05 -28.72 32.45
CA SER C 396 -9.15 -29.11 31.05
C SER C 396 -9.28 -27.91 30.13
N PHE C 397 -9.60 -26.74 30.68
CA PHE C 397 -9.65 -25.49 29.92
C PHE C 397 -8.33 -24.73 29.96
N TYR C 398 -7.31 -25.27 30.64
CA TYR C 398 -5.97 -24.68 30.66
C TYR C 398 -4.93 -25.75 30.41
N PRO C 399 -4.96 -26.40 29.24
CA PRO C 399 -3.97 -27.44 28.97
C PRO C 399 -2.68 -26.89 28.37
N LEU C 400 -2.20 -25.78 28.92
CA LEU C 400 -0.91 -25.25 28.48
C LEU C 400 -0.10 -24.68 29.63
N VAL C 401 -0.48 -24.93 30.87
CA VAL C 401 0.18 -24.30 32.02
C VAL C 401 1.47 -25.05 32.34
N ASN C 402 2.60 -24.34 32.23
CA ASN C 402 3.89 -24.88 32.62
C ASN C 402 4.33 -24.38 33.99
N ASP C 403 3.52 -23.55 34.65
CA ASP C 403 3.88 -22.94 35.92
C ASP C 403 3.52 -23.89 37.05
N VAL C 404 4.53 -24.33 37.80
CA VAL C 404 4.29 -25.23 38.92
C VAL C 404 4.11 -24.46 40.22
N GLU C 405 4.78 -23.32 40.38
CA GLU C 405 4.66 -22.55 41.61
C GLU C 405 3.23 -22.09 41.83
N GLN C 406 2.56 -21.63 40.77
CA GLN C 406 1.19 -21.17 40.89
C GLN C 406 0.28 -22.31 41.34
N LEU C 407 0.46 -23.49 40.76
CA LEU C 407 -0.37 -24.63 41.15
C LEU C 407 -0.10 -25.05 42.58
N LYS C 408 1.16 -25.02 43.01
CA LYS C 408 1.47 -25.32 44.40
C LYS C 408 0.81 -24.32 45.34
N GLN C 409 0.85 -23.03 45.00
CA GLN C 409 0.21 -22.02 45.84
C GLN C 409 -1.29 -22.24 45.89
N LEU C 410 -1.90 -22.59 44.76
CA LEU C 410 -3.34 -22.84 44.74
C LEU C 410 -3.70 -24.06 45.57
N ASP C 411 -2.89 -25.11 45.54
CA ASP C 411 -3.16 -26.29 46.37
C ASP C 411 -3.09 -25.92 47.85
N GLY C 412 -2.04 -25.18 48.25
CA GLY C 412 -1.96 -24.75 49.63
C GLY C 412 -3.14 -23.89 50.03
N TRP C 413 -3.59 -23.02 49.12
CA TRP C 413 -4.76 -22.20 49.38
C TRP C 413 -5.99 -23.07 49.60
N ILE C 414 -6.17 -24.10 48.77
CA ILE C 414 -7.33 -24.99 48.94
C ILE C 414 -7.29 -25.64 50.32
N VAL C 415 -6.12 -26.12 50.72
CA VAL C 415 -6.01 -26.76 52.03
C VAL C 415 -6.37 -25.78 53.13
N SER C 416 -5.81 -24.57 53.08
CA SER C 416 -6.05 -23.58 54.12
C SER C 416 -7.53 -23.23 54.20
N VAL C 417 -8.16 -23.04 53.04
CA VAL C 417 -9.57 -22.67 53.01
C VAL C 417 -10.43 -23.79 53.57
N ILE C 418 -10.11 -25.04 53.23
CA ILE C 418 -10.88 -26.14 53.79
C ILE C 418 -10.77 -26.13 55.31
N TYR C 419 -9.56 -25.96 55.83
CA TYR C 419 -9.40 -25.94 57.28
C TYR C 419 -10.20 -24.82 57.92
N ARG C 420 -10.13 -23.61 57.37
CA ARG C 420 -10.83 -22.49 57.96
C ARG C 420 -12.34 -22.68 57.90
N ALA C 421 -12.85 -23.21 56.78
CA ALA C 421 -14.28 -23.44 56.67
C ALA C 421 -14.74 -24.47 57.68
N LEU C 422 -13.97 -25.54 57.88
CA LEU C 422 -14.35 -26.52 58.88
C LEU C 422 -14.32 -25.93 60.29
N LYS C 423 -13.34 -25.06 60.58
CA LYS C 423 -13.30 -24.41 61.88
C LYS C 423 -14.55 -23.55 62.09
N LEU C 424 -14.93 -22.77 61.07
CA LEU C 424 -16.11 -21.92 61.21
C LEU C 424 -17.37 -22.77 61.37
N ARG C 425 -17.46 -23.88 60.64
CA ARG C 425 -18.60 -24.77 60.80
C ARG C 425 -18.67 -25.32 62.21
N CYS C 426 -17.52 -25.69 62.78
CA CYS C 426 -17.50 -26.15 64.16
C CYS C 426 -17.98 -25.05 65.11
N GLN C 427 -17.53 -23.82 64.90
CA GLN C 427 -17.95 -22.72 65.76
C GLN C 427 -19.46 -22.53 65.68
N LEU C 428 -20.02 -22.52 64.46
CA LEU C 428 -21.46 -22.35 64.31
C LEU C 428 -22.23 -23.50 64.94
N LEU C 429 -21.75 -24.74 64.75
CA LEU C 429 -22.41 -25.88 65.36
C LEU C 429 -22.43 -25.74 66.88
N SER C 430 -21.30 -25.35 67.47
CA SER C 430 -21.26 -25.13 68.91
C SER C 430 -22.23 -24.04 69.33
N LYS C 431 -22.30 -22.94 68.57
CA LYS C 431 -23.22 -21.87 68.90
C LYS C 431 -24.66 -22.34 68.86
N TRP C 432 -25.00 -23.22 67.90
CA TRP C 432 -26.36 -23.76 67.82
C TRP C 432 -26.66 -24.71 68.97
N GLY C 433 -25.64 -25.22 69.65
CA GLY C 433 -25.84 -26.14 70.75
C GLY C 433 -25.40 -27.56 70.45
N TYR C 434 -24.43 -27.70 69.55
CA TYR C 434 -23.88 -29.00 69.17
C TYR C 434 -22.37 -28.90 69.15
N ASN C 435 -21.71 -29.62 70.05
CA ASN C 435 -20.25 -29.60 70.15
C ASN C 435 -19.71 -30.82 69.43
N ARG C 436 -19.05 -30.61 68.30
CA ARG C 436 -18.41 -31.68 67.55
C ARG C 436 -16.96 -31.32 67.25
N SER C 437 -16.31 -30.63 68.18
CA SER C 437 -14.94 -30.17 68.02
C SER C 437 -13.91 -31.28 68.25
N HIS C 438 -14.36 -32.53 68.38
CA HIS C 438 -13.44 -33.64 68.63
C HIS C 438 -13.68 -34.79 67.65
N ASN C 439 -14.44 -34.56 66.58
CA ASN C 439 -14.73 -35.57 65.59
C ASN C 439 -13.80 -35.41 64.39
N PHE C 440 -13.87 -36.39 63.49
CA PHE C 440 -12.94 -36.49 62.37
C PHE C 440 -12.81 -35.17 61.60
N PRO C 441 -13.92 -34.55 61.19
CA PRO C 441 -13.77 -33.36 60.33
C PRO C 441 -13.21 -32.15 61.07
N PHE C 442 -13.22 -32.15 62.40
CA PHE C 442 -12.89 -30.96 63.18
C PHE C 442 -11.68 -31.15 64.08
N ILE C 443 -10.82 -32.12 63.76
CA ILE C 443 -9.56 -32.35 64.53
C ILE C 443 -8.39 -32.56 63.56
N LEU C 444 -8.54 -32.18 62.29
CA LEU C 444 -7.49 -32.40 61.26
C LEU C 444 -6.37 -31.36 61.43
N ASP C 445 -6.64 -30.22 62.08
CA ASP C 445 -5.61 -29.19 62.40
C ASP C 445 -4.87 -28.67 61.16
N ARG C 446 -5.36 -28.66 60.00
CA ARG C 446 -4.74 -28.09 58.77
C ARG C 446 -3.54 -28.95 58.32
N GLU C 447 -2.58 -29.20 59.13
CA GLU C 447 -1.34 -29.95 58.81
C GLU C 447 -1.71 -31.40 58.44
N ASP C 448 -2.69 -31.98 59.13
CA ASP C 448 -3.09 -33.41 58.90
C ASP C 448 -4.47 -33.43 58.22
N ILE C 449 -4.82 -32.39 57.47
CA ILE C 449 -6.13 -32.31 56.76
C ILE C 449 -5.95 -33.01 55.40
N VAL C 450 -4.73 -33.44 55.07
CA VAL C 450 -4.43 -34.08 53.76
C VAL C 450 -4.09 -35.58 53.98
N ASP C 451 -3.38 -35.93 55.05
CA ASP C 451 -3.00 -37.32 55.31
C ASP C 451 -4.18 -38.13 55.82
N LYS C 452 -4.85 -37.64 56.86
CA LYS C 452 -5.97 -38.38 57.43
C LYS C 452 -7.08 -38.57 56.40
N CYS C 453 -7.39 -37.51 55.63
CA CYS C 453 -8.43 -37.63 54.62
C CYS C 453 -8.06 -38.66 53.57
N SER C 454 -6.80 -38.67 53.14
CA SER C 454 -6.36 -39.68 52.17
C SER C 454 -6.48 -41.09 52.75
N LYS C 455 -6.09 -41.27 54.01
CA LYS C 455 -6.21 -42.58 54.64
C LYS C 455 -7.68 -43.00 54.77
N LYS C 456 -8.55 -42.06 55.12
CA LYS C 456 -9.96 -42.39 55.30
C LYS C 456 -10.54 -42.92 54.00
N THR C 457 -11.39 -43.93 54.11
CA THR C 457 -12.01 -44.59 52.96
C THR C 457 -13.50 -44.75 53.21
N ILE C 458 -14.28 -44.56 52.15
CA ILE C 458 -15.73 -44.75 52.18
C ILE C 458 -16.09 -45.75 51.09
N ALA C 459 -16.85 -46.78 51.46
CA ALA C 459 -17.24 -47.83 50.52
C ALA C 459 -16.02 -48.48 49.86
N GLY C 460 -14.93 -48.59 50.61
CA GLY C 460 -13.71 -49.15 50.06
C GLY C 460 -13.04 -48.27 49.03
N ARG C 461 -13.41 -46.99 48.98
CA ARG C 461 -12.87 -46.05 48.01
C ARG C 461 -12.49 -44.77 48.72
N LYS C 462 -11.29 -44.27 48.44
CA LYS C 462 -10.84 -43.02 49.05
C LYS C 462 -11.64 -41.84 48.50
N LEU C 463 -12.60 -41.35 49.27
CA LEU C 463 -13.47 -40.27 48.85
C LEU C 463 -13.25 -38.98 49.63
N PHE C 464 -12.21 -38.91 50.46
CA PHE C 464 -11.92 -37.72 51.24
C PHE C 464 -10.64 -37.00 50.85
N GLU C 465 -9.76 -37.63 50.06
CA GLU C 465 -8.49 -37.01 49.74
C GLU C 465 -8.68 -35.66 49.08
N ILE C 466 -7.92 -34.67 49.54
CA ILE C 466 -8.08 -33.30 49.05
C ILE C 466 -7.53 -33.21 47.64
N PRO C 467 -8.31 -32.75 46.66
CA PRO C 467 -7.78 -32.65 45.30
C PRO C 467 -6.61 -31.68 45.21
N SER C 468 -5.70 -31.96 44.27
CA SER C 468 -4.51 -31.14 44.06
C SER C 468 -4.36 -30.82 42.57
N PHE C 469 -4.06 -29.56 42.27
CA PHE C 469 -3.84 -29.13 40.89
C PHE C 469 -2.57 -29.72 40.29
N LEU C 470 -1.53 -29.92 41.10
CA LEU C 470 -0.23 -30.31 40.57
C LEU C 470 -0.27 -31.72 39.96
N LEU C 471 -0.97 -32.65 40.59
CA LEU C 471 -1.03 -34.02 40.06
C LEU C 471 -1.75 -34.04 38.71
N ILE C 472 -2.90 -33.37 38.62
CA ILE C 472 -3.61 -33.33 37.36
C ILE C 472 -2.83 -32.54 36.32
N HIS C 473 -1.99 -31.59 36.74
CA HIS C 473 -1.13 -30.90 35.78
C HIS C 473 -0.06 -31.83 35.22
N LYS C 474 0.53 -32.66 36.08
CA LYS C 474 1.45 -33.69 35.58
C LYS C 474 0.76 -34.59 34.58
N ALA C 475 -0.45 -35.04 34.92
CA ALA C 475 -1.23 -35.87 34.02
C ALA C 475 -1.54 -35.16 32.71
N LEU C 476 -1.86 -33.87 32.75
CA LEU C 476 -2.11 -33.11 31.53
C LEU C 476 -0.85 -32.95 30.69
N GLN C 477 0.31 -32.75 31.31
CA GLN C 477 1.54 -32.69 30.54
C GLN C 477 1.77 -33.99 29.80
N LYS C 478 1.62 -35.12 30.48
CA LYS C 478 1.79 -36.40 29.79
C LYS C 478 0.74 -36.60 28.71
N GLY C 479 -0.52 -36.25 29.00
CA GLY C 479 -1.58 -36.42 28.01
C GLY C 479 -1.36 -35.56 26.78
N LEU C 480 -0.90 -34.32 26.99
CA LEU C 480 -0.55 -33.49 25.84
C LEU C 480 0.56 -34.12 25.03
N GLN C 481 1.67 -34.47 25.67
CA GLN C 481 2.82 -35.01 24.94
C GLN C 481 2.51 -36.34 24.27
N GLU C 482 1.43 -37.02 24.66
CA GLU C 482 1.07 -38.28 24.02
C GLU C 482 -0.13 -38.21 23.08
N SER C 483 -0.92 -37.14 23.11
CA SER C 483 -2.14 -37.09 22.30
C SER C 483 -2.35 -35.81 21.53
N GLY C 484 -1.77 -34.68 21.91
CA GLY C 484 -2.01 -33.43 21.25
C GLY C 484 -3.11 -32.61 21.90
N ILE C 485 -3.03 -31.29 21.67
CA ILE C 485 -4.01 -30.37 22.23
C ILE C 485 -5.40 -30.71 21.70
N GLU C 486 -5.49 -31.06 20.41
CA GLU C 486 -6.79 -31.36 19.82
C GLU C 486 -7.48 -32.50 20.57
N LYS C 487 -6.78 -33.60 20.78
CA LYS C 487 -7.41 -34.75 21.44
C LYS C 487 -7.60 -34.51 22.94
N ILE C 488 -6.69 -33.78 23.60
CA ILE C 488 -6.88 -33.51 25.02
C ILE C 488 -8.10 -32.63 25.23
N MET C 489 -8.26 -31.60 24.40
CA MET C 489 -9.40 -30.69 24.56
C MET C 489 -10.70 -31.35 24.13
N ASN C 490 -10.66 -32.18 23.09
CA ASN C 490 -11.85 -32.85 22.58
C ASN C 490 -11.77 -34.34 22.90
N PRO C 491 -12.49 -34.83 23.90
CA PRO C 491 -12.37 -36.26 24.26
C PRO C 491 -12.68 -37.19 23.10
N GLN C 492 -13.68 -36.87 22.29
CA GLN C 492 -14.09 -37.73 21.18
C GLN C 492 -13.70 -37.14 19.84
N MET D 1 -1.60 -55.60 26.37
CA MET D 1 -1.23 -54.25 25.88
C MET D 1 -2.06 -53.85 24.66
N LYS D 2 -2.51 -52.59 24.62
CA LYS D 2 -3.29 -52.10 23.50
C LYS D 2 -2.49 -52.17 22.20
N LEU D 3 -1.20 -51.83 22.26
CA LEU D 3 -0.39 -51.68 21.07
C LEU D 3 -0.54 -52.85 20.11
N GLU D 4 -0.50 -54.07 20.64
CA GLU D 4 -0.51 -55.25 19.77
C GLU D 4 -1.75 -55.27 18.89
N GLN D 5 -2.91 -54.91 19.45
CA GLN D 5 -4.14 -54.91 18.66
C GLN D 5 -4.08 -53.87 17.55
N GLN D 6 -3.56 -52.69 17.85
CA GLN D 6 -3.44 -51.66 16.82
C GLN D 6 -2.53 -52.12 15.69
N ILE D 7 -1.38 -52.72 16.05
CA ILE D 7 -0.50 -53.28 15.05
C ILE D 7 -1.27 -54.28 14.19
N GLN D 8 -1.77 -55.35 14.83
CA GLN D 8 -2.58 -56.33 14.13
C GLN D 8 -3.53 -55.70 13.13
N ARG D 9 -4.29 -54.69 13.58
CA ARG D 9 -5.28 -54.07 12.70
C ARG D 9 -4.61 -53.44 11.48
N VAL D 10 -3.56 -52.65 11.70
CA VAL D 10 -2.93 -51.95 10.58
C VAL D 10 -2.33 -52.94 9.60
N ILE D 11 -1.61 -53.95 10.11
CA ILE D 11 -0.98 -54.94 9.25
C ILE D 11 -2.03 -55.68 8.44
N LEU D 12 -3.11 -56.10 9.08
CA LEU D 12 -4.16 -56.82 8.37
C LEU D 12 -4.78 -55.95 7.29
N GLU D 13 -5.04 -54.67 7.60
CA GLU D 13 -5.62 -53.79 6.61
C GLU D 13 -4.70 -53.61 5.40
N GLU D 14 -3.40 -53.42 5.65
CA GLU D 14 -2.46 -53.27 4.55
C GLU D 14 -2.41 -54.52 3.68
N ALA D 15 -2.31 -55.69 4.32
CA ALA D 15 -2.26 -56.93 3.57
C ALA D 15 -3.54 -57.14 2.75
N LYS D 16 -4.69 -56.86 3.35
CA LYS D 16 -5.96 -57.01 2.64
C LYS D 16 -6.04 -56.07 1.44
N ALA D 17 -5.58 -54.83 1.61
CA ALA D 17 -5.60 -53.89 0.49
C ALA D 17 -4.72 -54.38 -0.66
N LEU D 18 -3.51 -54.84 -0.35
CA LEU D 18 -2.64 -55.33 -1.42
C LEU D 18 -3.22 -56.57 -2.07
N ILE D 19 -3.84 -57.47 -1.29
CA ILE D 19 -4.43 -58.67 -1.86
C ILE D 19 -5.56 -58.31 -2.80
N LYS D 20 -6.42 -57.36 -2.39
CA LYS D 20 -7.50 -56.91 -3.25
C LYS D 20 -6.96 -56.33 -4.54
N ASP D 21 -5.89 -55.53 -4.44
CA ASP D 21 -5.29 -54.93 -5.63
C ASP D 21 -4.80 -56.01 -6.58
N TYR D 22 -4.12 -57.03 -6.06
CA TYR D 22 -3.62 -58.10 -6.92
C TYR D 22 -4.76 -58.87 -7.58
N HIS D 23 -5.83 -59.14 -6.82
CA HIS D 23 -6.97 -59.85 -7.39
C HIS D 23 -7.59 -59.05 -8.53
N GLU D 24 -7.78 -57.75 -8.31
CA GLU D 24 -8.28 -56.89 -9.37
C GLU D 24 -7.34 -56.90 -10.57
N TYR D 25 -6.03 -56.99 -10.32
CA TYR D 25 -5.01 -57.01 -11.40
C TYR D 25 -5.19 -58.27 -12.25
N HIS D 26 -5.15 -59.44 -11.63
CA HIS D 26 -5.24 -60.74 -12.37
C HIS D 26 -6.60 -60.80 -13.05
N ASN D 27 -7.62 -60.17 -12.45
CA ASN D 27 -9.00 -60.16 -13.03
C ASN D 27 -9.01 -59.26 -14.25
N ARG D 28 -8.30 -58.13 -14.21
CA ARG D 28 -8.25 -57.18 -15.34
C ARG D 28 -7.33 -57.74 -16.42
N VAL D 29 -6.41 -58.64 -16.04
CA VAL D 29 -5.50 -59.29 -17.03
C VAL D 29 -6.36 -60.24 -17.87
N HIS D 30 -7.34 -60.90 -17.26
CA HIS D 30 -8.17 -61.87 -17.97
C HIS D 30 -9.18 -61.20 -18.88
N LEU D 31 -9.84 -60.14 -18.39
CA LEU D 31 -10.82 -59.46 -19.22
C LEU D 31 -10.16 -58.85 -20.46
N GLU D 32 -9.01 -58.21 -20.28
CA GLU D 32 -8.30 -57.64 -21.41
C GLU D 32 -7.81 -58.73 -22.35
N SER D 33 -7.49 -59.91 -21.82
CA SER D 33 -7.13 -61.03 -22.67
C SER D 33 -8.30 -61.44 -23.55
N VAL D 34 -9.49 -61.50 -22.98
CA VAL D 34 -10.67 -61.84 -23.77
C VAL D 34 -10.88 -60.81 -24.86
N ARG D 35 -10.80 -59.52 -24.50
CA ARG D 35 -10.99 -58.47 -25.50
C ARG D 35 -9.94 -58.54 -26.59
N ASN D 36 -8.67 -58.75 -26.23
CA ASN D 36 -7.60 -58.83 -27.21
C ASN D 36 -7.75 -60.04 -28.11
N LYS D 37 -8.21 -61.18 -27.58
CA LYS D 37 -8.50 -62.32 -28.42
C LYS D 37 -9.61 -62.01 -29.41
N LYS D 38 -10.65 -61.30 -28.97
CA LYS D 38 -11.71 -60.90 -29.89
C LYS D 38 -11.29 -59.78 -30.83
N ARG D 39 -10.17 -59.11 -30.59
CA ARG D 39 -9.73 -57.99 -31.41
C ARG D 39 -8.70 -58.42 -32.44
N LEU D 40 -7.59 -59.00 -32.00
CA LEU D 40 -6.54 -59.42 -32.92
C LEU D 40 -6.81 -60.78 -33.54
N GLY D 41 -7.88 -61.45 -33.15
CA GLY D 41 -8.22 -62.74 -33.74
C GLY D 41 -7.38 -63.87 -33.14
N ASP D 42 -6.73 -64.64 -34.00
CA ASP D 42 -5.94 -65.79 -33.58
C ASP D 42 -4.45 -65.47 -33.50
N SER D 43 -4.09 -64.19 -33.61
CA SER D 43 -2.70 -63.77 -33.49
C SER D 43 -2.40 -63.10 -32.16
N ALA D 44 -3.38 -63.00 -31.26
CA ALA D 44 -3.16 -62.36 -29.97
C ALA D 44 -2.23 -63.21 -29.11
N PRO D 45 -1.36 -62.59 -28.32
CA PRO D 45 -0.50 -63.37 -27.42
C PRO D 45 -1.29 -63.98 -26.29
N ASP D 46 -0.62 -64.85 -25.53
CA ASP D 46 -1.26 -65.58 -24.45
C ASP D 46 -1.34 -64.71 -23.20
N LYS D 47 -2.19 -65.14 -22.27
CA LYS D 47 -2.39 -64.41 -21.03
C LYS D 47 -1.23 -64.67 -20.06
N LYS D 48 -0.53 -63.60 -19.69
CA LYS D 48 0.61 -63.66 -18.78
C LYS D 48 0.25 -62.95 -17.49
N ILE D 49 0.38 -63.65 -16.36
CA ILE D 49 0.16 -63.06 -15.04
C ILE D 49 1.51 -62.97 -14.34
N HIS D 50 1.85 -61.77 -13.87
CA HIS D 50 3.12 -61.51 -13.23
C HIS D 50 2.91 -61.14 -11.77
N ARG D 51 3.61 -61.84 -10.87
CA ARG D 51 3.65 -61.37 -9.50
C ARG D 51 4.78 -60.35 -9.34
N PRO D 52 4.59 -59.27 -8.59
CA PRO D 52 5.66 -58.29 -8.43
C PRO D 52 6.94 -58.97 -7.94
N ASN D 53 8.07 -58.56 -8.53
CA ASN D 53 9.33 -59.25 -8.27
C ASN D 53 9.71 -59.19 -6.80
N TYR D 54 9.55 -58.04 -6.16
CA TYR D 54 10.00 -57.90 -4.78
C TYR D 54 9.22 -58.77 -3.82
N TRP D 55 8.09 -59.33 -4.26
CA TRP D 55 7.38 -60.30 -3.43
C TRP D 55 8.20 -61.54 -3.15
N SER D 56 9.29 -61.76 -3.90
CA SER D 56 10.14 -62.93 -3.70
C SER D 56 11.41 -62.64 -2.91
N PHE D 57 11.84 -61.38 -2.83
CA PHE D 57 13.09 -61.09 -2.12
C PHE D 57 12.99 -61.50 -0.66
N ASP D 58 11.90 -61.13 0.01
CA ASP D 58 11.67 -61.50 1.39
C ASP D 58 10.23 -61.95 1.56
N LYS D 59 10.03 -63.00 2.35
CA LYS D 59 8.70 -63.57 2.51
C LYS D 59 7.70 -62.59 3.12
N LYS D 60 8.16 -61.54 3.78
CA LYS D 60 7.27 -60.54 4.35
C LYS D 60 6.78 -59.53 3.33
N PHE D 61 7.45 -59.41 2.19
CA PHE D 61 6.96 -58.55 1.11
C PHE D 61 5.68 -59.10 0.47
N ASP D 62 5.42 -60.39 0.60
CA ASP D 62 4.22 -60.97 0.04
C ASP D 62 3.02 -60.65 0.93
N PRO D 63 1.99 -59.97 0.42
CA PRO D 63 0.81 -59.73 1.25
C PRO D 63 0.12 -61.01 1.69
N PHE D 64 0.16 -62.07 0.88
CA PHE D 64 -0.49 -63.32 1.25
C PHE D 64 0.14 -63.91 2.50
N TYR D 65 1.48 -63.98 2.53
CA TYR D 65 2.16 -64.50 3.71
C TYR D 65 1.91 -63.63 4.92
N VAL D 66 1.94 -62.30 4.74
CA VAL D 66 1.70 -61.41 5.87
C VAL D 66 0.31 -61.64 6.44
N LYS D 67 -0.71 -61.78 5.58
CA LYS D 67 -2.03 -62.14 6.06
C LYS D 67 -2.06 -63.51 6.70
N SER D 68 -1.14 -64.41 6.31
CA SER D 68 -1.08 -65.72 6.94
C SER D 68 -0.62 -65.62 8.39
N ASN D 69 0.35 -64.75 8.67
CA ASN D 69 0.95 -64.66 10.00
C ASN D 69 0.91 -63.25 10.56
N TYR D 70 -0.22 -62.56 10.39
CA TYR D 70 -0.32 -61.20 10.92
C TYR D 70 -0.33 -61.21 12.44
N LYS D 71 -1.00 -62.19 13.05
CA LYS D 71 -1.06 -62.25 14.51
C LYS D 71 0.34 -62.39 15.11
N SER D 72 1.09 -63.38 14.64
CA SER D 72 2.43 -63.62 15.17
C SER D 72 3.35 -62.43 14.91
N ILE D 73 3.27 -61.87 13.71
CA ILE D 73 4.11 -60.72 13.38
C ILE D 73 3.81 -59.56 14.33
N ALA D 74 2.52 -59.30 14.56
CA ALA D 74 2.14 -58.22 15.47
C ALA D 74 2.62 -58.48 16.89
N ARG D 75 2.47 -59.71 17.37
CA ARG D 75 2.93 -60.03 18.71
C ARG D 75 4.43 -59.78 18.84
N SER D 76 5.21 -60.32 17.91
CA SER D 76 6.66 -60.15 17.99
C SER D 76 7.04 -58.68 17.90
N ILE D 77 6.39 -57.94 17.01
CA ILE D 77 6.71 -56.52 16.83
C ILE D 77 6.40 -55.74 18.10
N ALA D 78 5.24 -55.99 18.71
CA ALA D 78 4.89 -55.29 19.94
C ALA D 78 5.88 -55.62 21.05
N ASN D 79 6.25 -56.89 21.20
CA ASN D 79 7.21 -57.26 22.22
C ASN D 79 8.55 -56.57 22.00
N LYS D 80 9.01 -56.54 20.75
CA LYS D 80 10.29 -55.90 20.47
C LYS D 80 10.23 -54.40 20.72
N ILE D 81 9.12 -53.76 20.35
CA ILE D 81 8.98 -52.32 20.59
C ILE D 81 9.00 -52.01 22.07
N GLU D 82 8.25 -52.78 22.88
CA GLU D 82 8.27 -52.51 24.32
C GLU D 82 9.63 -52.85 24.93
N ASN D 83 10.34 -53.83 24.39
CA ASN D 83 11.70 -54.10 24.82
C ASN D 83 12.71 -53.15 24.22
N ARG D 84 12.29 -52.29 23.28
CA ARG D 84 13.17 -51.28 22.69
C ARG D 84 14.31 -51.93 21.92
N THR D 85 14.03 -53.06 21.25
CA THR D 85 15.00 -53.75 20.41
C THR D 85 14.50 -53.88 18.98
N TYR D 86 13.55 -53.05 18.57
CA TYR D 86 12.98 -53.14 17.24
C TYR D 86 13.84 -52.42 16.21
N LEU D 87 13.93 -52.99 15.02
CA LEU D 87 14.61 -52.37 13.89
C LEU D 87 13.85 -52.76 12.63
N PRO D 88 13.52 -51.82 11.76
CA PRO D 88 12.83 -52.19 10.51
C PRO D 88 13.81 -52.87 9.55
N ASN D 89 13.34 -53.96 8.93
CA ASN D 89 14.19 -54.71 8.02
C ASN D 89 14.60 -53.84 6.84
N GLU D 90 15.58 -54.32 6.09
CA GLU D 90 16.09 -53.58 4.96
C GLU D 90 14.97 -53.31 3.96
N PRO D 91 14.79 -52.09 3.49
CA PRO D 91 13.82 -51.83 2.43
C PRO D 91 14.37 -52.21 1.07
N PHE D 92 13.48 -52.70 0.22
CA PHE D 92 13.86 -53.01 -1.16
C PHE D 92 14.00 -51.68 -1.88
N THR D 93 15.20 -51.35 -2.32
CA THR D 93 15.51 -50.04 -2.86
C THR D 93 15.82 -50.16 -4.35
N LYS D 94 15.13 -49.34 -5.15
CA LYS D 94 15.30 -49.30 -6.59
C LYS D 94 15.62 -47.87 -7.00
N ASP D 95 16.61 -47.70 -7.87
CA ASP D 95 17.07 -46.38 -8.27
C ASP D 95 16.48 -46.03 -9.62
N VAL D 96 15.56 -45.08 -9.65
CA VAL D 96 14.88 -44.65 -10.87
C VAL D 96 15.58 -43.39 -11.37
N PRO D 97 16.14 -43.40 -12.58
CA PRO D 97 16.83 -42.19 -13.06
C PRO D 97 15.85 -41.03 -13.21
N LYS D 98 16.21 -39.89 -12.60
CA LYS D 98 15.39 -38.69 -12.72
C LYS D 98 15.54 -38.09 -14.12
N PRO D 99 14.47 -37.55 -14.70
CA PRO D 99 14.60 -36.97 -16.06
C PRO D 99 15.59 -35.82 -16.12
N ASP D 100 15.71 -35.03 -15.06
CA ASP D 100 16.64 -33.91 -15.07
C ASP D 100 18.08 -34.35 -15.23
N GLY D 101 18.37 -35.62 -14.95
CA GLY D 101 19.72 -36.14 -15.07
C GLY D 101 20.22 -36.79 -13.80
N GLY D 102 19.42 -36.74 -12.73
CA GLY D 102 19.75 -37.35 -11.48
C GLY D 102 19.11 -38.72 -11.31
N ILE D 103 19.12 -39.20 -10.07
CA ILE D 103 18.53 -40.49 -9.74
C ILE D 103 17.78 -40.36 -8.42
N ARG D 104 16.56 -40.91 -8.38
CA ARG D 104 15.74 -40.93 -7.17
C ARG D 104 15.77 -42.35 -6.63
N LYS D 105 16.15 -42.49 -5.35
CA LYS D 105 16.27 -43.79 -4.71
C LYS D 105 14.95 -44.11 -4.02
N VAL D 106 14.07 -44.83 -4.71
CA VAL D 106 12.78 -45.22 -4.15
C VAL D 106 13.00 -46.42 -3.25
N SER D 107 12.39 -46.41 -2.07
CA SER D 107 12.52 -47.49 -1.11
C SER D 107 11.13 -48.00 -0.73
N ILE D 108 10.95 -49.32 -0.77
CA ILE D 108 9.71 -49.96 -0.39
C ILE D 108 10.01 -50.82 0.82
N TYR D 109 9.43 -50.46 1.97
CA TYR D 109 9.60 -51.25 3.18
C TYR D 109 8.71 -52.48 3.14
N GLN D 110 9.04 -53.44 4.00
CA GLN D 110 8.21 -54.62 4.14
C GLN D 110 6.87 -54.25 4.77
N ILE D 111 5.86 -55.07 4.50
CA ILE D 111 4.50 -54.73 4.91
C ILE D 111 4.42 -54.42 6.40
N PRO D 112 5.03 -55.19 7.31
CA PRO D 112 4.97 -54.83 8.73
C PRO D 112 5.54 -53.46 9.04
N ASP D 113 6.75 -53.17 8.54
CA ASP D 113 7.37 -51.88 8.83
C ASP D 113 6.59 -50.74 8.19
N ALA D 114 6.06 -50.94 6.99
CA ALA D 114 5.23 -49.91 6.37
C ALA D 114 3.99 -49.64 7.20
N ALA D 115 3.37 -50.70 7.73
CA ALA D 115 2.22 -50.54 8.60
C ALA D 115 2.57 -49.75 9.86
N ILE D 116 3.71 -50.10 10.48
CA ILE D 116 4.13 -49.40 11.69
C ILE D 116 4.35 -47.92 11.40
N SER D 117 5.05 -47.62 10.30
CA SER D 117 5.30 -46.22 9.96
C SER D 117 4.00 -45.48 9.69
N LYS D 118 3.08 -46.07 8.93
CA LYS D 118 1.81 -45.43 8.66
C LYS D 118 1.00 -45.20 9.93
N LEU D 119 1.07 -46.13 10.88
CA LEU D 119 0.36 -45.97 12.15
C LEU D 119 0.95 -44.84 13.00
N PHE D 120 2.27 -44.83 13.17
CA PHE D 120 2.86 -43.90 14.12
C PHE D 120 3.07 -42.50 13.54
N PHE D 121 3.62 -42.39 12.34
CA PHE D 121 3.94 -41.09 11.80
C PHE D 121 2.70 -40.33 11.33
N ASN D 122 1.61 -41.03 11.00
CA ASN D 122 0.35 -40.33 10.78
C ASN D 122 -0.13 -39.66 12.06
N ARG D 123 -0.07 -40.36 13.19
CA ARG D 123 -0.43 -39.73 14.46
C ARG D 123 0.49 -38.55 14.77
N LEU D 124 1.79 -38.73 14.53
CA LEU D 124 2.74 -37.65 14.80
C LEU D 124 2.48 -36.43 13.92
N LEU D 125 2.16 -36.65 12.64
CA LEU D 125 1.89 -35.57 11.71
C LEU D 125 0.52 -34.93 11.94
N ALA D 126 -0.40 -35.63 12.59
CA ALA D 126 -1.69 -35.07 12.93
C ALA D 126 -1.66 -34.25 14.23
N LYS D 127 -0.97 -34.75 15.26
CA LYS D 127 -0.92 -34.01 16.52
C LYS D 127 -0.12 -32.72 16.38
N ASN D 128 0.95 -32.74 15.59
CA ASN D 128 1.79 -31.57 15.36
C ASN D 128 1.45 -30.86 14.06
N ARG D 129 0.19 -30.95 13.61
CA ARG D 129 -0.17 -30.45 12.29
C ARG D 129 0.00 -28.95 12.17
N HIS D 130 -0.34 -28.19 13.22
CA HIS D 130 -0.30 -26.73 13.17
C HIS D 130 1.11 -26.16 13.35
N ARG D 131 2.10 -27.00 13.63
CA ARG D 131 3.48 -26.54 13.77
C ARG D 131 4.27 -26.72 12.47
N PHE D 132 3.60 -27.08 11.38
CA PHE D 132 4.23 -27.20 10.07
C PHE D 132 3.72 -26.09 9.16
N SER D 133 4.55 -25.73 8.19
CA SER D 133 4.16 -24.70 7.24
C SER D 133 2.92 -25.15 6.47
N SER D 134 2.22 -24.16 5.91
CA SER D 134 0.96 -24.45 5.24
C SER D 134 1.15 -25.39 4.05
N PHE D 135 2.12 -25.09 3.20
CA PHE D 135 2.36 -25.84 1.96
C PHE D 135 3.60 -26.71 2.15
N SER D 136 3.37 -27.99 2.44
CA SER D 136 4.47 -28.96 2.55
C SER D 136 3.89 -30.34 2.32
N TYR D 137 4.25 -30.97 1.22
CA TYR D 137 3.70 -32.26 0.82
C TYR D 137 4.82 -33.28 0.63
N ALA D 138 4.42 -34.55 0.58
CA ALA D 138 5.36 -35.66 0.49
C ALA D 138 5.53 -36.19 -0.93
N TYR D 139 4.44 -36.49 -1.62
CA TYR D 139 4.46 -37.02 -2.96
C TYR D 139 4.08 -35.94 -3.96
N ARG D 140 4.61 -36.06 -5.18
CA ARG D 140 4.24 -35.15 -6.25
C ARG D 140 2.86 -35.44 -6.81
N ASN D 141 2.24 -36.55 -6.42
CA ASN D 141 0.88 -36.90 -6.84
C ASN D 141 -0.11 -36.78 -5.68
N ASP D 142 0.30 -36.17 -4.58
CA ASP D 142 -0.62 -35.97 -3.46
C ASP D 142 -1.73 -35.01 -3.85
N ARG D 143 -2.93 -35.26 -3.34
CA ARG D 143 -4.12 -34.53 -3.75
C ARG D 143 -4.23 -33.16 -3.09
N ASN D 144 -3.43 -32.87 -2.07
CA ASN D 144 -3.44 -31.58 -1.42
C ASN D 144 -2.48 -30.59 -2.07
N VAL D 145 -1.70 -31.03 -3.06
CA VAL D 145 -0.76 -30.11 -3.70
C VAL D 145 -1.52 -29.04 -4.48
N HIS D 146 -2.70 -29.37 -4.98
CA HIS D 146 -3.46 -28.43 -5.79
C HIS D 146 -3.87 -27.18 -5.03
N PHE D 147 -3.85 -27.21 -3.69
CA PHE D 147 -4.08 -26.01 -2.92
C PHE D 147 -2.93 -25.01 -3.05
N ALA D 148 -1.70 -25.50 -3.20
CA ALA D 148 -0.57 -24.63 -3.47
C ALA D 148 -0.58 -24.08 -4.88
N ILE D 149 -0.94 -24.90 -5.87
CA ILE D 149 -1.02 -24.41 -7.24
C ILE D 149 -2.08 -23.33 -7.37
N GLN D 150 -3.16 -23.42 -6.60
CA GLN D 150 -4.11 -22.33 -6.54
C GLN D 150 -3.47 -21.07 -5.97
N ASP D 151 -2.64 -21.21 -4.93
CA ASP D 151 -2.03 -20.03 -4.32
C ASP D 151 -1.12 -19.31 -5.30
N ILE D 152 -0.24 -20.05 -5.97
CA ILE D 152 0.68 -19.42 -6.92
C ILE D 152 -0.11 -18.73 -8.02
N SER D 153 -1.05 -19.45 -8.64
CA SER D 153 -1.82 -18.88 -9.73
C SER D 153 -2.48 -17.58 -9.31
N VAL D 154 -3.25 -17.62 -8.23
CA VAL D 154 -3.96 -16.43 -7.78
C VAL D 154 -2.98 -15.29 -7.54
N ASP D 155 -1.77 -15.61 -7.10
CA ASP D 155 -0.76 -14.57 -6.91
C ASP D 155 -0.27 -14.05 -8.25
N LEU D 156 0.12 -14.95 -9.15
CA LEU D 156 0.68 -14.56 -10.43
C LEU D 156 -0.25 -13.60 -11.14
N LYS D 157 -1.55 -13.81 -10.99
CA LYS D 157 -2.55 -12.95 -11.60
C LYS D 157 -2.81 -11.71 -10.75
N LYS D 158 -2.88 -11.86 -9.43
CA LYS D 158 -3.10 -10.69 -8.57
C LYS D 158 -1.93 -9.73 -8.68
N ASN D 159 -0.71 -10.25 -8.56
CA ASN D 159 0.47 -9.49 -8.94
C ASN D 159 0.54 -9.41 -10.46
N GLU D 160 1.56 -8.72 -10.96
CA GLU D 160 1.88 -8.69 -12.37
C GLU D 160 3.35 -8.96 -12.63
N ARG D 161 4.20 -8.90 -11.60
CA ARG D 161 5.62 -9.15 -11.69
C ARG D 161 6.02 -9.93 -10.43
N THR D 162 6.00 -11.26 -10.54
CA THR D 162 6.31 -12.12 -9.42
C THR D 162 7.72 -12.70 -9.58
N PHE D 163 8.56 -12.51 -8.57
CA PHE D 163 9.89 -13.08 -8.55
C PHE D 163 9.84 -14.48 -7.94
N LEU D 164 10.46 -15.44 -8.63
CA LEU D 164 10.44 -16.84 -8.26
C LEU D 164 11.87 -17.36 -8.11
N ALA D 165 11.98 -18.46 -7.37
CA ALA D 165 13.24 -19.17 -7.19
C ALA D 165 12.96 -20.61 -6.80
N GLU D 166 13.33 -21.55 -7.67
CA GLU D 166 13.12 -22.97 -7.42
C GLU D 166 14.41 -23.62 -6.95
N PHE D 167 14.28 -24.61 -6.06
CA PHE D 167 15.42 -25.24 -5.43
C PHE D 167 15.26 -26.76 -5.50
N ASP D 168 16.34 -27.47 -5.15
CA ASP D 168 16.36 -28.92 -5.17
C ASP D 168 17.04 -29.41 -3.90
N PHE D 169 16.27 -30.07 -3.03
CA PHE D 169 16.76 -30.57 -1.76
C PHE D 169 17.18 -32.04 -1.82
N SER D 170 17.21 -32.64 -3.01
CA SER D 170 17.49 -34.07 -3.10
C SER D 170 18.75 -34.45 -2.36
N ASP D 171 19.85 -33.74 -2.62
CA ASP D 171 21.09 -34.02 -1.89
C ASP D 171 20.94 -33.70 -0.42
N PHE D 172 20.23 -32.63 -0.08
CA PHE D 172 20.13 -32.21 1.32
C PHE D 172 19.45 -33.29 2.15
N PHE D 173 18.31 -33.81 1.67
CA PHE D 173 17.65 -34.91 2.38
C PHE D 173 18.49 -36.19 2.29
N GLY D 174 19.11 -36.44 1.14
CA GLY D 174 19.88 -37.66 0.96
C GLY D 174 21.13 -37.75 1.82
N SER D 175 21.63 -36.62 2.35
CA SER D 175 22.87 -36.65 3.11
C SER D 175 22.80 -35.83 4.39
N ILE D 176 21.62 -35.56 4.94
CA ILE D 176 21.55 -34.84 6.21
C ILE D 176 22.02 -35.75 7.34
N SER D 177 22.58 -35.15 8.38
CA SER D 177 23.13 -35.89 9.50
C SER D 177 22.06 -36.15 10.55
N HIS D 178 22.00 -37.39 11.04
CA HIS D 178 20.99 -37.78 12.00
C HIS D 178 21.07 -36.95 13.28
N SER D 179 22.27 -36.48 13.63
CA SER D 179 22.41 -35.70 14.85
C SER D 179 21.56 -34.44 14.78
N PHE D 180 21.53 -33.79 13.62
CA PHE D 180 20.68 -32.62 13.44
C PHE D 180 19.22 -32.97 13.74
N LEU D 181 18.73 -34.06 13.15
CA LEU D 181 17.35 -34.48 13.36
C LEU D 181 17.08 -34.70 14.84
N ASN D 182 17.98 -35.44 15.51
CA ASN D 182 17.81 -35.68 16.94
C ASN D 182 17.77 -34.37 17.71
N GLU D 183 18.58 -33.39 17.30
CA GLU D 183 18.57 -32.09 17.94
C GLU D 183 17.24 -31.36 17.75
N GLN D 184 16.54 -31.61 16.65
CA GLN D 184 15.32 -30.88 16.35
C GLN D 184 14.07 -31.46 17.02
N PHE D 185 14.21 -32.53 17.81
CA PHE D 185 13.03 -33.18 18.37
C PHE D 185 12.29 -32.32 19.38
N ASN D 186 12.99 -31.52 20.19
CA ASN D 186 12.39 -30.85 21.34
C ASN D 186 12.34 -29.34 21.15
N GLU D 187 11.93 -28.88 19.98
CA GLU D 187 11.82 -27.45 19.69
C GLU D 187 10.55 -27.19 18.90
N ASN D 188 10.19 -25.90 18.81
CA ASN D 188 9.02 -25.45 18.06
C ASN D 188 7.72 -26.01 18.61
N GLY D 189 7.74 -26.48 19.86
CA GLY D 189 6.54 -27.02 20.48
C GLY D 189 6.03 -28.27 19.79
N PHE D 190 6.94 -29.18 19.44
CA PHE D 190 6.58 -30.46 18.88
C PHE D 190 6.23 -31.42 20.01
N TYR D 191 5.13 -32.15 19.85
CA TYR D 191 4.69 -33.17 20.81
C TYR D 191 5.07 -34.53 20.25
N ILE D 192 6.15 -35.10 20.78
CA ILE D 192 6.64 -36.42 20.38
C ILE D 192 6.77 -37.25 21.64
N SER D 193 5.98 -38.33 21.73
CA SER D 193 6.00 -39.19 22.90
C SER D 193 7.25 -40.05 22.91
N PRO D 194 7.63 -40.61 24.06
CA PRO D 194 8.86 -41.43 24.09
C PRO D 194 8.82 -42.62 23.14
N GLU D 195 7.67 -43.28 23.01
CA GLU D 195 7.57 -44.40 22.08
C GLU D 195 7.74 -43.92 20.64
N GLU D 196 7.11 -42.80 20.29
CA GLU D 196 7.27 -42.25 18.95
C GLU D 196 8.70 -41.81 18.70
N LYS D 197 9.36 -41.22 19.71
CA LYS D 197 10.77 -40.88 19.55
C LYS D 197 11.61 -42.13 19.31
N PHE D 198 11.34 -43.19 20.05
CA PHE D 198 12.09 -44.43 19.85
C PHE D 198 11.89 -44.97 18.44
N ILE D 199 10.66 -44.93 17.94
CA ILE D 199 10.40 -45.46 16.60
C ILE D 199 11.05 -44.58 15.55
N ILE D 200 11.06 -43.26 15.74
CA ILE D 200 11.74 -42.37 14.81
C ILE D 200 13.22 -42.71 14.78
N ARG D 201 13.83 -42.90 15.94
CA ARG D 201 15.25 -43.23 15.99
C ARG D 201 15.51 -44.62 15.42
N SER D 202 14.58 -45.56 15.59
CA SER D 202 14.75 -46.88 14.99
C SER D 202 14.76 -46.81 13.47
N PHE D 203 13.79 -46.09 12.89
CA PHE D 203 13.77 -45.92 11.45
C PHE D 203 14.95 -45.13 10.92
N LEU D 204 15.45 -44.14 11.68
CA LEU D 204 16.62 -43.39 11.26
C LEU D 204 17.92 -44.11 11.51
N ARG D 205 17.90 -45.20 12.28
CA ARG D 205 19.11 -45.97 12.52
C ARG D 205 19.36 -47.00 11.43
N GLU D 206 18.29 -47.52 10.81
CA GLU D 206 18.45 -48.43 9.68
C GLU D 206 19.24 -47.75 8.55
N ARG D 207 19.05 -46.46 8.37
CA ARG D 207 19.84 -45.67 7.42
C ARG D 207 20.93 -44.93 8.18
N LYS D 208 22.15 -45.02 7.67
CA LYS D 208 23.29 -44.39 8.33
C LYS D 208 23.29 -42.87 8.17
N VAL D 209 22.60 -42.35 7.16
CA VAL D 209 22.54 -40.91 6.93
C VAL D 209 21.42 -40.60 5.96
N GLY D 210 20.74 -39.48 6.15
CA GLY D 210 19.70 -39.04 5.25
C GLY D 210 18.32 -39.47 5.71
N ILE D 211 17.32 -38.99 4.98
CA ILE D 211 15.91 -39.28 5.26
C ILE D 211 15.37 -40.18 4.14
N PRO D 212 14.64 -41.24 4.45
CA PRO D 212 14.08 -42.07 3.37
C PRO D 212 13.03 -41.30 2.58
N GLN D 213 13.18 -41.32 1.26
CA GLN D 213 12.30 -40.58 0.37
C GLN D 213 11.14 -41.45 -0.08
N GLY D 214 9.98 -40.82 -0.27
CA GLY D 214 8.81 -41.53 -0.74
C GLY D 214 8.19 -42.43 0.31
N THR D 215 7.95 -41.90 1.50
CA THR D 215 7.36 -42.67 2.59
C THR D 215 6.61 -41.73 3.52
N SER D 216 5.72 -42.31 4.33
CA SER D 216 5.05 -41.51 5.35
C SER D 216 6.06 -40.85 6.28
N ILE D 217 7.21 -41.48 6.46
CA ILE D 217 8.29 -40.88 7.25
C ILE D 217 8.82 -39.62 6.57
N SER D 218 8.79 -39.60 5.24
CA SER D 218 9.44 -38.52 4.50
C SER D 218 8.83 -37.17 4.83
N LEU D 219 7.49 -37.12 4.87
CA LEU D 219 6.83 -35.83 5.11
C LEU D 219 7.15 -35.31 6.50
N PHE D 220 7.03 -36.15 7.53
CA PHE D 220 7.25 -35.68 8.88
C PHE D 220 8.71 -35.29 9.10
N LEU D 221 9.64 -36.17 8.75
CA LEU D 221 11.05 -35.84 8.97
C LEU D 221 11.52 -34.70 8.08
N ALA D 222 10.88 -34.48 6.94
CA ALA D 222 11.20 -33.31 6.13
C ALA D 222 10.70 -32.02 6.78
N ASN D 223 9.56 -32.08 7.45
CA ASN D 223 9.03 -30.93 8.17
C ASN D 223 9.67 -30.77 9.55
N LEU D 224 10.44 -31.75 9.99
CA LEU D 224 11.15 -31.65 11.25
C LEU D 224 12.58 -31.13 11.09
N THR D 225 13.12 -31.16 9.88
CA THR D 225 14.47 -30.67 9.60
C THR D 225 14.46 -29.26 9.01
N CYS D 226 13.40 -28.88 8.31
CA CYS D 226 13.35 -27.58 7.66
C CYS D 226 12.35 -26.65 8.34
N TRP D 227 12.05 -26.89 9.62
CA TRP D 227 11.13 -26.02 10.34
C TRP D 227 11.72 -24.66 10.66
N LYS D 228 13.02 -24.58 10.92
CA LYS D 228 13.68 -23.31 11.13
C LYS D 228 13.81 -22.49 9.85
N LEU D 229 14.26 -23.12 8.77
CA LEU D 229 14.22 -22.45 7.47
C LEU D 229 12.80 -22.05 7.11
N ASP D 230 11.83 -22.90 7.40
CA ASP D 230 10.42 -22.57 7.19
C ASP D 230 10.04 -21.29 7.91
N GLN D 231 10.34 -21.21 9.19
CA GLN D 231 9.99 -20.02 9.96
C GLN D 231 10.71 -18.78 9.44
N ASP D 232 11.99 -18.94 9.08
CA ASP D 232 12.74 -17.79 8.59
C ASP D 232 12.14 -17.27 7.29
N LEU D 233 11.82 -18.17 6.36
CA LEU D 233 11.21 -17.72 5.11
C LEU D 233 9.84 -17.10 5.32
N GLU D 234 9.04 -17.63 6.25
CA GLU D 234 7.78 -16.96 6.56
C GLU D 234 8.02 -15.58 7.16
N ARG D 235 9.02 -15.45 8.03
CA ARG D 235 9.31 -14.18 8.69
C ARG D 235 9.81 -13.14 7.70
N GLU D 236 10.49 -13.55 6.63
CA GLU D 236 10.88 -12.58 5.62
C GLU D 236 9.70 -12.16 4.75
N GLY D 237 8.64 -12.96 4.69
CA GLY D 237 7.45 -12.64 3.95
C GLY D 237 7.31 -13.37 2.63
N VAL D 238 8.41 -13.94 2.12
CA VAL D 238 8.35 -14.69 0.87
C VAL D 238 7.48 -15.92 1.06
N LYS D 239 6.60 -16.18 0.10
CA LYS D 239 5.84 -17.42 0.14
C LYS D 239 6.63 -18.55 -0.51
N PHE D 240 6.21 -19.78 -0.22
CA PHE D 240 6.96 -20.96 -0.63
C PHE D 240 6.06 -22.19 -0.67
N SER D 241 6.58 -23.31 -1.21
CA SER D 241 5.83 -24.59 -1.26
C SER D 241 6.84 -25.70 -1.49
N ARG D 242 7.00 -26.65 -0.57
CA ARG D 242 8.08 -27.67 -0.69
C ARG D 242 7.66 -28.84 -1.57
N TYR D 243 6.44 -29.43 -1.29
CA TYR D 243 6.03 -30.69 -1.98
C TYR D 243 7.25 -31.64 -1.99
N ALA D 244 7.52 -32.38 -3.12
CA ALA D 244 8.56 -33.42 -3.08
C ALA D 244 9.96 -32.84 -3.26
N ASP D 245 10.69 -32.61 -2.17
CA ASP D 245 12.09 -32.09 -2.22
C ASP D 245 12.28 -31.13 -3.40
N ASP D 246 11.35 -30.20 -3.64
CA ASP D 246 11.48 -29.20 -4.70
C ASP D 246 10.77 -27.93 -4.22
N THR D 247 11.53 -27.02 -3.63
CA THR D 247 10.97 -25.85 -2.98
C THR D 247 10.97 -24.68 -3.96
N ILE D 248 9.78 -24.21 -4.28
CA ILE D 248 9.60 -22.95 -5.01
C ILE D 248 9.36 -21.85 -4.00
N ILE D 249 9.91 -20.66 -4.27
CA ILE D 249 9.74 -19.49 -3.42
C ILE D 249 9.31 -18.34 -4.32
N TRP D 250 8.21 -17.68 -3.98
CA TRP D 250 7.69 -16.59 -4.79
C TRP D 250 7.35 -15.39 -3.92
N SER D 251 7.55 -14.20 -4.48
CA SER D 251 7.20 -12.96 -3.80
C SER D 251 7.17 -11.82 -4.80
N GLN D 252 6.50 -10.73 -4.42
CA GLN D 252 6.43 -9.56 -5.27
C GLN D 252 7.73 -8.77 -5.29
N GLU D 253 8.44 -8.70 -4.16
CA GLU D 253 9.54 -7.77 -3.98
C GLU D 253 10.88 -8.46 -4.25
N TYR D 254 11.73 -7.79 -5.01
CA TYR D 254 13.06 -8.33 -5.29
C TYR D 254 13.87 -8.51 -4.01
N SER D 255 13.79 -7.55 -3.09
CA SER D 255 14.61 -7.61 -1.89
C SER D 255 14.29 -8.86 -1.06
N LYS D 256 13.00 -9.20 -0.96
CA LYS D 256 12.63 -10.36 -0.15
C LYS D 256 13.13 -11.66 -0.76
N ILE D 257 13.05 -11.81 -2.08
CA ILE D 257 13.61 -13.00 -2.71
C ILE D 257 15.12 -13.03 -2.56
N CYS D 258 15.78 -11.87 -2.67
CA CYS D 258 17.22 -11.81 -2.49
C CYS D 258 17.60 -12.27 -1.08
N ASN D 259 16.85 -11.84 -0.08
CA ASN D 259 17.09 -12.25 1.29
C ASN D 259 16.77 -13.73 1.52
N ALA D 260 15.73 -14.25 0.86
CA ALA D 260 15.43 -15.67 0.97
C ALA D 260 16.53 -16.54 0.37
N PHE D 261 17.14 -16.08 -0.73
CA PHE D 261 18.29 -16.81 -1.27
C PHE D 261 19.40 -16.93 -0.23
N ASN D 262 19.73 -15.83 0.45
CA ASN D 262 20.76 -15.86 1.47
C ASN D 262 20.34 -16.73 2.65
N ILE D 263 19.06 -16.69 3.02
CA ILE D 263 18.58 -17.52 4.12
C ILE D 263 18.78 -18.99 3.79
N ILE D 264 18.42 -19.39 2.57
CA ILE D 264 18.57 -20.79 2.18
C ILE D 264 20.04 -21.18 2.12
N THR D 265 20.90 -20.30 1.60
CA THR D 265 22.32 -20.61 1.58
C THR D 265 22.86 -20.80 3.00
N ASN D 266 22.45 -19.92 3.92
CA ASN D 266 22.89 -20.04 5.31
C ASN D 266 22.38 -21.32 5.94
N PHE D 267 21.13 -21.69 5.66
CA PHE D 267 20.59 -22.94 6.18
C PHE D 267 21.35 -24.14 5.64
N SER D 268 21.68 -24.12 4.35
CA SER D 268 22.47 -25.20 3.77
C SER D 268 23.83 -25.31 4.44
N LYS D 269 24.47 -24.16 4.69
CA LYS D 269 25.74 -24.18 5.43
C LYS D 269 25.55 -24.75 6.83
N SER D 270 24.49 -24.34 7.52
CA SER D 270 24.25 -24.81 8.88
C SER D 270 24.08 -26.33 8.91
N ALA D 271 23.30 -26.87 7.99
CA ALA D 271 23.17 -28.31 7.89
C ALA D 271 24.45 -28.97 7.39
N GLY D 272 25.37 -28.18 6.84
CA GLY D 272 26.61 -28.71 6.32
C GLY D 272 26.49 -29.42 4.99
N ILE D 273 25.34 -29.32 4.33
CA ILE D 273 25.11 -29.99 3.07
C ILE D 273 24.68 -28.93 2.06
N LYS D 274 24.90 -29.22 0.79
CA LYS D 274 24.73 -28.26 -0.29
C LYS D 274 23.29 -28.24 -0.79
N ILE D 275 22.74 -27.04 -0.95
CA ILE D 275 21.46 -26.82 -1.62
C ILE D 275 21.72 -25.91 -2.81
N ASN D 276 21.23 -26.31 -3.99
CA ASN D 276 21.49 -25.55 -5.20
C ASN D 276 20.19 -25.28 -5.95
N PRO D 277 20.11 -24.16 -6.68
CA PRO D 277 18.90 -23.88 -7.46
C PRO D 277 18.74 -24.86 -8.61
N LYS D 278 17.50 -25.01 -9.07
CA LYS D 278 17.18 -25.97 -10.12
C LYS D 278 17.77 -25.49 -11.45
N LYS D 279 18.85 -26.13 -11.87
CA LYS D 279 19.48 -25.86 -13.17
C LYS D 279 19.77 -24.37 -13.34
N SER D 280 20.58 -23.85 -12.42
CA SER D 280 21.01 -22.46 -12.46
C SER D 280 19.83 -21.53 -12.64
N GLU D 281 18.69 -21.87 -12.02
CA GLU D 281 17.50 -21.05 -12.14
C GLU D 281 17.75 -19.64 -11.61
N GLY D 282 18.37 -19.55 -10.44
CA GLY D 282 18.55 -18.24 -9.83
C GLY D 282 17.19 -17.63 -9.51
N ILE D 283 17.16 -16.31 -9.54
CA ILE D 283 15.92 -15.56 -9.39
C ILE D 283 15.37 -15.28 -10.78
N SER D 284 14.10 -15.64 -11.00
CA SER D 284 13.42 -15.41 -12.27
C SER D 284 12.20 -14.54 -12.03
N LEU D 285 11.60 -14.07 -13.12
CA LEU D 285 10.49 -13.13 -13.06
C LEU D 285 9.39 -13.60 -14.01
N LEU D 286 8.17 -13.77 -13.50
CA LEU D 286 7.02 -14.12 -14.33
C LEU D 286 6.20 -12.87 -14.60
N THR D 287 6.35 -12.32 -15.79
CA THR D 287 5.56 -11.19 -16.26
C THR D 287 4.51 -11.66 -17.26
N LYS D 288 3.64 -10.74 -17.65
CA LYS D 288 2.68 -11.03 -18.71
C LYS D 288 3.42 -11.35 -19.99
N LYS D 289 2.89 -12.31 -20.75
CA LYS D 289 3.51 -12.66 -22.02
C LYS D 289 3.55 -11.45 -22.95
N GLY D 290 4.68 -11.28 -23.62
CA GLY D 290 4.84 -10.19 -24.57
C GLY D 290 5.81 -9.12 -24.10
N LEU D 291 5.84 -8.86 -22.80
CA LEU D 291 6.70 -7.83 -22.26
C LEU D 291 8.17 -8.22 -22.45
N PRO D 292 9.07 -7.25 -22.53
CA PRO D 292 10.48 -7.57 -22.75
C PRO D 292 11.08 -8.28 -21.54
N SER D 293 12.27 -8.84 -21.75
CA SER D 293 12.94 -9.66 -20.76
C SER D 293 14.21 -8.98 -20.28
N GLU D 294 14.35 -8.85 -18.97
CA GLU D 294 15.53 -8.24 -18.37
C GLU D 294 16.30 -9.25 -17.52
N ILE D 295 15.65 -9.88 -16.54
CA ILE D 295 16.33 -10.80 -15.57
C ILE D 295 15.63 -12.16 -15.63
N THR D 296 16.16 -13.11 -16.40
CA THR D 296 15.57 -14.46 -16.55
C THR D 296 14.07 -14.27 -16.58
N SER D 297 13.59 -13.29 -17.34
CA SER D 297 12.15 -12.94 -17.34
C SER D 297 11.39 -13.93 -18.24
N LYS D 298 10.99 -15.07 -17.69
CA LYS D 298 10.18 -16.07 -18.45
C LYS D 298 8.70 -15.68 -18.30
N ASN D 299 7.78 -16.45 -18.86
CA ASN D 299 6.36 -16.18 -18.78
C ASN D 299 5.55 -17.43 -18.49
N ASN D 300 6.20 -18.56 -18.22
CA ASN D 300 5.50 -19.83 -17.99
C ASN D 300 6.31 -20.64 -16.99
N LEU D 301 5.78 -20.78 -15.77
CA LEU D 301 6.41 -21.62 -14.76
C LEU D 301 5.79 -23.01 -14.79
N ASP D 302 6.62 -24.03 -14.65
CA ASP D 302 6.18 -25.42 -14.69
C ASP D 302 6.05 -25.94 -13.27
N PHE D 303 4.87 -26.46 -12.93
CA PHE D 303 4.56 -26.94 -11.58
C PHE D 303 3.65 -28.15 -11.69
N LEU D 304 4.23 -29.34 -11.55
CA LEU D 304 3.49 -30.60 -11.40
C LEU D 304 2.35 -30.68 -12.43
N GLY D 305 2.74 -30.75 -13.69
CA GLY D 305 1.79 -30.94 -14.77
C GLY D 305 1.04 -29.69 -15.18
N TYR D 306 1.28 -28.56 -14.51
CA TYR D 306 0.68 -27.29 -14.88
C TYR D 306 1.74 -26.36 -15.43
N THR D 307 1.32 -25.43 -16.28
CA THR D 307 2.17 -24.37 -16.80
C THR D 307 1.48 -23.05 -16.43
N LEU D 308 1.80 -22.56 -15.24
CA LEU D 308 1.18 -21.34 -14.74
C LEU D 308 1.76 -20.13 -15.46
N SER D 309 0.88 -19.19 -15.79
CA SER D 309 1.25 -17.91 -16.38
C SER D 309 0.43 -16.82 -15.70
N VAL D 310 0.78 -15.56 -16.01
CA VAL D 310 0.14 -14.45 -15.33
C VAL D 310 -1.36 -14.40 -15.58
N GLU D 311 -1.83 -14.89 -16.72
CA GLU D 311 -3.24 -14.76 -17.10
C GLU D 311 -3.97 -16.09 -17.21
N ASN D 312 -3.26 -17.21 -17.29
CA ASN D 312 -3.91 -18.50 -17.44
C ASN D 312 -3.14 -19.59 -16.71
N VAL D 313 -3.85 -20.66 -16.39
CA VAL D 313 -3.29 -21.92 -15.92
C VAL D 313 -3.61 -22.98 -16.96
N SER D 314 -2.59 -23.61 -17.52
CA SER D 314 -2.75 -24.54 -18.63
C SER D 314 -2.05 -25.85 -18.31
N ILE D 315 -2.28 -26.84 -19.15
CA ILE D 315 -1.64 -28.14 -18.99
C ILE D 315 -0.21 -28.06 -19.54
N LYS D 316 0.73 -28.66 -18.83
CA LYS D 316 2.12 -28.65 -19.25
C LYS D 316 2.27 -29.33 -20.62
N GLU D 317 3.31 -28.92 -21.35
CA GLU D 317 3.54 -29.45 -22.68
C GLU D 317 3.78 -30.95 -22.65
N LYS D 318 4.56 -31.44 -21.69
CA LYS D 318 4.80 -32.87 -21.59
C LYS D 318 3.51 -33.64 -21.30
N SER D 319 2.68 -33.11 -20.41
CA SER D 319 1.40 -33.77 -20.12
C SER D 319 0.48 -33.75 -21.34
N VAL D 320 0.47 -32.64 -22.09
CA VAL D 320 -0.35 -32.58 -23.29
C VAL D 320 0.13 -33.60 -24.31
N LYS D 321 1.45 -33.73 -24.48
CA LYS D 321 1.98 -34.74 -25.37
C LYS D 321 1.63 -36.15 -24.91
N LYS D 322 1.63 -36.41 -23.60
CA LYS D 322 1.22 -37.70 -23.09
C LYS D 322 -0.25 -37.99 -23.36
N ILE D 323 -1.12 -36.99 -23.18
CA ILE D 323 -2.54 -37.17 -23.51
C ILE D 323 -2.70 -37.48 -24.98
N LYS D 324 -2.01 -36.72 -25.84
CA LYS D 324 -2.08 -36.97 -27.28
C LYS D 324 -1.60 -38.38 -27.61
N LYS D 325 -0.50 -38.81 -26.98
CA LYS D 325 0.01 -40.16 -27.20
C LYS D 325 -1.04 -41.19 -26.83
N GLN D 326 -1.67 -41.04 -25.67
CA GLN D 326 -2.64 -42.05 -25.23
C GLN D 326 -3.84 -42.11 -26.18
N ILE D 327 -4.37 -40.96 -26.57
CA ILE D 327 -5.53 -40.97 -27.47
C ILE D 327 -5.14 -41.57 -28.82
N SER D 328 -4.00 -41.16 -29.36
CA SER D 328 -3.57 -41.66 -30.66
C SER D 328 -3.34 -43.16 -30.61
N TYR D 329 -2.76 -43.65 -29.50
CA TYR D 329 -2.53 -45.09 -29.39
C TYR D 329 -3.83 -45.86 -29.22
N ILE D 330 -4.82 -45.29 -28.52
CA ILE D 330 -6.10 -45.96 -28.44
C ILE D 330 -6.69 -46.13 -29.84
N LEU D 331 -6.67 -45.05 -30.63
CA LEU D 331 -7.19 -45.15 -31.99
C LEU D 331 -6.40 -46.14 -32.82
N TYR D 332 -5.08 -46.12 -32.68
CA TYR D 332 -4.22 -47.03 -33.49
C TYR D 332 -4.54 -48.46 -33.13
N ARG D 333 -4.59 -48.77 -31.83
CA ARG D 333 -4.79 -50.13 -31.40
C ARG D 333 -6.17 -50.65 -31.82
N ASN D 334 -7.20 -49.82 -31.68
CA ASN D 334 -8.55 -50.31 -31.96
C ASN D 334 -8.92 -50.25 -33.45
N LEU D 335 -8.16 -49.52 -34.27
CA LEU D 335 -8.51 -49.35 -35.67
C LEU D 335 -7.45 -49.86 -36.64
N ILE D 336 -6.17 -49.55 -36.40
CA ILE D 336 -5.14 -49.82 -37.38
C ILE D 336 -4.29 -51.04 -37.04
N GLN D 337 -3.89 -51.22 -35.78
CA GLN D 337 -2.96 -52.29 -35.45
C GLN D 337 -3.45 -53.66 -35.89
N PRO D 338 -4.72 -54.05 -35.66
CA PRO D 338 -5.13 -55.40 -36.09
C PRO D 338 -4.96 -55.63 -37.58
N LEU D 339 -5.17 -54.60 -38.40
CA LEU D 339 -5.11 -54.77 -39.84
C LEU D 339 -3.68 -54.92 -40.34
N LYS D 340 -2.68 -54.50 -39.56
CA LYS D 340 -1.29 -54.62 -39.96
C LYS D 340 -0.70 -56.00 -39.68
N LYS D 341 -1.44 -56.87 -39.00
CA LYS D 341 -0.96 -58.22 -38.75
C LYS D 341 -0.94 -59.02 -40.03
N THR D 342 -0.04 -60.00 -40.09
CA THR D 342 0.17 -60.77 -41.33
C THR D 342 -1.06 -61.55 -41.75
N SER D 343 -1.98 -61.84 -40.83
CA SER D 343 -3.20 -62.55 -41.16
C SER D 343 -4.38 -61.91 -40.44
N LEU D 344 -5.53 -61.86 -41.11
CA LEU D 344 -6.73 -61.25 -40.57
C LEU D 344 -7.73 -62.28 -40.05
N ALA D 345 -7.31 -63.53 -39.89
CA ALA D 345 -8.21 -64.58 -39.43
C ALA D 345 -8.71 -64.25 -38.04
N GLY D 346 -10.02 -64.39 -37.83
CA GLY D 346 -10.62 -64.19 -36.53
C GLY D 346 -10.90 -62.75 -36.16
N GLN D 347 -10.83 -61.81 -37.10
CA GLN D 347 -11.10 -60.41 -36.84
C GLN D 347 -12.40 -60.00 -37.50
N THR D 348 -13.23 -59.26 -36.76
CA THR D 348 -14.48 -58.75 -37.30
C THR D 348 -14.20 -57.60 -38.26
N ILE D 349 -14.61 -57.77 -39.52
CA ILE D 349 -14.39 -56.75 -40.55
C ILE D 349 -15.63 -55.86 -40.61
N PRO D 350 -15.48 -54.53 -40.64
CA PRO D 350 -16.66 -53.68 -40.68
C PRO D 350 -17.49 -53.91 -41.93
N ALA D 351 -18.80 -53.73 -41.80
CA ALA D 351 -19.72 -53.92 -42.91
C ALA D 351 -21.11 -53.46 -42.45
N ASN D 352 -21.99 -53.30 -43.43
CA ASN D 352 -23.39 -52.95 -43.17
C ASN D 352 -23.49 -51.67 -42.34
N ASP D 353 -22.65 -50.70 -42.68
CA ASP D 353 -22.64 -49.39 -42.00
C ASP D 353 -22.47 -49.58 -40.50
N ARG D 354 -21.63 -50.53 -40.11
CA ARG D 354 -21.33 -50.79 -38.72
C ARG D 354 -19.84 -51.03 -38.55
N ASP D 355 -19.29 -50.57 -37.43
CA ASP D 355 -17.88 -50.81 -37.12
C ASP D 355 -17.77 -50.89 -35.59
N LYS D 356 -17.83 -52.11 -35.06
CA LYS D 356 -17.72 -52.30 -33.62
C LYS D 356 -16.39 -51.78 -33.10
N ASN D 357 -15.32 -51.91 -33.90
CA ASN D 357 -14.02 -51.41 -33.49
C ASN D 357 -14.03 -49.90 -33.31
N PHE D 358 -14.69 -49.18 -34.20
CA PHE D 358 -14.80 -47.72 -34.04
C PHE D 358 -15.56 -47.37 -32.77
N LEU D 359 -16.64 -48.10 -32.48
CA LEU D 359 -17.39 -47.85 -31.25
C LEU D 359 -16.51 -48.09 -30.03
N ILE D 360 -15.73 -49.18 -30.05
CA ILE D 360 -14.84 -49.47 -28.94
C ILE D 360 -13.82 -48.35 -28.77
N ALA D 361 -13.25 -47.88 -29.88
CA ALA D 361 -12.24 -46.82 -29.80
C ALA D 361 -12.83 -45.55 -29.21
N ILE D 362 -14.00 -45.13 -29.69
CA ILE D 362 -14.61 -43.91 -29.17
C ILE D 362 -14.98 -44.09 -27.70
N CYS D 363 -15.50 -45.25 -27.33
CA CYS D 363 -15.85 -45.50 -25.93
C CYS D 363 -14.63 -45.42 -25.03
N GLU D 364 -13.51 -46.01 -25.47
CA GLU D 364 -12.30 -45.96 -24.66
C GLU D 364 -11.75 -44.54 -24.57
N ILE D 365 -11.81 -43.79 -25.66
CA ILE D 365 -11.38 -42.39 -25.59
C ILE D 365 -12.24 -41.63 -24.60
N ARG D 366 -13.55 -41.87 -24.61
CA ARG D 366 -14.43 -41.21 -23.66
C ARG D 366 -14.08 -41.59 -22.23
N ARG D 367 -13.90 -42.88 -21.96
CA ARG D 367 -13.54 -43.32 -20.62
C ARG D 367 -12.22 -42.71 -20.17
N TYR D 368 -11.29 -42.48 -21.09
CA TYR D 368 -10.03 -41.85 -20.73
C TYR D 368 -10.16 -40.36 -20.46
N MET D 369 -10.97 -39.64 -21.25
CA MET D 369 -11.12 -38.20 -20.99
C MET D 369 -12.19 -37.93 -19.95
N TYR D 370 -13.42 -38.39 -20.16
CA TYR D 370 -14.54 -38.13 -19.27
C TYR D 370 -14.62 -39.13 -18.12
N GLY D 371 -14.69 -40.42 -18.42
CA GLY D 371 -14.94 -41.43 -17.43
C GLY D 371 -16.17 -42.25 -17.73
N GLY D 372 -16.86 -41.92 -18.81
CA GLY D 372 -18.08 -42.58 -19.18
C GLY D 372 -19.23 -41.62 -19.36
N LEU D 373 -19.09 -40.41 -18.83
CA LEU D 373 -20.13 -39.40 -18.93
C LEU D 373 -20.48 -39.14 -20.39
N SER D 374 -21.78 -39.21 -20.70
CA SER D 374 -22.28 -38.76 -21.98
C SER D 374 -22.49 -37.24 -21.95
N LYS D 375 -22.50 -36.62 -23.12
CA LYS D 375 -22.65 -35.17 -23.20
C LYS D 375 -23.99 -34.70 -22.62
N SER D 376 -25.02 -35.53 -22.70
CA SER D 376 -26.32 -35.15 -22.14
C SER D 376 -26.23 -34.97 -20.63
N GLN D 377 -25.51 -35.86 -19.94
CA GLN D 377 -25.35 -35.72 -18.50
C GLN D 377 -24.61 -34.43 -18.15
N ILE D 378 -23.57 -34.12 -18.91
CA ILE D 378 -22.81 -32.90 -18.64
C ILE D 378 -23.66 -31.66 -18.85
N LYS D 379 -24.43 -31.64 -19.94
CA LYS D 379 -25.32 -30.51 -20.17
C LYS D 379 -26.39 -30.41 -19.09
N ASP D 380 -26.89 -31.56 -18.62
CA ASP D 380 -27.88 -31.55 -17.55
C ASP D 380 -27.29 -30.93 -16.28
N TYR D 381 -26.07 -31.33 -15.92
CA TYR D 381 -25.41 -30.72 -14.77
C TYR D 381 -25.20 -29.23 -14.98
N LEU D 382 -24.80 -28.83 -16.19
CA LEU D 382 -24.57 -27.41 -16.45
C LEU D 382 -25.84 -26.59 -16.30
N SER D 383 -26.96 -27.11 -16.80
CA SER D 383 -28.22 -26.36 -16.70
C SER D 383 -28.72 -26.29 -15.27
N GLY D 384 -28.75 -27.42 -14.57
CA GLY D 384 -29.26 -27.48 -13.22
C GLY D 384 -30.21 -28.64 -13.01
N ARG D 385 -30.43 -29.44 -14.05
CA ARG D 385 -31.33 -30.58 -13.94
C ARG D 385 -30.83 -31.57 -12.90
N SER D 386 -29.54 -31.84 -12.90
CA SER D 386 -28.91 -32.76 -11.96
C SER D 386 -28.03 -32.00 -10.98
N ASN D 387 -27.71 -32.66 -9.87
CA ASN D 387 -26.84 -32.08 -8.85
C ASN D 387 -25.64 -32.96 -8.56
N ARG D 388 -25.26 -33.86 -9.48
CA ARG D 388 -24.15 -34.76 -9.25
C ARG D 388 -23.46 -35.05 -10.59
N LEU D 389 -22.14 -34.99 -10.60
CA LEU D 389 -21.34 -35.40 -11.76
C LEU D 389 -19.99 -35.90 -11.24
N TYR D 390 -19.80 -37.21 -11.27
CA TYR D 390 -18.53 -37.80 -10.84
C TYR D 390 -17.46 -37.46 -11.87
N PHE D 391 -16.42 -36.74 -11.44
CA PHE D 391 -15.31 -36.42 -12.32
C PHE D 391 -14.22 -37.47 -12.16
N LYS D 392 -14.07 -38.32 -13.18
CA LYS D 392 -13.12 -39.42 -13.17
C LYS D 392 -12.57 -39.59 -14.58
N GLY D 393 -11.43 -39.00 -14.83
CA GLY D 393 -10.78 -39.06 -16.13
C GLY D 393 -9.46 -38.34 -16.09
N ILE D 394 -8.81 -38.25 -17.24
CA ILE D 394 -7.54 -37.53 -17.31
C ILE D 394 -7.73 -36.06 -17.00
N MET D 395 -8.94 -35.52 -17.17
CA MET D 395 -9.24 -34.15 -16.82
C MET D 395 -9.57 -33.99 -15.34
N SER D 396 -9.66 -35.08 -14.59
CA SER D 396 -9.85 -35.03 -13.15
C SER D 396 -8.56 -34.80 -12.39
N PHE D 397 -7.40 -34.96 -13.04
CA PHE D 397 -6.12 -34.65 -12.45
C PHE D 397 -5.67 -33.24 -12.74
N TYR D 398 -6.44 -32.47 -13.51
CA TYR D 398 -6.14 -31.07 -13.79
C TYR D 398 -7.38 -30.22 -13.55
N PRO D 399 -7.90 -30.21 -12.33
CA PRO D 399 -9.09 -29.40 -12.05
C PRO D 399 -8.74 -27.95 -11.72
N LEU D 400 -7.80 -27.38 -12.48
CA LEU D 400 -7.52 -25.95 -12.35
C LEU D 400 -7.22 -25.31 -13.70
N VAL D 401 -7.52 -25.99 -14.80
CA VAL D 401 -7.14 -25.51 -16.13
C VAL D 401 -8.05 -24.36 -16.51
N ASN D 402 -7.49 -23.16 -16.59
CA ASN D 402 -8.24 -21.96 -16.95
C ASN D 402 -8.04 -21.60 -18.42
N ASP D 403 -7.20 -22.34 -19.14
CA ASP D 403 -6.88 -22.04 -20.53
C ASP D 403 -7.89 -22.73 -21.44
N VAL D 404 -8.70 -21.93 -22.14
CA VAL D 404 -9.71 -22.48 -23.03
C VAL D 404 -9.14 -22.75 -24.41
N GLU D 405 -8.19 -21.92 -24.85
CA GLU D 405 -7.62 -22.09 -26.18
C GLU D 405 -6.93 -23.43 -26.34
N GLN D 406 -6.20 -23.86 -25.31
CA GLN D 406 -5.52 -25.15 -25.38
C GLN D 406 -6.51 -26.30 -25.50
N LEU D 407 -7.59 -26.25 -24.74
CA LEU D 407 -8.60 -27.29 -24.83
C LEU D 407 -9.29 -27.30 -26.19
N LYS D 408 -9.56 -26.12 -26.75
CA LYS D 408 -10.13 -26.05 -28.10
C LYS D 408 -9.19 -26.67 -29.12
N GLN D 409 -7.90 -26.34 -29.05
CA GLN D 409 -6.94 -26.91 -29.98
C GLN D 409 -6.86 -28.41 -29.81
N LEU D 410 -6.90 -28.90 -28.57
CA LEU D 410 -6.81 -30.32 -28.33
C LEU D 410 -8.05 -31.05 -28.87
N ASP D 411 -9.23 -30.44 -28.75
CA ASP D 411 -10.43 -31.04 -29.33
C ASP D 411 -10.32 -31.12 -30.85
N GLY D 412 -9.86 -30.03 -31.48
CA GLY D 412 -9.65 -30.08 -32.93
C GLY D 412 -8.66 -31.16 -33.31
N TRP D 413 -7.61 -31.32 -32.51
CA TRP D 413 -6.63 -32.37 -32.75
C TRP D 413 -7.27 -33.75 -32.66
N ILE D 414 -8.12 -33.96 -31.66
CA ILE D 414 -8.82 -35.25 -31.53
C ILE D 414 -9.62 -35.53 -32.81
N VAL D 415 -10.37 -34.53 -33.27
CA VAL D 415 -11.21 -34.73 -34.45
C VAL D 415 -10.34 -35.08 -35.67
N SER D 416 -9.28 -34.31 -35.88
CA SER D 416 -8.44 -34.53 -37.06
C SER D 416 -7.77 -35.89 -37.00
N VAL D 417 -7.29 -36.29 -35.82
CA VAL D 417 -6.63 -37.58 -35.68
C VAL D 417 -7.62 -38.70 -35.96
N ILE D 418 -8.85 -38.58 -35.46
CA ILE D 418 -9.86 -39.59 -35.75
C ILE D 418 -10.09 -39.69 -37.25
N TYR D 419 -10.22 -38.54 -37.92
CA TYR D 419 -10.45 -38.57 -39.37
C TYR D 419 -9.32 -39.28 -40.09
N ARG D 420 -8.07 -38.91 -39.77
CA ARG D 420 -6.93 -39.52 -40.46
C ARG D 420 -6.83 -41.01 -40.18
N ALA D 421 -7.08 -41.41 -38.93
CA ALA D 421 -7.01 -42.83 -38.60
C ALA D 421 -8.06 -43.62 -39.36
N LEU D 422 -9.27 -43.07 -39.46
CA LEU D 422 -10.30 -43.77 -40.23
C LEU D 422 -9.92 -43.87 -41.69
N LYS D 423 -9.32 -42.81 -42.25
CA LYS D 423 -8.87 -42.87 -43.63
C LYS D 423 -7.84 -43.99 -43.83
N LEU D 424 -6.86 -44.06 -42.93
CA LEU D 424 -5.84 -45.10 -43.06
C LEU D 424 -6.45 -46.49 -42.89
N ARG D 425 -7.41 -46.63 -41.97
CA ARG D 425 -8.08 -47.91 -41.78
C ARG D 425 -8.82 -48.32 -43.04
N CYS D 426 -9.50 -47.38 -43.69
CA CYS D 426 -10.18 -47.69 -44.95
C CYS D 426 -9.17 -48.12 -46.01
N GLN D 427 -8.05 -47.42 -46.11
CA GLN D 427 -7.03 -47.80 -47.09
C GLN D 427 -6.52 -49.21 -46.83
N LEU D 428 -6.21 -49.53 -45.57
CA LEU D 428 -5.71 -50.86 -45.26
C LEU D 428 -6.76 -51.93 -45.54
N LEU D 429 -8.02 -51.66 -45.18
CA LEU D 429 -9.08 -52.61 -45.47
C LEU D 429 -9.19 -52.87 -46.97
N SER D 430 -9.13 -51.81 -47.78
CA SER D 430 -9.15 -52.00 -49.22
C SER D 430 -7.96 -52.83 -49.69
N LYS D 431 -6.78 -52.57 -49.13
CA LYS D 431 -5.60 -53.33 -49.52
C LYS D 431 -5.72 -54.81 -49.16
N TRP D 432 -6.52 -55.15 -48.15
CA TRP D 432 -6.74 -56.54 -47.78
C TRP D 432 -7.85 -57.21 -48.59
N GLY D 433 -8.49 -56.49 -49.51
CA GLY D 433 -9.56 -57.03 -50.31
C GLY D 433 -10.95 -56.79 -49.80
N TYR D 434 -11.16 -55.74 -49.00
CA TYR D 434 -12.48 -55.37 -48.50
C TYR D 434 -12.66 -53.88 -48.74
N ASN D 435 -13.44 -53.54 -49.77
CA ASN D 435 -13.63 -52.14 -50.18
C ASN D 435 -14.85 -51.58 -49.45
N ARG D 436 -14.59 -51.09 -48.24
CA ARG D 436 -15.58 -50.35 -47.45
C ARG D 436 -15.17 -48.89 -47.46
N SER D 437 -15.70 -48.12 -48.43
CA SER D 437 -15.48 -46.68 -48.47
C SER D 437 -16.79 -45.93 -48.58
N HIS D 438 -17.91 -46.57 -48.21
CA HIS D 438 -19.22 -45.94 -48.31
C HIS D 438 -20.06 -46.21 -47.06
N ASN D 439 -19.45 -46.70 -45.99
CA ASN D 439 -20.13 -46.97 -44.74
C ASN D 439 -19.96 -45.81 -43.77
N PHE D 440 -20.69 -45.89 -42.65
CA PHE D 440 -20.81 -44.77 -41.72
C PHE D 440 -19.44 -44.24 -41.30
N PRO D 441 -18.50 -45.08 -40.86
CA PRO D 441 -17.22 -44.53 -40.40
C PRO D 441 -16.45 -43.78 -41.48
N PHE D 442 -16.51 -44.24 -42.73
CA PHE D 442 -15.62 -43.74 -43.78
C PHE D 442 -16.28 -42.75 -44.73
N ILE D 443 -17.55 -42.44 -44.55
CA ILE D 443 -18.22 -41.44 -45.37
C ILE D 443 -18.20 -40.05 -44.75
N LEU D 444 -17.87 -39.95 -43.47
CA LEU D 444 -17.80 -38.65 -42.82
C LEU D 444 -16.50 -37.93 -43.20
N ASP D 445 -16.61 -36.63 -43.42
CA ASP D 445 -15.45 -35.78 -43.64
C ASP D 445 -15.04 -35.13 -42.32
N ARG D 446 -13.85 -34.53 -42.31
CA ARG D 446 -13.31 -33.92 -41.07
C ARG D 446 -14.32 -32.87 -40.55
N GLU D 447 -15.15 -32.27 -41.41
CA GLU D 447 -16.07 -31.23 -40.99
C GLU D 447 -17.45 -31.77 -40.64
N ASP D 448 -17.71 -33.06 -40.86
CA ASP D 448 -19.00 -33.67 -40.54
C ASP D 448 -18.85 -34.88 -39.63
N ILE D 449 -17.64 -35.14 -39.14
CA ILE D 449 -17.42 -36.29 -38.27
C ILE D 449 -17.97 -36.10 -36.87
N VAL D 450 -18.23 -34.86 -36.47
CA VAL D 450 -18.80 -34.60 -35.14
C VAL D 450 -20.33 -34.62 -35.19
N ASP D 451 -20.93 -34.13 -36.28
CA ASP D 451 -22.37 -34.04 -36.35
C ASP D 451 -23.00 -35.41 -36.59
N LYS D 452 -22.51 -36.13 -37.60
CA LYS D 452 -23.07 -37.45 -37.91
C LYS D 452 -22.89 -38.40 -36.74
N CYS D 453 -21.71 -38.39 -36.11
CA CYS D 453 -21.49 -39.25 -34.94
C CYS D 453 -22.45 -38.88 -33.82
N SER D 454 -22.65 -37.59 -33.56
CA SER D 454 -23.55 -37.16 -32.50
C SER D 454 -24.98 -37.62 -32.78
N LYS D 455 -25.43 -37.47 -34.03
CA LYS D 455 -26.78 -37.89 -34.38
C LYS D 455 -26.95 -39.41 -34.21
N LYS D 456 -25.93 -40.17 -34.60
CA LYS D 456 -26.02 -41.63 -34.53
C LYS D 456 -26.30 -42.08 -33.10
N THR D 457 -27.17 -43.08 -32.96
CA THR D 457 -27.56 -43.61 -31.66
C THR D 457 -27.45 -45.12 -31.68
N ILE D 458 -27.09 -45.70 -30.54
CA ILE D 458 -27.00 -47.15 -30.36
C ILE D 458 -27.76 -47.51 -29.10
N ALA D 459 -28.66 -48.49 -29.22
CA ALA D 459 -29.44 -48.97 -28.08
C ALA D 459 -30.20 -47.84 -27.40
N GLY D 460 -30.61 -46.84 -28.17
CA GLY D 460 -31.28 -45.68 -27.62
C GLY D 460 -30.38 -44.71 -26.90
N ARG D 461 -29.07 -44.91 -26.95
CA ARG D 461 -28.09 -44.05 -26.28
C ARG D 461 -27.04 -43.64 -27.29
N LYS D 462 -26.75 -42.33 -27.34
CA LYS D 462 -25.72 -41.81 -28.22
C LYS D 462 -24.37 -42.35 -27.76
N LEU D 463 -23.79 -43.25 -28.55
CA LEU D 463 -22.52 -43.89 -28.20
C LEU D 463 -21.41 -43.60 -29.20
N PHE D 464 -21.60 -42.62 -30.08
CA PHE D 464 -20.59 -42.25 -31.07
C PHE D 464 -20.11 -40.81 -30.96
N GLU D 465 -20.74 -39.99 -30.13
CA GLU D 465 -20.37 -38.58 -30.07
C GLU D 465 -18.90 -38.43 -29.76
N ILE D 466 -18.23 -37.53 -30.47
CA ILE D 466 -16.80 -37.31 -30.30
C ILE D 466 -16.59 -36.56 -28.98
N PRO D 467 -15.84 -37.11 -28.01
CA PRO D 467 -15.65 -36.41 -26.74
C PRO D 467 -14.98 -35.05 -26.93
N SER D 468 -15.36 -34.10 -26.08
CA SER D 468 -14.86 -32.73 -26.14
C SER D 468 -14.33 -32.32 -24.77
N PHE D 469 -13.08 -31.84 -24.75
CA PHE D 469 -12.48 -31.41 -23.49
C PHE D 469 -13.14 -30.14 -22.97
N LEU D 470 -13.60 -29.26 -23.87
CA LEU D 470 -14.15 -27.98 -23.44
C LEU D 470 -15.41 -28.15 -22.60
N LEU D 471 -16.27 -29.10 -22.96
CA LEU D 471 -17.51 -29.31 -22.22
C LEU D 471 -17.21 -29.78 -20.79
N ILE D 472 -16.34 -30.77 -20.65
CA ILE D 472 -16.00 -31.25 -19.31
C ILE D 472 -15.24 -30.18 -18.54
N HIS D 473 -14.52 -29.30 -19.22
CA HIS D 473 -13.87 -28.20 -18.53
C HIS D 473 -14.89 -27.19 -18.01
N LYS D 474 -15.94 -26.92 -18.78
CA LYS D 474 -17.05 -26.12 -18.26
C LYS D 474 -17.66 -26.78 -17.04
N ALA D 475 -17.88 -28.09 -17.12
CA ALA D 475 -18.46 -28.82 -16.00
C ALA D 475 -17.57 -28.75 -14.76
N LEU D 476 -16.25 -28.82 -14.96
CA LEU D 476 -15.33 -28.70 -13.84
C LEU D 476 -15.37 -27.30 -13.23
N GLN D 477 -15.31 -26.27 -14.07
CA GLN D 477 -15.39 -24.91 -13.53
C GLN D 477 -16.65 -24.72 -12.71
N LYS D 478 -17.78 -25.26 -13.17
CA LYS D 478 -18.99 -25.20 -12.35
C LYS D 478 -18.84 -26.02 -11.07
N GLY D 479 -18.22 -27.19 -11.16
CA GLY D 479 -18.09 -28.05 -9.99
C GLY D 479 -17.17 -27.46 -8.93
N LEU D 480 -16.06 -26.85 -9.35
CA LEU D 480 -15.14 -26.26 -8.39
C LEU D 480 -15.77 -25.13 -7.59
N GLN D 481 -16.77 -24.46 -8.15
CA GLN D 481 -17.44 -23.36 -7.47
C GLN D 481 -18.62 -23.84 -6.62
N GLU D 482 -18.84 -25.15 -6.55
CA GLU D 482 -19.92 -25.70 -5.73
C GLU D 482 -19.45 -26.77 -4.76
N SER D 483 -18.25 -27.33 -4.95
CA SER D 483 -17.78 -28.40 -4.07
C SER D 483 -16.35 -28.15 -3.62
N GLY D 484 -15.61 -27.33 -4.34
CA GLY D 484 -14.23 -27.04 -4.00
C GLY D 484 -13.27 -28.06 -4.59
N ILE D 485 -11.98 -27.72 -4.52
CA ILE D 485 -10.96 -28.58 -5.09
C ILE D 485 -10.97 -29.95 -4.41
N GLU D 486 -11.09 -29.95 -3.08
CA GLU D 486 -11.01 -31.19 -2.33
C GLU D 486 -12.06 -32.20 -2.79
N LYS D 487 -13.33 -31.78 -2.83
CA LYS D 487 -14.39 -32.70 -3.20
C LYS D 487 -14.29 -33.14 -4.65
N ILE D 488 -13.95 -32.21 -5.55
CA ILE D 488 -13.79 -32.58 -6.96
C ILE D 488 -12.70 -33.63 -7.11
N MET D 489 -11.57 -33.43 -6.43
CA MET D 489 -10.47 -34.39 -6.50
C MET D 489 -10.86 -35.71 -5.85
N ASN D 490 -11.45 -35.66 -4.67
CA ASN D 490 -11.82 -36.86 -3.93
C ASN D 490 -13.34 -37.03 -3.99
N PRO D 491 -13.87 -37.96 -4.79
CA PRO D 491 -15.35 -38.04 -4.91
C PRO D 491 -16.06 -38.29 -3.59
N GLN D 492 -15.44 -39.03 -2.68
CA GLN D 492 -16.11 -39.43 -1.45
C GLN D 492 -15.56 -38.65 -0.25
MG MG I . 5.35 16.89 -2.44
MG MG J . 15.97 17.55 -6.33
MG MG K . 3.39 -21.32 11.83
MG MG L . 22.05 9.33 -51.91
MG MG M . -4.26 36.05 40.07
MG MG N . -9.47 -11.77 55.70
MG MG O . 3.71 -36.57 -40.58
#